data_5E0Y
# 
_entry.id   5E0Y 
# 
_audit_conform.dict_name       mmcif_pdbx.dic 
_audit_conform.dict_version    5.387 
_audit_conform.dict_location   http://mmcif.pdb.org/dictionaries/ascii/mmcif_pdbx.dic 
# 
loop_
_database_2.database_id 
_database_2.database_code 
_database_2.pdbx_database_accession 
_database_2.pdbx_DOI 
PDB   5E0Y         pdb_00005e0y 10.2210/pdb5e0y/pdb 
WWPDB D_1000214028 ?            ?                   
# 
loop_
_pdbx_audit_revision_history.ordinal 
_pdbx_audit_revision_history.data_content_type 
_pdbx_audit_revision_history.major_revision 
_pdbx_audit_revision_history.minor_revision 
_pdbx_audit_revision_history.revision_date 
1 'Structure model' 1 0 2016-09-14 
2 'Structure model' 1 1 2016-09-21 
3 'Structure model' 1 2 2016-11-09 
4 'Structure model' 1 3 2017-09-13 
5 'Structure model' 1 4 2019-12-25 
6 'Structure model' 1 5 2024-03-06 
# 
_pdbx_audit_revision_details.ordinal             1 
_pdbx_audit_revision_details.revision_ordinal    1 
_pdbx_audit_revision_details.data_content_type   'Structure model' 
_pdbx_audit_revision_details.provider            repository 
_pdbx_audit_revision_details.type                'Initial release' 
_pdbx_audit_revision_details.description         ? 
_pdbx_audit_revision_details.details             ? 
# 
loop_
_pdbx_audit_revision_group.ordinal 
_pdbx_audit_revision_group.revision_ordinal 
_pdbx_audit_revision_group.data_content_type 
_pdbx_audit_revision_group.group 
1 2 'Structure model' 'Database references'        
2 3 'Structure model' 'Database references'        
3 4 'Structure model' 'Author supporting evidence' 
4 4 'Structure model' 'Database references'        
5 4 'Structure model' 'Derived calculations'       
6 5 'Structure model' 'Author supporting evidence' 
7 6 'Structure model' 'Data collection'            
8 6 'Structure model' 'Database references'        
9 6 'Structure model' 'Derived calculations'       
# 
loop_
_pdbx_audit_revision_category.ordinal 
_pdbx_audit_revision_category.revision_ordinal 
_pdbx_audit_revision_category.data_content_type 
_pdbx_audit_revision_category.category 
1 4 'Structure model' citation               
2 4 'Structure model' pdbx_audit_support     
3 4 'Structure model' pdbx_struct_oper_list  
4 5 'Structure model' pdbx_audit_support     
5 6 'Structure model' chem_comp_atom         
6 6 'Structure model' chem_comp_bond         
7 6 'Structure model' database_2             
8 6 'Structure model' pdbx_struct_conn_angle 
9 6 'Structure model' struct_conn            
# 
loop_
_pdbx_audit_revision_item.ordinal 
_pdbx_audit_revision_item.revision_ordinal 
_pdbx_audit_revision_item.data_content_type 
_pdbx_audit_revision_item.item 
1  4 'Structure model' '_citation.journal_id_CSD'                    
2  4 'Structure model' '_pdbx_audit_support.funding_organization'    
3  4 'Structure model' '_pdbx_struct_oper_list.symmetry_operation'   
4  5 'Structure model' '_pdbx_audit_support.funding_organization'    
5  6 'Structure model' '_database_2.pdbx_DOI'                        
6  6 'Structure model' '_database_2.pdbx_database_accession'         
7  6 'Structure model' '_pdbx_struct_conn_angle.ptnr1_auth_comp_id'  
8  6 'Structure model' '_pdbx_struct_conn_angle.ptnr1_auth_seq_id'   
9  6 'Structure model' '_pdbx_struct_conn_angle.ptnr1_label_alt_id'  
10 6 'Structure model' '_pdbx_struct_conn_angle.ptnr1_label_asym_id' 
11 6 'Structure model' '_pdbx_struct_conn_angle.ptnr1_label_atom_id' 
12 6 'Structure model' '_pdbx_struct_conn_angle.ptnr1_label_comp_id' 
13 6 'Structure model' '_pdbx_struct_conn_angle.ptnr1_label_seq_id'  
14 6 'Structure model' '_pdbx_struct_conn_angle.ptnr1_symmetry'      
15 6 'Structure model' '_pdbx_struct_conn_angle.ptnr3_auth_comp_id'  
16 6 'Structure model' '_pdbx_struct_conn_angle.ptnr3_auth_seq_id'   
17 6 'Structure model' '_pdbx_struct_conn_angle.ptnr3_label_alt_id'  
18 6 'Structure model' '_pdbx_struct_conn_angle.ptnr3_label_asym_id' 
19 6 'Structure model' '_pdbx_struct_conn_angle.ptnr3_label_atom_id' 
20 6 'Structure model' '_pdbx_struct_conn_angle.ptnr3_label_comp_id' 
21 6 'Structure model' '_pdbx_struct_conn_angle.ptnr3_label_seq_id'  
22 6 'Structure model' '_pdbx_struct_conn_angle.ptnr3_symmetry'      
23 6 'Structure model' '_pdbx_struct_conn_angle.value'               
24 6 'Structure model' '_struct_conn.pdbx_dist_value'                
25 6 'Structure model' '_struct_conn.pdbx_ptnr1_label_alt_id'        
26 6 'Structure model' '_struct_conn.ptnr1_auth_comp_id'             
27 6 'Structure model' '_struct_conn.ptnr1_auth_seq_id'              
28 6 'Structure model' '_struct_conn.ptnr1_label_asym_id'            
29 6 'Structure model' '_struct_conn.ptnr1_label_atom_id'            
30 6 'Structure model' '_struct_conn.ptnr1_label_comp_id'            
31 6 'Structure model' '_struct_conn.ptnr1_label_seq_id'             
32 6 'Structure model' '_struct_conn.ptnr2_auth_comp_id'             
33 6 'Structure model' '_struct_conn.ptnr2_auth_seq_id'              
34 6 'Structure model' '_struct_conn.ptnr2_label_asym_id'            
35 6 'Structure model' '_struct_conn.ptnr2_label_atom_id'            
36 6 'Structure model' '_struct_conn.ptnr2_label_comp_id'            
37 6 'Structure model' '_struct_conn.ptnr2_symmetry'                 
# 
_pdbx_database_status.status_code                     REL 
_pdbx_database_status.status_code_sf                  REL 
_pdbx_database_status.status_code_mr                  ? 
_pdbx_database_status.entry_id                        5E0Y 
_pdbx_database_status.recvd_initial_deposition_date   2015-09-29 
_pdbx_database_status.SG_entry                        Y 
_pdbx_database_status.deposit_site                    RCSB 
_pdbx_database_status.process_site                    RCSB 
_pdbx_database_status.status_code_cs                  ? 
_pdbx_database_status.methods_development_category    ? 
_pdbx_database_status.pdb_format_compatible           Y 
_pdbx_database_status.status_code_nmr_data            ? 
# 
loop_
_pdbx_database_related.db_name 
_pdbx_database_related.details 
_pdbx_database_related.db_id 
_pdbx_database_related.content_type 
PDB '3OUV contains a related structure to be published together with this deposition' 3OUV unspecified 
PDB .                                                                                 5E0Z unspecified 
PDB .                                                                                 5E10 unspecified 
PDB .                                                                                 5E12 unspecified 
# 
loop_
_audit_author.name 
_audit_author.pdbx_ordinal 
'Prigozhin, D.M.'                           1 
'TB Structural Genomics Consortium (TBSGC)' 2 
# 
_citation.abstract                  ? 
_citation.abstract_id_CAS           ? 
_citation.book_id_ISBN              ? 
_citation.book_publisher            ? 
_citation.book_publisher_city       ? 
_citation.book_title                ? 
_citation.coordinate_linkage        ? 
_citation.country                   US 
_citation.database_id_Medline       ? 
_citation.details                   ? 
_citation.id                        primary 
_citation.journal_abbrev            J.Biol.Chem. 
_citation.journal_id_ASTM           JBCHA3 
_citation.journal_id_CSD            0071 
_citation.journal_id_ISSN           1083-351X 
_citation.journal_full              ? 
_citation.journal_issue             ? 
_citation.journal_volume            291 
_citation.language                  ? 
_citation.page_first                22961 
_citation.page_last                 22969 
_citation.title                     
;Structural and Genetic Analyses of the Mycobacterium tuberculosis Protein Kinase B Sensor Domain Identify a Potential Ligand-binding Site.
;
_citation.year                      2016 
_citation.database_id_CSD           ? 
_citation.pdbx_database_id_DOI      10.1074/jbc.M116.731760 
_citation.pdbx_database_id_PubMed   27601474 
_citation.unpublished_flag          ? 
# 
loop_
_citation_author.citation_id 
_citation_author.name 
_citation_author.ordinal 
_citation_author.identifier_ORCID 
primary 'Prigozhin, D.M.'          1 ? 
primary 'Papavinasasundaram, K.G.' 2 ? 
primary 'Baer, C.E.'               3 ? 
primary 'Murphy, K.C.'             4 ? 
primary 'Moskaleva, A.'            5 ? 
primary 'Chen, T.Y.'               6 ? 
primary 'Alber, T.'                7 ? 
primary 'Sassetti, C.M.'           8 ? 
# 
loop_
_entity.id 
_entity.type 
_entity.src_method 
_entity.pdbx_description 
_entity.formula_weight 
_entity.pdbx_number_of_molecules 
_entity.pdbx_ec 
_entity.pdbx_mutation 
_entity.pdbx_fragment 
_entity.details 
1 polymer     man 'Serine/threonine-protein kinase PknB' 7792.748 1  2.7.11.1 ? 'UNP residues 558-626' ? 
2 non-polymer nat 'ZINC ION'                             65.409   8  ?        ? ?                      ? 
3 water       nat water                                  18.015   50 ?        ? ?                      ? 
# 
_entity_poly.entity_id                      1 
_entity_poly.type                           'polypeptide(L)' 
_entity_poly.nstd_linkage                   no 
_entity_poly.nstd_monomer                   no 
_entity_poly.pdbx_seq_one_letter_code       GHMGNQFVMPDLSGMFWVDAEPRLRALGWTGMLDKGADVDAGGSQHNRVVYQNPPAGTGVNRDGIITLRFGQ 
_entity_poly.pdbx_seq_one_letter_code_can   GHMGNQFVMPDLSGMFWVDAEPRLRALGWTGMLDKGADVDAGGSQHNRVVYQNPPAGTGVNRDGIITLRFGQ 
_entity_poly.pdbx_strand_id                 A 
_entity_poly.pdbx_target_identifier         ? 
# 
loop_
_pdbx_entity_nonpoly.entity_id 
_pdbx_entity_nonpoly.name 
_pdbx_entity_nonpoly.comp_id 
2 'ZINC ION' ZN  
3 water      HOH 
# 
loop_
_entity_poly_seq.entity_id 
_entity_poly_seq.num 
_entity_poly_seq.mon_id 
_entity_poly_seq.hetero 
1 1  GLY n 
1 2  HIS n 
1 3  MET n 
1 4  GLY n 
1 5  ASN n 
1 6  GLN n 
1 7  PHE n 
1 8  VAL n 
1 9  MET n 
1 10 PRO n 
1 11 ASP n 
1 12 LEU n 
1 13 SER n 
1 14 GLY n 
1 15 MET n 
1 16 PHE n 
1 17 TRP n 
1 18 VAL n 
1 19 ASP n 
1 20 ALA n 
1 21 GLU n 
1 22 PRO n 
1 23 ARG n 
1 24 LEU n 
1 25 ARG n 
1 26 ALA n 
1 27 LEU n 
1 28 GLY n 
1 29 TRP n 
1 30 THR n 
1 31 GLY n 
1 32 MET n 
1 33 LEU n 
1 34 ASP n 
1 35 LYS n 
1 36 GLY n 
1 37 ALA n 
1 38 ASP n 
1 39 VAL n 
1 40 ASP n 
1 41 ALA n 
1 42 GLY n 
1 43 GLY n 
1 44 SER n 
1 45 GLN n 
1 46 HIS n 
1 47 ASN n 
1 48 ARG n 
1 49 VAL n 
1 50 VAL n 
1 51 TYR n 
1 52 GLN n 
1 53 ASN n 
1 54 PRO n 
1 55 PRO n 
1 56 ALA n 
1 57 GLY n 
1 58 THR n 
1 59 GLY n 
1 60 VAL n 
1 61 ASN n 
1 62 ARG n 
1 63 ASP n 
1 64 GLY n 
1 65 ILE n 
1 66 ILE n 
1 67 THR n 
1 68 LEU n 
1 69 ARG n 
1 70 PHE n 
1 71 GLY n 
1 72 GLN n 
# 
_entity_src_gen.entity_id                          1 
_entity_src_gen.pdbx_src_id                        1 
_entity_src_gen.pdbx_alt_source_flag               sample 
_entity_src_gen.pdbx_seq_type                      'Biological sequence' 
_entity_src_gen.pdbx_beg_seq_num                   1 
_entity_src_gen.pdbx_end_seq_num                   72 
_entity_src_gen.gene_src_common_name               ? 
_entity_src_gen.gene_src_genus                     ? 
_entity_src_gen.pdbx_gene_src_gene                 'pknB, Rv0014c, MTCY10H4.14c' 
_entity_src_gen.gene_src_species                   ? 
_entity_src_gen.gene_src_strain                    'ATCC 25618 / H37Rv' 
_entity_src_gen.gene_src_tissue                    ? 
_entity_src_gen.gene_src_tissue_fraction           ? 
_entity_src_gen.gene_src_details                   ? 
_entity_src_gen.pdbx_gene_src_fragment             ? 
_entity_src_gen.pdbx_gene_src_scientific_name      'Mycobacterium tuberculosis' 
_entity_src_gen.pdbx_gene_src_ncbi_taxonomy_id     83332 
_entity_src_gen.pdbx_gene_src_variant              ? 
_entity_src_gen.pdbx_gene_src_cell_line            ? 
_entity_src_gen.pdbx_gene_src_atcc                 ? 
_entity_src_gen.pdbx_gene_src_organ                ? 
_entity_src_gen.pdbx_gene_src_organelle            ? 
_entity_src_gen.pdbx_gene_src_cell                 ? 
_entity_src_gen.pdbx_gene_src_cellular_location    ? 
_entity_src_gen.host_org_common_name               ? 
_entity_src_gen.pdbx_host_org_scientific_name      'Escherichia coli' 
_entity_src_gen.pdbx_host_org_ncbi_taxonomy_id     562 
_entity_src_gen.host_org_genus                     ? 
_entity_src_gen.pdbx_host_org_gene                 ? 
_entity_src_gen.pdbx_host_org_organ                ? 
_entity_src_gen.host_org_species                   ? 
_entity_src_gen.pdbx_host_org_tissue               ? 
_entity_src_gen.pdbx_host_org_tissue_fraction      ? 
_entity_src_gen.pdbx_host_org_strain               ? 
_entity_src_gen.pdbx_host_org_variant              ? 
_entity_src_gen.pdbx_host_org_cell_line            ? 
_entity_src_gen.pdbx_host_org_atcc                 ? 
_entity_src_gen.pdbx_host_org_culture_collection   ? 
_entity_src_gen.pdbx_host_org_cell                 ? 
_entity_src_gen.pdbx_host_org_organelle            ? 
_entity_src_gen.pdbx_host_org_cellular_location    ? 
_entity_src_gen.pdbx_host_org_vector_type          ? 
_entity_src_gen.pdbx_host_org_vector               ? 
_entity_src_gen.host_org_details                   ? 
_entity_src_gen.expression_system_id               ? 
_entity_src_gen.plasmid_name                       ? 
_entity_src_gen.plasmid_details                    ? 
_entity_src_gen.pdbx_description                   ? 
# 
loop_
_chem_comp.id 
_chem_comp.type 
_chem_comp.mon_nstd_flag 
_chem_comp.name 
_chem_comp.pdbx_synonyms 
_chem_comp.formula 
_chem_comp.formula_weight 
ALA 'L-peptide linking' y ALANINE         ? 'C3 H7 N O2'     89.093  
ARG 'L-peptide linking' y ARGININE        ? 'C6 H15 N4 O2 1' 175.209 
ASN 'L-peptide linking' y ASPARAGINE      ? 'C4 H8 N2 O3'    132.118 
ASP 'L-peptide linking' y 'ASPARTIC ACID' ? 'C4 H7 N O4'     133.103 
GLN 'L-peptide linking' y GLUTAMINE       ? 'C5 H10 N2 O3'   146.144 
GLU 'L-peptide linking' y 'GLUTAMIC ACID' ? 'C5 H9 N O4'     147.129 
GLY 'peptide linking'   y GLYCINE         ? 'C2 H5 N O2'     75.067  
HIS 'L-peptide linking' y HISTIDINE       ? 'C6 H10 N3 O2 1' 156.162 
HOH non-polymer         . WATER           ? 'H2 O'           18.015  
ILE 'L-peptide linking' y ISOLEUCINE      ? 'C6 H13 N O2'    131.173 
LEU 'L-peptide linking' y LEUCINE         ? 'C6 H13 N O2'    131.173 
LYS 'L-peptide linking' y LYSINE          ? 'C6 H15 N2 O2 1' 147.195 
MET 'L-peptide linking' y METHIONINE      ? 'C5 H11 N O2 S'  149.211 
PHE 'L-peptide linking' y PHENYLALANINE   ? 'C9 H11 N O2'    165.189 
PRO 'L-peptide linking' y PROLINE         ? 'C5 H9 N O2'     115.130 
SER 'L-peptide linking' y SERINE          ? 'C3 H7 N O3'     105.093 
THR 'L-peptide linking' y THREONINE       ? 'C4 H9 N O3'     119.119 
TRP 'L-peptide linking' y TRYPTOPHAN      ? 'C11 H12 N2 O2'  204.225 
TYR 'L-peptide linking' y TYROSINE        ? 'C9 H11 N O3'    181.189 
VAL 'L-peptide linking' y VALINE          ? 'C5 H11 N O2'    117.146 
ZN  non-polymer         . 'ZINC ION'      ? 'Zn 2'           65.409  
# 
loop_
_pdbx_poly_seq_scheme.asym_id 
_pdbx_poly_seq_scheme.entity_id 
_pdbx_poly_seq_scheme.seq_id 
_pdbx_poly_seq_scheme.mon_id 
_pdbx_poly_seq_scheme.ndb_seq_num 
_pdbx_poly_seq_scheme.pdb_seq_num 
_pdbx_poly_seq_scheme.auth_seq_num 
_pdbx_poly_seq_scheme.pdb_mon_id 
_pdbx_poly_seq_scheme.auth_mon_id 
_pdbx_poly_seq_scheme.pdb_strand_id 
_pdbx_poly_seq_scheme.pdb_ins_code 
_pdbx_poly_seq_scheme.hetero 
A 1 1  GLY 1  555 ?   ?   ?   A . n 
A 1 2  HIS 2  556 ?   ?   ?   A . n 
A 1 3  MET 3  557 ?   ?   ?   A . n 
A 1 4  GLY 4  558 ?   ?   ?   A . n 
A 1 5  ASN 5  559 559 ASN ASN A . n 
A 1 6  GLN 6  560 560 GLN GLN A . n 
A 1 7  PHE 7  561 561 PHE PHE A . n 
A 1 8  VAL 8  562 562 VAL VAL A . n 
A 1 9  MET 9  563 563 MET MET A . n 
A 1 10 PRO 10 564 564 PRO PRO A . n 
A 1 11 ASP 11 565 565 ASP ASP A . n 
A 1 12 LEU 12 566 566 LEU LEU A . n 
A 1 13 SER 13 567 567 SER SER A . n 
A 1 14 GLY 14 568 568 GLY GLY A . n 
A 1 15 MET 15 569 569 MET MET A . n 
A 1 16 PHE 16 570 570 PHE PHE A . n 
A 1 17 TRP 17 571 571 TRP TRP A . n 
A 1 18 VAL 18 572 572 VAL VAL A . n 
A 1 19 ASP 19 573 573 ASP ASP A . n 
A 1 20 ALA 20 574 574 ALA ALA A . n 
A 1 21 GLU 21 575 575 GLU GLU A . n 
A 1 22 PRO 22 576 576 PRO PRO A . n 
A 1 23 ARG 23 577 577 ARG ARG A . n 
A 1 24 LEU 24 578 578 LEU LEU A . n 
A 1 25 ARG 25 579 579 ARG ARG A . n 
A 1 26 ALA 26 580 580 ALA ALA A . n 
A 1 27 LEU 27 581 581 LEU LEU A . n 
A 1 28 GLY 28 582 582 GLY GLY A . n 
A 1 29 TRP 29 583 583 TRP TRP A . n 
A 1 30 THR 30 584 584 THR THR A . n 
A 1 31 GLY 31 585 585 GLY GLY A . n 
A 1 32 MET 32 586 586 MET MET A . n 
A 1 33 LEU 33 587 587 LEU LEU A . n 
A 1 34 ASP 34 588 588 ASP ASP A . n 
A 1 35 LYS 35 589 589 LYS LYS A . n 
A 1 36 GLY 36 590 590 GLY GLY A . n 
A 1 37 ALA 37 591 591 ALA ALA A . n 
A 1 38 ASP 38 592 592 ASP ASP A . n 
A 1 39 VAL 39 593 593 VAL VAL A . n 
A 1 40 ASP 40 594 594 ASP ASP A . n 
A 1 41 ALA 41 595 595 ALA ALA A . n 
A 1 42 GLY 42 596 596 GLY GLY A . n 
A 1 43 GLY 43 597 597 GLY GLY A . n 
A 1 44 SER 44 598 598 SER SER A . n 
A 1 45 GLN 45 599 599 GLN GLN A . n 
A 1 46 HIS 46 600 600 HIS HIS A . n 
A 1 47 ASN 47 601 601 ASN ASN A . n 
A 1 48 ARG 48 602 602 ARG ARG A . n 
A 1 49 VAL 49 603 603 VAL VAL A . n 
A 1 50 VAL 50 604 604 VAL VAL A . n 
A 1 51 TYR 51 605 605 TYR TYR A . n 
A 1 52 GLN 52 606 606 GLN GLN A . n 
A 1 53 ASN 53 607 607 ASN ASN A . n 
A 1 54 PRO 54 608 608 PRO PRO A . n 
A 1 55 PRO 55 609 609 PRO PRO A . n 
A 1 56 ALA 56 610 610 ALA ALA A . n 
A 1 57 GLY 57 611 611 GLY GLY A . n 
A 1 58 THR 58 612 612 THR THR A . n 
A 1 59 GLY 59 613 613 GLY GLY A . n 
A 1 60 VAL 60 614 614 VAL VAL A . n 
A 1 61 ASN 61 615 615 ASN ASN A . n 
A 1 62 ARG 62 616 616 ARG ARG A . n 
A 1 63 ASP 63 617 617 ASP ASP A . n 
A 1 64 GLY 64 618 618 GLY GLY A . n 
A 1 65 ILE 65 619 619 ILE ILE A . n 
A 1 66 ILE 66 620 620 ILE ILE A . n 
A 1 67 THR 67 621 621 THR THR A . n 
A 1 68 LEU 68 622 622 LEU LEU A . n 
A 1 69 ARG 69 623 623 ARG ARG A . n 
A 1 70 PHE 70 624 624 PHE PHE A . n 
A 1 71 GLY 71 625 625 GLY GLY A . n 
A 1 72 GLN 72 626 626 GLN GLN A . n 
# 
loop_
_pdbx_nonpoly_scheme.asym_id 
_pdbx_nonpoly_scheme.entity_id 
_pdbx_nonpoly_scheme.mon_id 
_pdbx_nonpoly_scheme.ndb_seq_num 
_pdbx_nonpoly_scheme.pdb_seq_num 
_pdbx_nonpoly_scheme.auth_seq_num 
_pdbx_nonpoly_scheme.pdb_mon_id 
_pdbx_nonpoly_scheme.auth_mon_id 
_pdbx_nonpoly_scheme.pdb_strand_id 
_pdbx_nonpoly_scheme.pdb_ins_code 
B 2 ZN  1  701 1  ZN  ZN  A . 
C 2 ZN  1  702 2  ZN  ZN  A . 
D 2 ZN  1  703 4  ZN  ZN  A . 
E 2 ZN  1  704 5  ZN  ZN  A . 
F 2 ZN  1  705 6  ZN  ZN  A . 
G 2 ZN  1  706 7  ZN  ZN  A . 
H 2 ZN  1  707 8  ZN  ZN  A . 
I 2 ZN  1  708 9  ZN  ZN  A . 
J 3 HOH 1  801 9  HOH HOH A . 
J 3 HOH 2  802 18 HOH HOH A . 
J 3 HOH 3  803 2  HOH HOH A . 
J 3 HOH 4  804 1  HOH HOH A . 
J 3 HOH 5  805 25 HOH HOH A . 
J 3 HOH 6  806 31 HOH HOH A . 
J 3 HOH 7  807 44 HOH HOH A . 
J 3 HOH 8  808 24 HOH HOH A . 
J 3 HOH 9  809 33 HOH HOH A . 
J 3 HOH 10 810 39 HOH HOH A . 
J 3 HOH 11 811 14 HOH HOH A . 
J 3 HOH 12 812 47 HOH HOH A . 
J 3 HOH 13 813 46 HOH HOH A . 
J 3 HOH 14 814 22 HOH HOH A . 
J 3 HOH 15 815 23 HOH HOH A . 
J 3 HOH 16 816 5  HOH HOH A . 
J 3 HOH 17 817 19 HOH HOH A . 
J 3 HOH 18 818 6  HOH HOH A . 
J 3 HOH 19 819 12 HOH HOH A . 
J 3 HOH 20 820 11 HOH HOH A . 
J 3 HOH 21 821 16 HOH HOH A . 
J 3 HOH 22 822 13 HOH HOH A . 
J 3 HOH 23 823 50 HOH HOH A . 
J 3 HOH 24 824 27 HOH HOH A . 
J 3 HOH 25 825 36 HOH HOH A . 
J 3 HOH 26 826 8  HOH HOH A . 
J 3 HOH 27 827 45 HOH HOH A . 
J 3 HOH 28 828 26 HOH HOH A . 
J 3 HOH 29 829 20 HOH HOH A . 
J 3 HOH 30 830 17 HOH HOH A . 
J 3 HOH 31 831 10 HOH HOH A . 
J 3 HOH 32 832 4  HOH HOH A . 
J 3 HOH 33 833 7  HOH HOH A . 
J 3 HOH 34 834 32 HOH HOH A . 
J 3 HOH 35 835 34 HOH HOH A . 
J 3 HOH 36 836 41 HOH HOH A . 
J 3 HOH 37 837 40 HOH HOH A . 
J 3 HOH 38 838 49 HOH HOH A . 
J 3 HOH 39 839 30 HOH HOH A . 
J 3 HOH 40 840 21 HOH HOH A . 
J 3 HOH 41 841 3  HOH HOH A . 
J 3 HOH 42 842 43 HOH HOH A . 
J 3 HOH 43 843 38 HOH HOH A . 
J 3 HOH 44 844 15 HOH HOH A . 
J 3 HOH 45 845 37 HOH HOH A . 
J 3 HOH 46 846 35 HOH HOH A . 
J 3 HOH 47 847 29 HOH HOH A . 
J 3 HOH 48 848 48 HOH HOH A . 
J 3 HOH 49 849 42 HOH HOH A . 
J 3 HOH 50 850 28 HOH HOH A . 
# 
loop_
_software.citation_id 
_software.classification 
_software.compiler_name 
_software.compiler_version 
_software.contact_author 
_software.contact_author_email 
_software.date 
_software.description 
_software.dependencies 
_software.hardware 
_software.language 
_software.location 
_software.mods 
_software.name 
_software.os 
_software.os_version 
_software.type 
_software.version 
_software.pdbx_ordinal 
? refinement        ? ? ? ? ? ? ? ? ? ? ? PHENIX      ? ? ? 1.9_1692 1 
? 'data reduction'  ? ? ? ? ? ? ? ? ? ? ? DENZO       ? ? ? .        2 
? 'data scaling'    ? ? ? ? ? ? ? ? ? ? ? HKL-2000    ? ? ? .        3 
? phasing           ? ? ? ? ? ? ? ? ? ? ? SOLVE       ? ? ? .        4 
? 'data extraction' ? ? ? ? ? ? ? ? ? ? ? PDB_EXTRACT ? ? ? 3.15     5 
# 
_cell.angle_alpha                  90.000 
_cell.angle_alpha_esd              ? 
_cell.angle_beta                   90.000 
_cell.angle_beta_esd               ? 
_cell.angle_gamma                  120.000 
_cell.angle_gamma_esd              ? 
_cell.entry_id                     5E0Y 
_cell.details                      ? 
_cell.formula_units_Z              ? 
_cell.length_a                     41.658 
_cell.length_a_esd                 ? 
_cell.length_b                     41.658 
_cell.length_b_esd                 ? 
_cell.length_c                     122.517 
_cell.length_c_esd                 ? 
_cell.volume                       ? 
_cell.volume_esd                   ? 
_cell.Z_PDB                        12 
_cell.reciprocal_angle_alpha       ? 
_cell.reciprocal_angle_beta        ? 
_cell.reciprocal_angle_gamma       ? 
_cell.reciprocal_angle_alpha_esd   ? 
_cell.reciprocal_angle_beta_esd    ? 
_cell.reciprocal_angle_gamma_esd   ? 
_cell.reciprocal_length_a          ? 
_cell.reciprocal_length_b          ? 
_cell.reciprocal_length_c          ? 
_cell.reciprocal_length_a_esd      ? 
_cell.reciprocal_length_b_esd      ? 
_cell.reciprocal_length_c_esd      ? 
_cell.pdbx_unique_axis             ? 
# 
_symmetry.entry_id                         5E0Y 
_symmetry.cell_setting                     ? 
_symmetry.Int_Tables_number                179 
_symmetry.space_group_name_Hall            ? 
_symmetry.space_group_name_H-M             'P 65 2 2' 
_symmetry.pdbx_full_space_group_name_H-M   ? 
# 
_exptl.absorpt_coefficient_mu     ? 
_exptl.absorpt_correction_T_max   ? 
_exptl.absorpt_correction_T_min   ? 
_exptl.absorpt_correction_type    ? 
_exptl.absorpt_process_details    ? 
_exptl.entry_id                   5E0Y 
_exptl.crystals_number            1 
_exptl.details                    ? 
_exptl.method                     'X-RAY DIFFRACTION' 
_exptl.method_details             ? 
# 
_exptl_crystal.colour                      ? 
_exptl_crystal.density_diffrn              ? 
_exptl_crystal.density_Matthews            2.09 
_exptl_crystal.density_method              ? 
_exptl_crystal.density_percent_sol         41.16 
_exptl_crystal.description                 ? 
_exptl_crystal.F_000                       ? 
_exptl_crystal.id                          1 
_exptl_crystal.preparation                 ? 
_exptl_crystal.size_max                    ? 
_exptl_crystal.size_mid                    ? 
_exptl_crystal.size_min                    ? 
_exptl_crystal.size_rad                    ? 
_exptl_crystal.colour_lustre               ? 
_exptl_crystal.colour_modifier             ? 
_exptl_crystal.colour_primary              ? 
_exptl_crystal.density_meas                ? 
_exptl_crystal.density_meas_esd            ? 
_exptl_crystal.density_meas_gt             ? 
_exptl_crystal.density_meas_lt             ? 
_exptl_crystal.density_meas_temp           ? 
_exptl_crystal.density_meas_temp_esd       ? 
_exptl_crystal.density_meas_temp_gt        ? 
_exptl_crystal.density_meas_temp_lt        ? 
_exptl_crystal.pdbx_crystal_image_url      ? 
_exptl_crystal.pdbx_crystal_image_format   ? 
_exptl_crystal.pdbx_mosaicity              ? 
_exptl_crystal.pdbx_mosaicity_esd          ? 
# 
_exptl_crystal_grow.apparatus       ? 
_exptl_crystal_grow.atmosphere      ? 
_exptl_crystal_grow.crystal_id      1 
_exptl_crystal_grow.details         ? 
_exptl_crystal_grow.method          'VAPOR DIFFUSION' 
_exptl_crystal_grow.method_ref      ? 
_exptl_crystal_grow.pH              ? 
_exptl_crystal_grow.pressure        ? 
_exptl_crystal_grow.pressure_esd    ? 
_exptl_crystal_grow.seeding         ? 
_exptl_crystal_grow.seeding_ref     ? 
_exptl_crystal_grow.temp            291 
_exptl_crystal_grow.temp_details    ? 
_exptl_crystal_grow.temp_esd        ? 
_exptl_crystal_grow.time            ? 
_exptl_crystal_grow.pdbx_details    '0.2 M zinc acetate, 0.1 M imidazole pH 8, and 20% PEG 3000' 
_exptl_crystal_grow.pdbx_pH_range   ? 
# 
_diffrn.ambient_environment    ? 
_diffrn.ambient_temp           100 
_diffrn.ambient_temp_details   ? 
_diffrn.ambient_temp_esd       ? 
_diffrn.crystal_id             1 
_diffrn.crystal_support        ? 
_diffrn.crystal_treatment      ? 
_diffrn.details                ? 
_diffrn.id                     1 
_diffrn.ambient_pressure       ? 
_diffrn.ambient_pressure_esd   ? 
_diffrn.ambient_pressure_gt    ? 
_diffrn.ambient_pressure_lt    ? 
_diffrn.ambient_temp_gt        ? 
_diffrn.ambient_temp_lt        ? 
# 
_diffrn_detector.details                      ? 
_diffrn_detector.detector                     CCD 
_diffrn_detector.diffrn_id                    1 
_diffrn_detector.type                         'ADSC QUANTUM 315r' 
_diffrn_detector.area_resol_mean              ? 
_diffrn_detector.dtime                        ? 
_diffrn_detector.pdbx_frames_total            ? 
_diffrn_detector.pdbx_collection_time_total   ? 
_diffrn_detector.pdbx_collection_date         2009-10-18 
# 
_diffrn_radiation.collimation                      ? 
_diffrn_radiation.diffrn_id                        1 
_diffrn_radiation.filter_edge                      ? 
_diffrn_radiation.inhomogeneity                    ? 
_diffrn_radiation.monochromator                    'Double flat crystal, Si(111)' 
_diffrn_radiation.polarisn_norm                    ? 
_diffrn_radiation.polarisn_ratio                   ? 
_diffrn_radiation.probe                            ? 
_diffrn_radiation.type                             ? 
_diffrn_radiation.xray_symbol                      ? 
_diffrn_radiation.wavelength_id                    1 
_diffrn_radiation.pdbx_monochromatic_or_laue_m_l   M 
_diffrn_radiation.pdbx_wavelength_list             ? 
_diffrn_radiation.pdbx_wavelength                  ? 
_diffrn_radiation.pdbx_diffrn_protocol             'SINGLE WAVELENGTH' 
_diffrn_radiation.pdbx_analyzer                    ? 
_diffrn_radiation.pdbx_scattering_type             x-ray 
# 
_diffrn_radiation_wavelength.id           1 
_diffrn_radiation_wavelength.wavelength   1.2824 
_diffrn_radiation_wavelength.wt           1.0 
# 
_diffrn_source.current                     ? 
_diffrn_source.details                     ? 
_diffrn_source.diffrn_id                   1 
_diffrn_source.power                       ? 
_diffrn_source.size                        ? 
_diffrn_source.source                      SYNCHROTRON 
_diffrn_source.target                      ? 
_diffrn_source.type                        'ALS BEAMLINE 8.3.1' 
_diffrn_source.voltage                     ? 
_diffrn_source.take-off_angle              ? 
_diffrn_source.pdbx_wavelength_list        1.2824 
_diffrn_source.pdbx_wavelength             ? 
_diffrn_source.pdbx_synchrotron_beamline   8.3.1 
_diffrn_source.pdbx_synchrotron_site       ALS 
# 
_reflns.B_iso_Wilson_estimate            ? 
_reflns.entry_id                         5E0Y 
_reflns.data_reduction_details           ? 
_reflns.data_reduction_method            ? 
_reflns.d_resolution_high                2.000 
_reflns.d_resolution_low                 50.000 
_reflns.details                          ? 
_reflns.limit_h_max                      ? 
_reflns.limit_h_min                      ? 
_reflns.limit_k_max                      ? 
_reflns.limit_k_min                      ? 
_reflns.limit_l_max                      ? 
_reflns.limit_l_min                      ? 
_reflns.number_all                       ? 
_reflns.number_obs                       4409 
_reflns.observed_criterion               ? 
_reflns.observed_criterion_F_max         ? 
_reflns.observed_criterion_F_min         ? 
_reflns.observed_criterion_I_max         ? 
_reflns.observed_criterion_I_min         ? 
_reflns.observed_criterion_sigma_F       ? 
_reflns.observed_criterion_sigma_I       ? 
_reflns.percent_possible_obs             92.400 
_reflns.R_free_details                   ? 
_reflns.Rmerge_F_all                     ? 
_reflns.Rmerge_F_obs                     ? 
_reflns.Friedel_coverage                 ? 
_reflns.number_gt                        ? 
_reflns.threshold_expression             ? 
_reflns.pdbx_redundancy                  15.300 
_reflns.pdbx_Rmerge_I_obs                0.097 
_reflns.pdbx_Rmerge_I_all                ? 
_reflns.pdbx_Rsym_value                  ? 
_reflns.pdbx_netI_over_av_sigmaI         21.110 
_reflns.pdbx_netI_over_sigmaI            21.400 
_reflns.pdbx_res_netI_over_av_sigmaI_2   ? 
_reflns.pdbx_res_netI_over_sigmaI_2      ? 
_reflns.pdbx_chi_squared                 1.123 
_reflns.pdbx_scaling_rejects             ? 
_reflns.pdbx_d_res_high_opt              ? 
_reflns.pdbx_d_res_low_opt               ? 
_reflns.pdbx_d_res_opt_method            ? 
_reflns.phase_calculation_details        ? 
_reflns.pdbx_Rrim_I_all                  ? 
_reflns.pdbx_Rpim_I_all                  ? 
_reflns.pdbx_d_opt                       ? 
_reflns.pdbx_number_measured_all         67586 
_reflns.pdbx_diffrn_id                   1 
_reflns.pdbx_ordinal                     1 
_reflns.pdbx_CC_half                     ? 
_reflns.pdbx_R_split                     ? 
# 
loop_
_reflns_shell.d_res_high 
_reflns_shell.d_res_low 
_reflns_shell.meanI_over_sigI_all 
_reflns_shell.meanI_over_sigI_obs 
_reflns_shell.number_measured_all 
_reflns_shell.number_measured_obs 
_reflns_shell.number_possible 
_reflns_shell.number_unique_all 
_reflns_shell.number_unique_obs 
_reflns_shell.percent_possible_all 
_reflns_shell.percent_possible_obs 
_reflns_shell.Rmerge_F_all 
_reflns_shell.Rmerge_F_obs 
_reflns_shell.Rmerge_I_all 
_reflns_shell.Rmerge_I_obs 
_reflns_shell.meanI_over_sigI_gt 
_reflns_shell.meanI_over_uI_all 
_reflns_shell.meanI_over_uI_gt 
_reflns_shell.number_measured_gt 
_reflns_shell.number_unique_gt 
_reflns_shell.percent_possible_gt 
_reflns_shell.Rmerge_F_gt 
_reflns_shell.Rmerge_I_gt 
_reflns_shell.pdbx_redundancy 
_reflns_shell.pdbx_Rsym_value 
_reflns_shell.pdbx_chi_squared 
_reflns_shell.pdbx_netI_over_sigmaI_all 
_reflns_shell.pdbx_netI_over_sigmaI_obs 
_reflns_shell.pdbx_Rrim_I_all 
_reflns_shell.pdbx_Rpim_I_all 
_reflns_shell.pdbx_rejects 
_reflns_shell.pdbx_ordinal 
_reflns_shell.pdbx_diffrn_id 
_reflns_shell.pdbx_CC_half 
_reflns_shell.pdbx_R_split 
2.000 2.030  ? ? ? ? ? 98  ? 44.300  ? ? ? ? 0.362 ? ? ? ? ? ? ? ? 3.600  ? 0.960 ? ? ? ? 0 1  1 ? ? 
2.030 2.070  ? ? ? ? ? 142 ? 63.700  ? ? ? ? 0.287 ? ? ? ? ? ? ? ? 4.100  ? 1.119 ? ? ? ? 0 2  1 ? ? 
2.070 2.110  ? ? ? ? ? 168 ? 71.500  ? ? ? ? 0.277 ? ? ? ? ? ? ? ? 4.400  ? 1.372 ? ? ? ? 0 3  1 ? ? 
2.110 2.150  ? ? ? ? ? 177 ? 79.700  ? ? ? ? 0.250 ? ? ? ? ? ? ? ? 5.600  ? 1.131 ? ? ? ? 0 4  1 ? ? 
2.150 2.200  ? ? ? ? ? 212 ? 89.500  ? ? ? ? 0.203 ? ? ? ? ? ? ? ? 6.600  ? 1.293 ? ? ? ? 0 5  1 ? ? 
2.200 2.250  ? ? ? ? ? 205 ? 92.800  ? ? ? ? 0.212 ? ? ? ? ? ? ? ? 7.300  ? 1.221 ? ? ? ? 0 6  1 ? ? 
2.250 2.310  ? ? ? ? ? 234 ? 98.300  ? ? ? ? 0.174 ? ? ? ? ? ? ? ? 9.000  ? 1.187 ? ? ? ? 0 7  1 ? ? 
2.310 2.370  ? ? ? ? ? 214 ? 100.000 ? ? ? ? 0.205 ? ? ? ? ? ? ? ? 10.000 ? 1.158 ? ? ? ? 0 8  1 ? ? 
2.370 2.440  ? ? ? ? ? 241 ? 100.000 ? ? ? ? 0.208 ? ? ? ? ? ? ? ? 13.000 ? 1.257 ? ? ? ? 0 9  1 ? ? 
2.440 2.520  ? ? ? ? ? 223 ? 100.000 ? ? ? ? 0.170 ? ? ? ? ? ? ? ? 16.200 ? 1.142 ? ? ? ? 0 10 1 ? ? 
2.520 2.610  ? ? ? ? ? 248 ? 100.000 ? ? ? ? 0.145 ? ? ? ? ? ? ? ? 20.700 ? 1.105 ? ? ? ? 0 11 1 ? ? 
2.610 2.710  ? ? ? ? ? 215 ? 100.000 ? ? ? ? 0.141 ? ? ? ? ? ? ? ? 22.200 ? 1.108 ? ? ? ? 0 12 1 ? ? 
2.710 2.840  ? ? ? ? ? 243 ? 100.000 ? ? ? ? 0.125 ? ? ? ? ? ? ? ? 21.700 ? 1.107 ? ? ? ? 0 13 1 ? ? 
2.840 2.990  ? ? ? ? ? 249 ? 100.000 ? ? ? ? 0.111 ? ? ? ? ? ? ? ? 21.300 ? 1.273 ? ? ? ? 0 14 1 ? ? 
2.990 3.170  ? ? ? ? ? 230 ? 100.000 ? ? ? ? 0.092 ? ? ? ? ? ? ? ? 21.900 ? 1.072 ? ? ? ? 0 15 1 ? ? 
3.170 3.420  ? ? ? ? ? 242 ? 100.000 ? ? ? ? 0.085 ? ? ? ? ? ? ? ? 21.200 ? 1.156 ? ? ? ? 0 16 1 ? ? 
3.420 3.760  ? ? ? ? ? 247 ? 100.000 ? ? ? ? 0.081 ? ? ? ? ? ? ? ? 20.800 ? 1.045 ? ? ? ? 0 17 1 ? ? 
3.760 4.310  ? ? ? ? ? 251 ? 100.000 ? ? ? ? 0.074 ? ? ? ? ? ? ? ? 20.200 ? 1.037 ? ? ? ? 0 18 1 ? ? 
4.310 5.430  ? ? ? ? ? 260 ? 100.000 ? ? ? ? 0.089 ? ? ? ? ? ? ? ? 19.500 ? 1.059 ? ? ? ? 0 19 1 ? ? 
5.430 50.000 ? ? ? ? ? 310 ? 99.700  ? ? ? ? 0.080 ? ? ? ? ? ? ? ? 16.500 ? 1.038 ? ? ? ? 0 20 1 ? ? 
# 
_refine.aniso_B[1][1]                            ? 
_refine.aniso_B[1][2]                            ? 
_refine.aniso_B[1][3]                            ? 
_refine.aniso_B[2][2]                            ? 
_refine.aniso_B[2][3]                            ? 
_refine.aniso_B[3][3]                            ? 
_refine.B_iso_max                                60.150 
_refine.B_iso_mean                               24.1152 
_refine.B_iso_min                                3.860 
_refine.correlation_coeff_Fo_to_Fc               ? 
_refine.correlation_coeff_Fo_to_Fc_free          ? 
_refine.details                                  ? 
_refine.diff_density_max                         ? 
_refine.diff_density_max_esd                     ? 
_refine.diff_density_min                         ? 
_refine.diff_density_min_esd                     ? 
_refine.diff_density_rms                         ? 
_refine.diff_density_rms_esd                     ? 
_refine.entry_id                                 5E0Y 
_refine.pdbx_refine_id                           'X-RAY DIFFRACTION' 
_refine.ls_abs_structure_details                 ? 
_refine.ls_abs_structure_Flack                   ? 
_refine.ls_abs_structure_Flack_esd               ? 
_refine.ls_abs_structure_Rogers                  ? 
_refine.ls_abs_structure_Rogers_esd              ? 
_refine.ls_d_res_high                            2.0010 
_refine.ls_d_res_low                             34.6080 
_refine.ls_extinction_coef                       ? 
_refine.ls_extinction_coef_esd                   ? 
_refine.ls_extinction_expression                 ? 
_refine.ls_extinction_method                     ? 
_refine.ls_goodness_of_fit_all                   ? 
_refine.ls_goodness_of_fit_all_esd               ? 
_refine.ls_goodness_of_fit_obs                   ? 
_refine.ls_goodness_of_fit_obs_esd               ? 
_refine.ls_hydrogen_treatment                    ? 
_refine.ls_matrix_type                           ? 
_refine.ls_number_constraints                    ? 
_refine.ls_number_parameters                     ? 
_refine.ls_number_reflns_all                     ? 
_refine.ls_number_reflns_obs                     4342 
_refine.ls_number_reflns_R_free                  436 
_refine.ls_number_reflns_R_work                  3906 
_refine.ls_number_restraints                     ? 
_refine.ls_percent_reflns_obs                    92.0300 
_refine.ls_percent_reflns_R_free                 10.0400 
_refine.ls_R_factor_all                          ? 
_refine.ls_R_factor_obs                          0.2201 
_refine.ls_R_factor_R_free                       0.2639 
_refine.ls_R_factor_R_free_error                 ? 
_refine.ls_R_factor_R_free_error_details         ? 
_refine.ls_R_factor_R_work                       0.2153 
_refine.ls_R_Fsqd_factor_obs                     ? 
_refine.ls_R_I_factor_obs                        ? 
_refine.ls_redundancy_reflns_all                 ? 
_refine.ls_redundancy_reflns_obs                 ? 
_refine.ls_restrained_S_all                      ? 
_refine.ls_restrained_S_obs                      ? 
_refine.ls_shift_over_esd_max                    ? 
_refine.ls_shift_over_esd_mean                   ? 
_refine.ls_structure_factor_coef                 ? 
_refine.ls_weighting_details                     ? 
_refine.ls_weighting_scheme                      ? 
_refine.ls_wR_factor_all                         ? 
_refine.ls_wR_factor_obs                         ? 
_refine.ls_wR_factor_R_free                      ? 
_refine.ls_wR_factor_R_work                      ? 
_refine.occupancy_max                            ? 
_refine.occupancy_min                            ? 
_refine.solvent_model_details                    'FLAT BULK SOLVENT MODEL' 
_refine.solvent_model_param_bsol                 ? 
_refine.solvent_model_param_ksol                 ? 
_refine.ls_R_factor_gt                           ? 
_refine.ls_goodness_of_fit_gt                    ? 
_refine.ls_goodness_of_fit_ref                   ? 
_refine.ls_shift_over_su_max                     ? 
_refine.ls_shift_over_su_max_lt                  ? 
_refine.ls_shift_over_su_mean                    ? 
_refine.ls_shift_over_su_mean_lt                 ? 
_refine.pdbx_ls_sigma_I                          ? 
_refine.pdbx_ls_sigma_F                          0.000 
_refine.pdbx_ls_sigma_Fsqd                       ? 
_refine.pdbx_data_cutoff_high_absF               ? 
_refine.pdbx_data_cutoff_high_rms_absF           ? 
_refine.pdbx_data_cutoff_low_absF                ? 
_refine.pdbx_isotropic_thermal_model             ? 
_refine.pdbx_ls_cross_valid_method               'FREE R-VALUE' 
_refine.pdbx_method_to_determine_struct          SAD 
_refine.pdbx_starting_model                      ? 
_refine.pdbx_stereochemistry_target_values       MLHL 
_refine.pdbx_R_Free_selection_details            ? 
_refine.pdbx_stereochem_target_val_spec_case     ? 
_refine.pdbx_overall_ESU_R                       ? 
_refine.pdbx_overall_ESU_R_Free                  ? 
_refine.pdbx_solvent_vdw_probe_radii             1.1100 
_refine.pdbx_solvent_ion_probe_radii             ? 
_refine.pdbx_solvent_shrinkage_radii             0.9000 
_refine.pdbx_real_space_R                        ? 
_refine.pdbx_density_correlation                 ? 
_refine.pdbx_pd_number_of_powder_patterns        ? 
_refine.pdbx_pd_number_of_points                 ? 
_refine.pdbx_pd_meas_number_of_points            ? 
_refine.pdbx_pd_proc_ls_prof_R_factor            ? 
_refine.pdbx_pd_proc_ls_prof_wR_factor           ? 
_refine.pdbx_pd_Marquardt_correlation_coeff      ? 
_refine.pdbx_pd_Fsqrd_R_factor                   ? 
_refine.pdbx_pd_ls_matrix_band_width             ? 
_refine.pdbx_overall_phase_error                 26.1900 
_refine.pdbx_overall_SU_R_free_Cruickshank_DPI   ? 
_refine.pdbx_overall_SU_R_free_Blow_DPI          ? 
_refine.pdbx_overall_SU_R_Blow_DPI               ? 
_refine.pdbx_TLS_residual_ADP_flag               ? 
_refine.pdbx_diffrn_id                           1 
_refine.overall_SU_B                             ? 
_refine.overall_SU_ML                            0.2200 
_refine.overall_SU_R_Cruickshank_DPI             ? 
_refine.overall_SU_R_free                        ? 
_refine.overall_FOM_free_R_set                   ? 
_refine.overall_FOM_work_R_set                   ? 
_refine.pdbx_average_fsc_overall                 ? 
_refine.pdbx_average_fsc_work                    ? 
_refine.pdbx_average_fsc_free                    ? 
# 
_refine_hist.cycle_id                         final 
_refine_hist.pdbx_refine_id                   'X-RAY DIFFRACTION' 
_refine_hist.d_res_high                       2.0010 
_refine_hist.d_res_low                        34.6080 
_refine_hist.pdbx_number_atoms_ligand         9 
_refine_hist.number_atoms_solvent             50 
_refine_hist.number_atoms_total               580 
_refine_hist.pdbx_number_residues_total       68 
_refine_hist.pdbx_B_iso_mean_ligand           37.14 
_refine_hist.pdbx_B_iso_mean_solvent          31.80 
_refine_hist.pdbx_number_atoms_protein        521 
_refine_hist.pdbx_number_atoms_nucleic_acid   0 
# 
loop_
_refine_ls_restr.pdbx_refine_id 
_refine_ls_restr.criterion 
_refine_ls_restr.dev_ideal 
_refine_ls_restr.dev_ideal_target 
_refine_ls_restr.number 
_refine_ls_restr.rejects 
_refine_ls_restr.type 
_refine_ls_restr.weight 
_refine_ls_restr.pdbx_restraint_function 
'X-RAY DIFFRACTION' ? 0.005  ? 565 ? f_bond_d           ? ? 
'X-RAY DIFFRACTION' ? 0.908  ? 772 ? f_angle_d          ? ? 
'X-RAY DIFFRACTION' ? 0.034  ? 78  ? f_chiral_restr     ? ? 
'X-RAY DIFFRACTION' ? 0.005  ? 107 ? f_plane_restr      ? ? 
'X-RAY DIFFRACTION' ? 15.037 ? 206 ? f_dihedral_angle_d ? ? 
# 
loop_
_refine_ls_shell.pdbx_refine_id 
_refine_ls_shell.d_res_high 
_refine_ls_shell.d_res_low 
_refine_ls_shell.number_reflns_all 
_refine_ls_shell.number_reflns_obs 
_refine_ls_shell.number_reflns_R_free 
_refine_ls_shell.number_reflns_R_work 
_refine_ls_shell.percent_reflns_obs 
_refine_ls_shell.percent_reflns_R_free 
_refine_ls_shell.R_factor_all 
_refine_ls_shell.R_factor_obs 
_refine_ls_shell.R_factor_R_free 
_refine_ls_shell.R_factor_R_free_error 
_refine_ls_shell.R_factor_R_work 
_refine_ls_shell.redundancy_reflns_all 
_refine_ls_shell.redundancy_reflns_obs 
_refine_ls_shell.wR_factor_all 
_refine_ls_shell.wR_factor_obs 
_refine_ls_shell.wR_factor_R_free 
_refine_ls_shell.wR_factor_R_work 
_refine_ls_shell.pdbx_total_number_of_bins_used 
_refine_ls_shell.pdbx_phase_error 
_refine_ls_shell.pdbx_fsc_work 
_refine_ls_shell.pdbx_fsc_free 
'X-RAY DIFFRACTION' 2.0012 2.2907  1126 . 114 1012 75.0000  . . . 0.3013 . 0.2359 . . . . . . 3 . . . 
'X-RAY DIFFRACTION' 2.2907 2.8858  1538 . 154 1384 100.0000 . . . 0.2822 . 0.2305 . . . . . . 3 . . . 
'X-RAY DIFFRACTION' 2.8858 34.6128 1678 . 168 1510 100.0000 . . . 0.2463 . 0.2034 . . . . . . 3 . . . 
# 
_struct.entry_id                     5E0Y 
_struct.title                        'Crystal Structure of PASTA Domain 4 of Mycobacterium tuberculosis Protein Kinase B' 
_struct.pdbx_model_details           ? 
_struct.pdbx_formula_weight          ? 
_struct.pdbx_formula_weight_method   ? 
_struct.pdbx_model_type_details      ? 
_struct.pdbx_CASP_flag               ? 
# 
_struct_keywords.entry_id        5E0Y 
_struct_keywords.text            
;kinase, extracellular sensor domain, peptidoglycan binding, Structural Genomics, TB Structural Genomics Consortium, TBSGC, TRANSFERASE
;
_struct_keywords.pdbx_keywords   TRANSFERASE 
# 
loop_
_struct_asym.id 
_struct_asym.pdbx_blank_PDB_chainid_flag 
_struct_asym.pdbx_modified 
_struct_asym.entity_id 
_struct_asym.details 
A N N 1 ? 
B N N 2 ? 
C N N 2 ? 
D N N 2 ? 
E N N 2 ? 
F N N 2 ? 
G N N 2 ? 
H N N 2 ? 
I N N 2 ? 
J N N 3 ? 
# 
_struct_ref.id                         1 
_struct_ref.db_name                    UNP 
_struct_ref.db_code                    PKNB_MYCTU 
_struct_ref.pdbx_db_accession          P9WI81 
_struct_ref.pdbx_db_isoform            ? 
_struct_ref.entity_id                  1 
_struct_ref.pdbx_seq_one_letter_code   GNQFVMPDLSGMFWVDAEPRLRALGWTGMLDKGADVDAGGSQHNRVVYQNPPAGTGVNRDGIITLRFGQ 
_struct_ref.pdbx_align_begin           558 
# 
_struct_ref_seq.align_id                      1 
_struct_ref_seq.ref_id                        1 
_struct_ref_seq.pdbx_PDB_id_code              5E0Y 
_struct_ref_seq.pdbx_strand_id                A 
_struct_ref_seq.seq_align_beg                 4 
_struct_ref_seq.pdbx_seq_align_beg_ins_code   ? 
_struct_ref_seq.seq_align_end                 72 
_struct_ref_seq.pdbx_seq_align_end_ins_code   ? 
_struct_ref_seq.pdbx_db_accession             P9WI81 
_struct_ref_seq.db_align_beg                  558 
_struct_ref_seq.pdbx_db_align_beg_ins_code    ? 
_struct_ref_seq.db_align_end                  626 
_struct_ref_seq.pdbx_db_align_end_ins_code    ? 
_struct_ref_seq.pdbx_auth_seq_align_beg       558 
_struct_ref_seq.pdbx_auth_seq_align_end       626 
# 
loop_
_struct_ref_seq_dif.align_id 
_struct_ref_seq_dif.pdbx_pdb_id_code 
_struct_ref_seq_dif.mon_id 
_struct_ref_seq_dif.pdbx_pdb_strand_id 
_struct_ref_seq_dif.seq_num 
_struct_ref_seq_dif.pdbx_pdb_ins_code 
_struct_ref_seq_dif.pdbx_seq_db_name 
_struct_ref_seq_dif.pdbx_seq_db_accession_code 
_struct_ref_seq_dif.db_mon_id 
_struct_ref_seq_dif.pdbx_seq_db_seq_num 
_struct_ref_seq_dif.details 
_struct_ref_seq_dif.pdbx_auth_seq_num 
_struct_ref_seq_dif.pdbx_ordinal 
1 5E0Y GLY A 1 ? UNP P9WI81 ? ? 'expression tag' 555 1 
1 5E0Y HIS A 2 ? UNP P9WI81 ? ? 'expression tag' 556 2 
1 5E0Y MET A 3 ? UNP P9WI81 ? ? 'expression tag' 557 3 
# 
_pdbx_struct_assembly.id                   1 
_pdbx_struct_assembly.details              author_and_software_defined_assembly 
_pdbx_struct_assembly.method_details       PISA 
_pdbx_struct_assembly.oligomeric_details   monomeric 
_pdbx_struct_assembly.oligomeric_count     1 
# 
loop_
_pdbx_struct_assembly_prop.biol_id 
_pdbx_struct_assembly_prop.type 
_pdbx_struct_assembly_prop.value 
_pdbx_struct_assembly_prop.details 
1 'ABSA (A^2)' 560  ? 
1 MORE         -147 ? 
1 'SSA (A^2)'  4200 ? 
# 
_pdbx_struct_assembly_gen.assembly_id       1 
_pdbx_struct_assembly_gen.oper_expression   1 
_pdbx_struct_assembly_gen.asym_id_list      A,B,C,D,E,F,G,H,I,J 
# 
_pdbx_struct_oper_list.id                   1 
_pdbx_struct_oper_list.type                 'identity operation' 
_pdbx_struct_oper_list.name                 1_555 
_pdbx_struct_oper_list.symmetry_operation   x,y,z 
_pdbx_struct_oper_list.matrix[1][1]         1.0000000000 
_pdbx_struct_oper_list.matrix[1][2]         0.0000000000 
_pdbx_struct_oper_list.matrix[1][3]         0.0000000000 
_pdbx_struct_oper_list.vector[1]            0.0000000000 
_pdbx_struct_oper_list.matrix[2][1]         0.0000000000 
_pdbx_struct_oper_list.matrix[2][2]         1.0000000000 
_pdbx_struct_oper_list.matrix[2][3]         0.0000000000 
_pdbx_struct_oper_list.vector[2]            0.0000000000 
_pdbx_struct_oper_list.matrix[3][1]         0.0000000000 
_pdbx_struct_oper_list.matrix[3][2]         0.0000000000 
_pdbx_struct_oper_list.matrix[3][3]         1.0000000000 
_pdbx_struct_oper_list.vector[3]            0.0000000000 
# 
loop_
_struct_conf.conf_type_id 
_struct_conf.id 
_struct_conf.pdbx_PDB_helix_id 
_struct_conf.beg_label_comp_id 
_struct_conf.beg_label_asym_id 
_struct_conf.beg_label_seq_id 
_struct_conf.pdbx_beg_PDB_ins_code 
_struct_conf.end_label_comp_id 
_struct_conf.end_label_asym_id 
_struct_conf.end_label_seq_id 
_struct_conf.pdbx_end_PDB_ins_code 
_struct_conf.beg_auth_comp_id 
_struct_conf.beg_auth_asym_id 
_struct_conf.beg_auth_seq_id 
_struct_conf.end_auth_comp_id 
_struct_conf.end_auth_asym_id 
_struct_conf.end_auth_seq_id 
_struct_conf.pdbx_PDB_helix_class 
_struct_conf.details 
_struct_conf.pdbx_PDB_helix_length 
HELX_P HELX_P1 AA1 PHE A 16 ? LEU A 27 ? PHE A 570 LEU A 581 1 ? 12 
HELX_P HELX_P2 AA2 GLY A 42 ? HIS A 46 ? GLY A 596 HIS A 600 5 ? 5  
# 
_struct_conf_type.id          HELX_P 
_struct_conf_type.criteria    ? 
_struct_conf_type.reference   ? 
# 
loop_
_struct_conn.id 
_struct_conn.conn_type_id 
_struct_conn.pdbx_leaving_atom_flag 
_struct_conn.pdbx_PDB_id 
_struct_conn.ptnr1_label_asym_id 
_struct_conn.ptnr1_label_comp_id 
_struct_conn.ptnr1_label_seq_id 
_struct_conn.ptnr1_label_atom_id 
_struct_conn.pdbx_ptnr1_label_alt_id 
_struct_conn.pdbx_ptnr1_PDB_ins_code 
_struct_conn.pdbx_ptnr1_standard_comp_id 
_struct_conn.ptnr1_symmetry 
_struct_conn.ptnr2_label_asym_id 
_struct_conn.ptnr2_label_comp_id 
_struct_conn.ptnr2_label_seq_id 
_struct_conn.ptnr2_label_atom_id 
_struct_conn.pdbx_ptnr2_label_alt_id 
_struct_conn.pdbx_ptnr2_PDB_ins_code 
_struct_conn.ptnr1_auth_asym_id 
_struct_conn.ptnr1_auth_comp_id 
_struct_conn.ptnr1_auth_seq_id 
_struct_conn.ptnr2_auth_asym_id 
_struct_conn.ptnr2_auth_comp_id 
_struct_conn.ptnr2_auth_seq_id 
_struct_conn.ptnr2_symmetry 
_struct_conn.pdbx_ptnr3_label_atom_id 
_struct_conn.pdbx_ptnr3_label_seq_id 
_struct_conn.pdbx_ptnr3_label_comp_id 
_struct_conn.pdbx_ptnr3_label_asym_id 
_struct_conn.pdbx_ptnr3_label_alt_id 
_struct_conn.pdbx_ptnr3_PDB_ins_code 
_struct_conn.details 
_struct_conn.pdbx_dist_value 
_struct_conn.pdbx_value_order 
_struct_conn.pdbx_role 
metalc1  metalc ? ? A ASP 19 OD1 ? ? ? 1_555 D ZN  . ZN ? ? A ASP 573 A ZN  703 1_555  ? ? ? ? ? ? ? 2.237 ? ? 
metalc2  metalc ? ? A GLU 21 OE2 ? ? ? 1_555 C ZN  . ZN ? ? A GLU 575 A ZN  702 1_555  ? ? ? ? ? ? ? 2.013 ? ? 
metalc3  metalc ? ? A GLU 21 OE1 ? ? ? 1_555 C ZN  . ZN ? ? A GLU 575 A ZN  702 10_666 ? ? ? ? ? ? ? 2.659 ? ? 
metalc4  metalc ? ? A GLU 21 OE2 ? ? ? 1_555 C ZN  . ZN ? ? A GLU 575 A ZN  702 10_666 ? ? ? ? ? ? ? 2.019 ? ? 
metalc5  metalc ? ? A LYS 35 NZ  ? ? ? 1_555 H ZN  . ZN ? ? A LYS 589 A ZN  707 1_555  ? ? ? ? ? ? ? 2.528 ? ? 
metalc6  metalc ? ? A ASP 40 OD1 ? ? ? 1_555 E ZN  . ZN ? ? A ASP 594 A ZN  704 1_555  ? ? ? ? ? ? ? 2.101 ? ? 
metalc7  metalc ? ? A ASP 40 OD2 ? ? ? 1_555 E ZN  . ZN ? ? A ASP 594 A ZN  704 1_555  ? ? ? ? ? ? ? 2.176 ? ? 
metalc8  metalc ? ? A HIS 46 ND1 ? ? ? 1_555 B ZN  . ZN ? ? A HIS 600 A ZN  701 1_555  ? ? ? ? ? ? ? 2.116 ? ? 
metalc9  metalc ? ? A HIS 46 ND1 ? ? ? 1_555 B ZN  . ZN ? ? A HIS 600 A ZN  701 10_776 ? ? ? ? ? ? ? 2.336 ? ? 
metalc10 metalc ? ? A TYR 51 OH  B ? ? 1_555 E ZN  . ZN ? ? A TYR 605 A ZN  704 8_676  ? ? ? ? ? ? ? 1.998 ? ? 
metalc11 metalc ? ? A GLN 72 O   ? ? ? 1_555 B ZN  . ZN ? ? A GLN 626 A ZN  701 1_555  ? ? ? ? ? ? ? 2.586 ? ? 
metalc12 metalc ? ? A GLN 72 OXT ? ? ? 1_555 B ZN  . ZN ? ? A GLN 626 A ZN  701 1_555  ? ? ? ? ? ? ? 2.183 ? ? 
metalc13 metalc ? ? A GLN 72 O   ? ? ? 1_555 B ZN  . ZN ? ? A GLN 626 A ZN  701 10_776 ? ? ? ? ? ? ? 2.675 ? ? 
metalc14 metalc ? ? A GLN 72 OXT ? ? ? 1_555 B ZN  . ZN ? ? A GLN 626 A ZN  701 10_776 ? ? ? ? ? ? ? 2.106 ? ? 
metalc15 metalc ? ? C ZN  .  ZN  ? ? ? 1_555 J HOH . O  ? ? A ZN  702 A HOH 837 1_555  ? ? ? ? ? ? ? 2.067 ? ? 
metalc16 metalc ? ? C ZN  .  ZN  ? ? ? 1_555 J HOH . O  ? ? A ZN  702 A HOH 837 10_666 ? ? ? ? ? ? ? 2.216 ? ? 
metalc17 metalc ? ? D ZN  .  ZN  ? ? ? 1_555 J HOH . O  ? ? A ZN  703 A HOH 845 5_565  ? ? ? ? ? ? ? 2.141 ? ? 
metalc18 metalc ? ? E ZN  .  ZN  ? ? ? 1_555 J HOH . O  ? ? A ZN  704 A HOH 836 8_676  ? ? ? ? ? ? ? 2.444 ? ? 
metalc19 metalc ? ? E ZN  .  ZN  ? ? ? 1_555 J HOH . O  ? ? A ZN  704 A HOH 844 1_555  ? ? ? ? ? ? ? 2.569 ? ? 
metalc20 metalc ? ? H ZN  .  ZN  ? ? ? 1_555 J HOH . O  ? ? A ZN  707 A HOH 810 1_555  ? ? ? ? ? ? ? 2.069 ? ? 
metalc21 metalc ? ? I ZN  .  ZN  ? ? ? 1_555 J HOH . O  ? ? A ZN  708 A HOH 810 1_555  ? ? ? ? ? ? ? 2.115 ? ? 
metalc22 metalc ? ? I ZN  .  ZN  ? ? ? 1_555 J HOH . O  ? ? A ZN  708 A HOH 844 10_776 ? ? ? ? ? ? ? 2.186 ? ? 
# 
_struct_conn_type.id          metalc 
_struct_conn_type.criteria    ? 
_struct_conn_type.reference   ? 
# 
loop_
_pdbx_struct_conn_angle.id 
_pdbx_struct_conn_angle.ptnr1_label_atom_id 
_pdbx_struct_conn_angle.ptnr1_label_alt_id 
_pdbx_struct_conn_angle.ptnr1_label_asym_id 
_pdbx_struct_conn_angle.ptnr1_label_comp_id 
_pdbx_struct_conn_angle.ptnr1_label_seq_id 
_pdbx_struct_conn_angle.ptnr1_auth_atom_id 
_pdbx_struct_conn_angle.ptnr1_auth_asym_id 
_pdbx_struct_conn_angle.ptnr1_auth_comp_id 
_pdbx_struct_conn_angle.ptnr1_auth_seq_id 
_pdbx_struct_conn_angle.ptnr1_PDB_ins_code 
_pdbx_struct_conn_angle.ptnr1_symmetry 
_pdbx_struct_conn_angle.ptnr2_label_atom_id 
_pdbx_struct_conn_angle.ptnr2_label_alt_id 
_pdbx_struct_conn_angle.ptnr2_label_asym_id 
_pdbx_struct_conn_angle.ptnr2_label_comp_id 
_pdbx_struct_conn_angle.ptnr2_label_seq_id 
_pdbx_struct_conn_angle.ptnr2_auth_atom_id 
_pdbx_struct_conn_angle.ptnr2_auth_asym_id 
_pdbx_struct_conn_angle.ptnr2_auth_comp_id 
_pdbx_struct_conn_angle.ptnr2_auth_seq_id 
_pdbx_struct_conn_angle.ptnr2_PDB_ins_code 
_pdbx_struct_conn_angle.ptnr2_symmetry 
_pdbx_struct_conn_angle.ptnr3_label_atom_id 
_pdbx_struct_conn_angle.ptnr3_label_alt_id 
_pdbx_struct_conn_angle.ptnr3_label_asym_id 
_pdbx_struct_conn_angle.ptnr3_label_comp_id 
_pdbx_struct_conn_angle.ptnr3_label_seq_id 
_pdbx_struct_conn_angle.ptnr3_auth_atom_id 
_pdbx_struct_conn_angle.ptnr3_auth_asym_id 
_pdbx_struct_conn_angle.ptnr3_auth_comp_id 
_pdbx_struct_conn_angle.ptnr3_auth_seq_id 
_pdbx_struct_conn_angle.ptnr3_PDB_ins_code 
_pdbx_struct_conn_angle.ptnr3_symmetry 
_pdbx_struct_conn_angle.value 
_pdbx_struct_conn_angle.value_esd 
1  OD1 ? A ASP 19 ? A ASP 573 ? 1_555 ZN ? D ZN . ? A ZN 703 ? 1_555 O   ? J HOH .  ? A HOH 845 ? 5_565  100.0 ? 
2  OE2 ? A GLU 21 ? A GLU 575 ? 1_555 ZN ? C ZN . ? A ZN 702 ? 1_555 OE1 ? A GLU 21 ? A GLU 575 ? 1_555  52.2  ? 
3  OE2 ? A GLU 21 ? A GLU 575 ? 1_555 ZN ? C ZN . ? A ZN 702 ? 1_555 OE2 ? A GLU 21 ? A GLU 575 ? 1_555  0.0   ? 
4  OE1 ? A GLU 21 ? A GLU 575 ? 1_555 ZN ? C ZN . ? A ZN 702 ? 1_555 OE2 ? A GLU 21 ? A GLU 575 ? 1_555  52.2  ? 
5  OE2 ? A GLU 21 ? A GLU 575 ? 1_555 ZN ? C ZN . ? A ZN 702 ? 1_555 O   ? J HOH .  ? A HOH 837 ? 1_555  101.6 ? 
6  OE1 ? A GLU 21 ? A GLU 575 ? 1_555 ZN ? C ZN . ? A ZN 702 ? 1_555 O   ? J HOH .  ? A HOH 837 ? 1_555  153.1 ? 
7  OE2 ? A GLU 21 ? A GLU 575 ? 1_555 ZN ? C ZN . ? A ZN 702 ? 1_555 O   ? J HOH .  ? A HOH 837 ? 1_555  101.6 ? 
8  OE2 ? A GLU 21 ? A GLU 575 ? 1_555 ZN ? C ZN . ? A ZN 702 ? 1_555 O   ? J HOH .  ? A HOH 837 ? 10_666 113.5 ? 
9  OE1 ? A GLU 21 ? A GLU 575 ? 1_555 ZN ? C ZN . ? A ZN 702 ? 1_555 O   ? J HOH .  ? A HOH 837 ? 10_666 105.9 ? 
10 OE2 ? A GLU 21 ? A GLU 575 ? 1_555 ZN ? C ZN . ? A ZN 702 ? 1_555 O   ? J HOH .  ? A HOH 837 ? 10_666 113.5 ? 
11 O   ? J HOH .  ? A HOH 837 ? 1_555 ZN ? C ZN . ? A ZN 702 ? 1_555 O   ? J HOH .  ? A HOH 837 ? 10_666 89.5  ? 
12 NZ  ? A LYS 35 ? A LYS 589 ? 1_555 ZN ? H ZN . ? A ZN 707 ? 1_555 O   ? J HOH .  ? A HOH 810 ? 1_555  166.2 ? 
13 OD1 ? A ASP 40 ? A ASP 594 ? 1_555 ZN ? E ZN . ? A ZN 704 ? 1_555 OD2 ? A ASP 40 ? A ASP 594 ? 1_555  61.9  ? 
14 OD1 ? A ASP 40 ? A ASP 594 ? 1_555 ZN ? E ZN . ? A ZN 704 ? 1_555 OH  B A TYR 51 ? A TYR 605 ? 1_555  30.4  ? 
15 OD2 ? A ASP 40 ? A ASP 594 ? 1_555 ZN ? E ZN . ? A ZN 704 ? 1_555 OH  B A TYR 51 ? A TYR 605 ? 1_555  53.7  ? 
16 OD1 ? A ASP 40 ? A ASP 594 ? 1_555 ZN ? E ZN . ? A ZN 704 ? 1_555 O   ? J HOH .  ? A HOH 836 ? 8_676  135.1 ? 
17 OD2 ? A ASP 40 ? A ASP 594 ? 1_555 ZN ? E ZN . ? A ZN 704 ? 1_555 O   ? J HOH .  ? A HOH 836 ? 8_676  88.9  ? 
18 OH  B A TYR 51 ? A TYR 605 ? 1_555 ZN ? E ZN . ? A ZN 704 ? 1_555 O   ? J HOH .  ? A HOH 836 ? 8_676  105.0 ? 
19 OD1 ? A ASP 40 ? A ASP 594 ? 1_555 ZN ? E ZN . ? A ZN 704 ? 1_555 O   ? J HOH .  ? A HOH 844 ? 1_555  99.1  ? 
20 OD2 ? A ASP 40 ? A ASP 594 ? 1_555 ZN ? E ZN . ? A ZN 704 ? 1_555 O   ? J HOH .  ? A HOH 844 ? 1_555  89.2  ? 
21 OH  B A TYR 51 ? A TYR 605 ? 1_555 ZN ? E ZN . ? A ZN 704 ? 1_555 O   ? J HOH .  ? A HOH 844 ? 1_555  124.6 ? 
22 O   ? J HOH .  ? A HOH 836 ? 8_676 ZN ? E ZN . ? A ZN 704 ? 1_555 O   ? J HOH .  ? A HOH 844 ? 1_555  114.9 ? 
23 ND1 ? A HIS 46 ? A HIS 600 ? 1_555 ZN ? B ZN . ? A ZN 701 ? 1_555 ND1 ? A HIS 46 ? A HIS 600 ? 1_555  0.0   ? 
24 ND1 ? A HIS 46 ? A HIS 600 ? 1_555 ZN ? B ZN . ? A ZN 701 ? 1_555 O   ? A GLN 72 ? A GLN 626 ? 1_555  90.6  ? 
25 ND1 ? A HIS 46 ? A HIS 600 ? 1_555 ZN ? B ZN . ? A ZN 701 ? 1_555 O   ? A GLN 72 ? A GLN 626 ? 1_555  90.6  ? 
26 ND1 ? A HIS 46 ? A HIS 600 ? 1_555 ZN ? B ZN . ? A ZN 701 ? 1_555 OXT ? A GLN 72 ? A GLN 626 ? 1_555  104.8 ? 
27 ND1 ? A HIS 46 ? A HIS 600 ? 1_555 ZN ? B ZN . ? A ZN 701 ? 1_555 OXT ? A GLN 72 ? A GLN 626 ? 1_555  104.8 ? 
28 O   ? A GLN 72 ? A GLN 626 ? 1_555 ZN ? B ZN . ? A ZN 701 ? 1_555 OXT ? A GLN 72 ? A GLN 626 ? 1_555  51.6  ? 
29 ND1 ? A HIS 46 ? A HIS 600 ? 1_555 ZN ? B ZN . ? A ZN 701 ? 1_555 O   ? A GLN 72 ? A GLN 626 ? 1_555  90.6  ? 
30 ND1 ? A HIS 46 ? A HIS 600 ? 1_555 ZN ? B ZN . ? A ZN 701 ? 1_555 O   ? A GLN 72 ? A GLN 626 ? 1_555  90.6  ? 
31 O   ? A GLN 72 ? A GLN 626 ? 1_555 ZN ? B ZN . ? A ZN 701 ? 1_555 O   ? A GLN 72 ? A GLN 626 ? 1_555  0.0   ? 
32 OXT ? A GLN 72 ? A GLN 626 ? 1_555 ZN ? B ZN . ? A ZN 701 ? 1_555 O   ? A GLN 72 ? A GLN 626 ? 1_555  51.6  ? 
33 ND1 ? A HIS 46 ? A HIS 600 ? 1_555 ZN ? B ZN . ? A ZN 701 ? 1_555 OXT ? A GLN 72 ? A GLN 626 ? 1_555  104.8 ? 
34 ND1 ? A HIS 46 ? A HIS 600 ? 1_555 ZN ? B ZN . ? A ZN 701 ? 1_555 OXT ? A GLN 72 ? A GLN 626 ? 1_555  104.8 ? 
35 O   ? A GLN 72 ? A GLN 626 ? 1_555 ZN ? B ZN . ? A ZN 701 ? 1_555 OXT ? A GLN 72 ? A GLN 626 ? 1_555  51.6  ? 
36 OXT ? A GLN 72 ? A GLN 626 ? 1_555 ZN ? B ZN . ? A ZN 701 ? 1_555 OXT ? A GLN 72 ? A GLN 626 ? 1_555  0.0   ? 
37 O   ? A GLN 72 ? A GLN 626 ? 1_555 ZN ? B ZN . ? A ZN 701 ? 1_555 OXT ? A GLN 72 ? A GLN 626 ? 1_555  51.6  ? 
38 O   ? J HOH .  ? A HOH 810 ? 1_555 ZN ? I ZN . ? A ZN 708 ? 1_555 O   ? J HOH .  ? A HOH 844 ? 10_776 89.3  ? 
# 
_struct_mon_prot_cis.pdbx_id                1 
_struct_mon_prot_cis.label_comp_id          ASN 
_struct_mon_prot_cis.label_seq_id           53 
_struct_mon_prot_cis.label_asym_id          A 
_struct_mon_prot_cis.label_alt_id           . 
_struct_mon_prot_cis.pdbx_PDB_ins_code      ? 
_struct_mon_prot_cis.auth_comp_id           ASN 
_struct_mon_prot_cis.auth_seq_id            607 
_struct_mon_prot_cis.auth_asym_id           A 
_struct_mon_prot_cis.pdbx_label_comp_id_2   PRO 
_struct_mon_prot_cis.pdbx_label_seq_id_2    54 
_struct_mon_prot_cis.pdbx_label_asym_id_2   A 
_struct_mon_prot_cis.pdbx_PDB_ins_code_2    ? 
_struct_mon_prot_cis.pdbx_auth_comp_id_2    PRO 
_struct_mon_prot_cis.pdbx_auth_seq_id_2     608 
_struct_mon_prot_cis.pdbx_auth_asym_id_2    A 
_struct_mon_prot_cis.pdbx_PDB_model_num     1 
_struct_mon_prot_cis.pdbx_omega_angle       1.81 
# 
loop_
_struct_sheet.id 
_struct_sheet.type 
_struct_sheet.number_strands 
_struct_sheet.details 
AA1 ? 2 ? 
AA2 ? 3 ? 
# 
loop_
_struct_sheet_order.sheet_id 
_struct_sheet_order.range_id_1 
_struct_sheet_order.range_id_2 
_struct_sheet_order.offset 
_struct_sheet_order.sense 
AA1 1 2 ? anti-parallel 
AA2 1 2 ? parallel      
AA2 2 3 ? anti-parallel 
# 
loop_
_struct_sheet_range.sheet_id 
_struct_sheet_range.id 
_struct_sheet_range.beg_label_comp_id 
_struct_sheet_range.beg_label_asym_id 
_struct_sheet_range.beg_label_seq_id 
_struct_sheet_range.pdbx_beg_PDB_ins_code 
_struct_sheet_range.end_label_comp_id 
_struct_sheet_range.end_label_asym_id 
_struct_sheet_range.end_label_seq_id 
_struct_sheet_range.pdbx_end_PDB_ins_code 
_struct_sheet_range.beg_auth_comp_id 
_struct_sheet_range.beg_auth_asym_id 
_struct_sheet_range.beg_auth_seq_id 
_struct_sheet_range.end_auth_comp_id 
_struct_sheet_range.end_auth_asym_id 
_struct_sheet_range.end_auth_seq_id 
AA1 1 PHE A 7  ? VAL A 8  ? PHE A 561 VAL A 562 
AA1 2 GLY A 59 ? VAL A 60 ? GLY A 613 VAL A 614 
AA2 1 LEU A 33 ? LYS A 35 ? LEU A 587 LYS A 589 
AA2 2 ILE A 66 ? PHE A 70 ? ILE A 620 PHE A 624 
AA2 3 VAL A 49 ? ASN A 53 ? VAL A 603 ASN A 607 
# 
loop_
_pdbx_struct_sheet_hbond.sheet_id 
_pdbx_struct_sheet_hbond.range_id_1 
_pdbx_struct_sheet_hbond.range_id_2 
_pdbx_struct_sheet_hbond.range_1_label_atom_id 
_pdbx_struct_sheet_hbond.range_1_label_comp_id 
_pdbx_struct_sheet_hbond.range_1_label_asym_id 
_pdbx_struct_sheet_hbond.range_1_label_seq_id 
_pdbx_struct_sheet_hbond.range_1_PDB_ins_code 
_pdbx_struct_sheet_hbond.range_1_auth_atom_id 
_pdbx_struct_sheet_hbond.range_1_auth_comp_id 
_pdbx_struct_sheet_hbond.range_1_auth_asym_id 
_pdbx_struct_sheet_hbond.range_1_auth_seq_id 
_pdbx_struct_sheet_hbond.range_2_label_atom_id 
_pdbx_struct_sheet_hbond.range_2_label_comp_id 
_pdbx_struct_sheet_hbond.range_2_label_asym_id 
_pdbx_struct_sheet_hbond.range_2_label_seq_id 
_pdbx_struct_sheet_hbond.range_2_PDB_ins_code 
_pdbx_struct_sheet_hbond.range_2_auth_atom_id 
_pdbx_struct_sheet_hbond.range_2_auth_comp_id 
_pdbx_struct_sheet_hbond.range_2_auth_asym_id 
_pdbx_struct_sheet_hbond.range_2_auth_seq_id 
AA1 1 2 N PHE A 7  ? N PHE A 561 O VAL A 60 ? O VAL A 614 
AA2 1 2 N ASP A 34 ? N ASP A 588 O ILE A 66 ? O ILE A 620 
AA2 2 3 O ARG A 69 ? O ARG A 623 N VAL A 50 ? N VAL A 604 
# 
loop_
_struct_site.id 
_struct_site.pdbx_evidence_code 
_struct_site.pdbx_auth_asym_id 
_struct_site.pdbx_auth_comp_id 
_struct_site.pdbx_auth_seq_id 
_struct_site.pdbx_auth_ins_code 
_struct_site.pdbx_num_residues 
_struct_site.details 
AC1 Software A ZN 701 ? 4 'binding site for residue ZN A 701' 
AC2 Software A ZN 702 ? 6 'binding site for residue ZN A 702' 
AC3 Software A ZN 703 ? 2 'binding site for residue ZN A 703' 
AC4 Software A ZN 704 ? 6 'binding site for residue ZN A 704' 
AC5 Software A ZN 705 ? 6 'binding site for residue ZN A 705' 
AC6 Software A ZN 706 ? 5 'binding site for residue ZN A 706' 
AC7 Software A ZN 707 ? 4 'binding site for residue ZN A 707' 
AC8 Software A ZN 708 ? 7 'binding site for residue ZN A 708' 
# 
loop_
_struct_site_gen.id 
_struct_site_gen.site_id 
_struct_site_gen.pdbx_num_res 
_struct_site_gen.label_comp_id 
_struct_site_gen.label_asym_id 
_struct_site_gen.label_seq_id 
_struct_site_gen.pdbx_auth_ins_code 
_struct_site_gen.auth_comp_id 
_struct_site_gen.auth_asym_id 
_struct_site_gen.auth_seq_id 
_struct_site_gen.label_atom_id 
_struct_site_gen.label_alt_id 
_struct_site_gen.symmetry 
_struct_site_gen.details 
1  AC1 4 HIS A 46 ? HIS A 600 . ? 1_555  ? 
2  AC1 4 HIS A 46 ? HIS A 600 . ? 10_776 ? 
3  AC1 4 GLN A 72 ? GLN A 626 . ? 10_776 ? 
4  AC1 4 GLN A 72 ? GLN A 626 . ? 1_555  ? 
5  AC2 6 GLU A 21 ? GLU A 575 . ? 1_555  ? 
6  AC2 6 GLU A 21 ? GLU A 575 . ? 10_666 ? 
7  AC2 6 HOH J .  ? HOH A 837 . ? 1_555  ? 
8  AC2 6 HOH J .  ? HOH A 837 . ? 10_666 ? 
9  AC2 6 HOH J .  ? HOH A 841 . ? 10_666 ? 
10 AC2 6 HOH J .  ? HOH A 841 . ? 1_555  ? 
11 AC3 2 ASP A 19 ? ASP A 573 . ? 1_555  ? 
12 AC3 2 HOH J .  ? HOH A 845 . ? 5_565  ? 
13 AC4 6 ASP A 40 ? ASP A 594 . ? 1_555  ? 
14 AC4 6 HIS A 46 ? HIS A 600 . ? 10_776 ? 
15 AC4 6 TYR A 51 ? TYR A 605 . ? 8_676  ? 
16 AC4 6 ZN  F .  ? ZN  A 705 . ? 10_776 ? 
17 AC4 6 HOH J .  ? HOH A 836 . ? 8_676  ? 
18 AC4 6 HOH J .  ? HOH A 844 . ? 1_555  ? 
19 AC5 6 VAL A 39 ? VAL A 593 . ? 5_565  ? 
20 AC5 6 ASP A 40 ? ASP A 594 . ? 10_776 ? 
21 AC5 6 HIS A 46 ? HIS A 600 . ? 1_555  ? 
22 AC5 6 TYR A 51 ? TYR A 605 . ? 5_565  ? 
23 AC5 6 ZN  E .  ? ZN  A 704 . ? 10_776 ? 
24 AC5 6 ZN  G .  ? ZN  A 706 . ? 10_776 ? 
25 AC6 5 GLY A 43 ? GLY A 597 . ? 1_555  ? 
26 AC6 5 HIS A 46 ? HIS A 600 . ? 10_776 ? 
27 AC6 5 TYR A 51 ? TYR A 605 . ? 8_676  ? 
28 AC6 5 ZN  F .  ? ZN  A 705 . ? 10_776 ? 
29 AC6 5 HOH J .  ? HOH A 820 . ? 1_555  ? 
30 AC7 4 LYS A 35 ? LYS A 589 . ? 1_555  ? 
31 AC7 4 ASP A 38 ? ASP A 592 . ? 1_555  ? 
32 AC7 4 ZN  I .  ? ZN  A 708 . ? 1_555  ? 
33 AC7 4 HOH J .  ? HOH A 810 . ? 1_555  ? 
34 AC8 7 ASP A 38 ? ASP A 592 . ? 1_555  ? 
35 AC8 7 ASN A 47 ? ASN A 601 . ? 1_555  ? 
36 AC8 7 GLY A 71 ? GLY A 625 . ? 1_555  ? 
37 AC8 7 GLN A 72 ? GLN A 626 . ? 10_776 ? 
38 AC8 7 ZN  H .  ? ZN  A 707 . ? 1_555  ? 
39 AC8 7 HOH J .  ? HOH A 810 . ? 1_555  ? 
40 AC8 7 HOH J .  ? HOH A 844 . ? 10_776 ? 
# 
loop_
_pdbx_validate_symm_contact.id 
_pdbx_validate_symm_contact.PDB_model_num 
_pdbx_validate_symm_contact.auth_atom_id_1 
_pdbx_validate_symm_contact.auth_asym_id_1 
_pdbx_validate_symm_contact.auth_comp_id_1 
_pdbx_validate_symm_contact.auth_seq_id_1 
_pdbx_validate_symm_contact.PDB_ins_code_1 
_pdbx_validate_symm_contact.label_alt_id_1 
_pdbx_validate_symm_contact.site_symmetry_1 
_pdbx_validate_symm_contact.auth_atom_id_2 
_pdbx_validate_symm_contact.auth_asym_id_2 
_pdbx_validate_symm_contact.auth_comp_id_2 
_pdbx_validate_symm_contact.auth_seq_id_2 
_pdbx_validate_symm_contact.PDB_ins_code_2 
_pdbx_validate_symm_contact.label_alt_id_2 
_pdbx_validate_symm_contact.site_symmetry_2 
_pdbx_validate_symm_contact.dist 
1 1 O A HOH 808 ? ? 1_555 O A HOH 847 ? ? 8_566  1.94 
2 1 O A HOH 837 ? ? 1_555 O A HOH 841 ? ? 10_666 2.13 
3 1 O A HOH 837 ? ? 1_555 O A HOH 843 ? ? 10_666 2.13 
# 
_pdbx_SG_project.id                    1 
_pdbx_SG_project.project_name          ? 
_pdbx_SG_project.full_name_of_center   'TB Structural Genomics Consortium' 
_pdbx_SG_project.initial_of_center     TBSGC 
# 
loop_
_pdbx_struct_special_symmetry.id 
_pdbx_struct_special_symmetry.PDB_model_num 
_pdbx_struct_special_symmetry.auth_asym_id 
_pdbx_struct_special_symmetry.auth_comp_id 
_pdbx_struct_special_symmetry.auth_seq_id 
_pdbx_struct_special_symmetry.PDB_ins_code 
_pdbx_struct_special_symmetry.label_asym_id 
_pdbx_struct_special_symmetry.label_comp_id 
_pdbx_struct_special_symmetry.label_seq_id 
1 1 A ZN  701 ? B ZN  . 
2 1 A ZN  702 ? C ZN  . 
3 1 A HOH 832 ? J HOH . 
# 
_phasing.method   SAD 
# 
loop_
_pdbx_unobs_or_zero_occ_residues.id 
_pdbx_unobs_or_zero_occ_residues.PDB_model_num 
_pdbx_unobs_or_zero_occ_residues.polymer_flag 
_pdbx_unobs_or_zero_occ_residues.occupancy_flag 
_pdbx_unobs_or_zero_occ_residues.auth_asym_id 
_pdbx_unobs_or_zero_occ_residues.auth_comp_id 
_pdbx_unobs_or_zero_occ_residues.auth_seq_id 
_pdbx_unobs_or_zero_occ_residues.PDB_ins_code 
_pdbx_unobs_or_zero_occ_residues.label_asym_id 
_pdbx_unobs_or_zero_occ_residues.label_comp_id 
_pdbx_unobs_or_zero_occ_residues.label_seq_id 
1 1 Y 1 A GLY 555 ? A GLY 1 
2 1 Y 1 A HIS 556 ? A HIS 2 
3 1 Y 1 A MET 557 ? A MET 3 
4 1 Y 1 A GLY 558 ? A GLY 4 
# 
loop_
_chem_comp_atom.comp_id 
_chem_comp_atom.atom_id 
_chem_comp_atom.type_symbol 
_chem_comp_atom.pdbx_aromatic_flag 
_chem_comp_atom.pdbx_stereo_config 
_chem_comp_atom.pdbx_ordinal 
ALA N    N  N N 1   
ALA CA   C  N S 2   
ALA C    C  N N 3   
ALA O    O  N N 4   
ALA CB   C  N N 5   
ALA OXT  O  N N 6   
ALA H    H  N N 7   
ALA H2   H  N N 8   
ALA HA   H  N N 9   
ALA HB1  H  N N 10  
ALA HB2  H  N N 11  
ALA HB3  H  N N 12  
ALA HXT  H  N N 13  
ARG N    N  N N 14  
ARG CA   C  N S 15  
ARG C    C  N N 16  
ARG O    O  N N 17  
ARG CB   C  N N 18  
ARG CG   C  N N 19  
ARG CD   C  N N 20  
ARG NE   N  N N 21  
ARG CZ   C  N N 22  
ARG NH1  N  N N 23  
ARG NH2  N  N N 24  
ARG OXT  O  N N 25  
ARG H    H  N N 26  
ARG H2   H  N N 27  
ARG HA   H  N N 28  
ARG HB2  H  N N 29  
ARG HB3  H  N N 30  
ARG HG2  H  N N 31  
ARG HG3  H  N N 32  
ARG HD2  H  N N 33  
ARG HD3  H  N N 34  
ARG HE   H  N N 35  
ARG HH11 H  N N 36  
ARG HH12 H  N N 37  
ARG HH21 H  N N 38  
ARG HH22 H  N N 39  
ARG HXT  H  N N 40  
ASN N    N  N N 41  
ASN CA   C  N S 42  
ASN C    C  N N 43  
ASN O    O  N N 44  
ASN CB   C  N N 45  
ASN CG   C  N N 46  
ASN OD1  O  N N 47  
ASN ND2  N  N N 48  
ASN OXT  O  N N 49  
ASN H    H  N N 50  
ASN H2   H  N N 51  
ASN HA   H  N N 52  
ASN HB2  H  N N 53  
ASN HB3  H  N N 54  
ASN HD21 H  N N 55  
ASN HD22 H  N N 56  
ASN HXT  H  N N 57  
ASP N    N  N N 58  
ASP CA   C  N S 59  
ASP C    C  N N 60  
ASP O    O  N N 61  
ASP CB   C  N N 62  
ASP CG   C  N N 63  
ASP OD1  O  N N 64  
ASP OD2  O  N N 65  
ASP OXT  O  N N 66  
ASP H    H  N N 67  
ASP H2   H  N N 68  
ASP HA   H  N N 69  
ASP HB2  H  N N 70  
ASP HB3  H  N N 71  
ASP HD2  H  N N 72  
ASP HXT  H  N N 73  
GLN N    N  N N 74  
GLN CA   C  N S 75  
GLN C    C  N N 76  
GLN O    O  N N 77  
GLN CB   C  N N 78  
GLN CG   C  N N 79  
GLN CD   C  N N 80  
GLN OE1  O  N N 81  
GLN NE2  N  N N 82  
GLN OXT  O  N N 83  
GLN H    H  N N 84  
GLN H2   H  N N 85  
GLN HA   H  N N 86  
GLN HB2  H  N N 87  
GLN HB3  H  N N 88  
GLN HG2  H  N N 89  
GLN HG3  H  N N 90  
GLN HE21 H  N N 91  
GLN HE22 H  N N 92  
GLN HXT  H  N N 93  
GLU N    N  N N 94  
GLU CA   C  N S 95  
GLU C    C  N N 96  
GLU O    O  N N 97  
GLU CB   C  N N 98  
GLU CG   C  N N 99  
GLU CD   C  N N 100 
GLU OE1  O  N N 101 
GLU OE2  O  N N 102 
GLU OXT  O  N N 103 
GLU H    H  N N 104 
GLU H2   H  N N 105 
GLU HA   H  N N 106 
GLU HB2  H  N N 107 
GLU HB3  H  N N 108 
GLU HG2  H  N N 109 
GLU HG3  H  N N 110 
GLU HE2  H  N N 111 
GLU HXT  H  N N 112 
GLY N    N  N N 113 
GLY CA   C  N N 114 
GLY C    C  N N 115 
GLY O    O  N N 116 
GLY OXT  O  N N 117 
GLY H    H  N N 118 
GLY H2   H  N N 119 
GLY HA2  H  N N 120 
GLY HA3  H  N N 121 
GLY HXT  H  N N 122 
HIS N    N  N N 123 
HIS CA   C  N S 124 
HIS C    C  N N 125 
HIS O    O  N N 126 
HIS CB   C  N N 127 
HIS CG   C  Y N 128 
HIS ND1  N  Y N 129 
HIS CD2  C  Y N 130 
HIS CE1  C  Y N 131 
HIS NE2  N  Y N 132 
HIS OXT  O  N N 133 
HIS H    H  N N 134 
HIS H2   H  N N 135 
HIS HA   H  N N 136 
HIS HB2  H  N N 137 
HIS HB3  H  N N 138 
HIS HD1  H  N N 139 
HIS HD2  H  N N 140 
HIS HE1  H  N N 141 
HIS HE2  H  N N 142 
HIS HXT  H  N N 143 
HOH O    O  N N 144 
HOH H1   H  N N 145 
HOH H2   H  N N 146 
ILE N    N  N N 147 
ILE CA   C  N S 148 
ILE C    C  N N 149 
ILE O    O  N N 150 
ILE CB   C  N S 151 
ILE CG1  C  N N 152 
ILE CG2  C  N N 153 
ILE CD1  C  N N 154 
ILE OXT  O  N N 155 
ILE H    H  N N 156 
ILE H2   H  N N 157 
ILE HA   H  N N 158 
ILE HB   H  N N 159 
ILE HG12 H  N N 160 
ILE HG13 H  N N 161 
ILE HG21 H  N N 162 
ILE HG22 H  N N 163 
ILE HG23 H  N N 164 
ILE HD11 H  N N 165 
ILE HD12 H  N N 166 
ILE HD13 H  N N 167 
ILE HXT  H  N N 168 
LEU N    N  N N 169 
LEU CA   C  N S 170 
LEU C    C  N N 171 
LEU O    O  N N 172 
LEU CB   C  N N 173 
LEU CG   C  N N 174 
LEU CD1  C  N N 175 
LEU CD2  C  N N 176 
LEU OXT  O  N N 177 
LEU H    H  N N 178 
LEU H2   H  N N 179 
LEU HA   H  N N 180 
LEU HB2  H  N N 181 
LEU HB3  H  N N 182 
LEU HG   H  N N 183 
LEU HD11 H  N N 184 
LEU HD12 H  N N 185 
LEU HD13 H  N N 186 
LEU HD21 H  N N 187 
LEU HD22 H  N N 188 
LEU HD23 H  N N 189 
LEU HXT  H  N N 190 
LYS N    N  N N 191 
LYS CA   C  N S 192 
LYS C    C  N N 193 
LYS O    O  N N 194 
LYS CB   C  N N 195 
LYS CG   C  N N 196 
LYS CD   C  N N 197 
LYS CE   C  N N 198 
LYS NZ   N  N N 199 
LYS OXT  O  N N 200 
LYS H    H  N N 201 
LYS H2   H  N N 202 
LYS HA   H  N N 203 
LYS HB2  H  N N 204 
LYS HB3  H  N N 205 
LYS HG2  H  N N 206 
LYS HG3  H  N N 207 
LYS HD2  H  N N 208 
LYS HD3  H  N N 209 
LYS HE2  H  N N 210 
LYS HE3  H  N N 211 
LYS HZ1  H  N N 212 
LYS HZ2  H  N N 213 
LYS HZ3  H  N N 214 
LYS HXT  H  N N 215 
MET N    N  N N 216 
MET CA   C  N S 217 
MET C    C  N N 218 
MET O    O  N N 219 
MET CB   C  N N 220 
MET CG   C  N N 221 
MET SD   S  N N 222 
MET CE   C  N N 223 
MET OXT  O  N N 224 
MET H    H  N N 225 
MET H2   H  N N 226 
MET HA   H  N N 227 
MET HB2  H  N N 228 
MET HB3  H  N N 229 
MET HG2  H  N N 230 
MET HG3  H  N N 231 
MET HE1  H  N N 232 
MET HE2  H  N N 233 
MET HE3  H  N N 234 
MET HXT  H  N N 235 
PHE N    N  N N 236 
PHE CA   C  N S 237 
PHE C    C  N N 238 
PHE O    O  N N 239 
PHE CB   C  N N 240 
PHE CG   C  Y N 241 
PHE CD1  C  Y N 242 
PHE CD2  C  Y N 243 
PHE CE1  C  Y N 244 
PHE CE2  C  Y N 245 
PHE CZ   C  Y N 246 
PHE OXT  O  N N 247 
PHE H    H  N N 248 
PHE H2   H  N N 249 
PHE HA   H  N N 250 
PHE HB2  H  N N 251 
PHE HB3  H  N N 252 
PHE HD1  H  N N 253 
PHE HD2  H  N N 254 
PHE HE1  H  N N 255 
PHE HE2  H  N N 256 
PHE HZ   H  N N 257 
PHE HXT  H  N N 258 
PRO N    N  N N 259 
PRO CA   C  N S 260 
PRO C    C  N N 261 
PRO O    O  N N 262 
PRO CB   C  N N 263 
PRO CG   C  N N 264 
PRO CD   C  N N 265 
PRO OXT  O  N N 266 
PRO H    H  N N 267 
PRO HA   H  N N 268 
PRO HB2  H  N N 269 
PRO HB3  H  N N 270 
PRO HG2  H  N N 271 
PRO HG3  H  N N 272 
PRO HD2  H  N N 273 
PRO HD3  H  N N 274 
PRO HXT  H  N N 275 
SER N    N  N N 276 
SER CA   C  N S 277 
SER C    C  N N 278 
SER O    O  N N 279 
SER CB   C  N N 280 
SER OG   O  N N 281 
SER OXT  O  N N 282 
SER H    H  N N 283 
SER H2   H  N N 284 
SER HA   H  N N 285 
SER HB2  H  N N 286 
SER HB3  H  N N 287 
SER HG   H  N N 288 
SER HXT  H  N N 289 
THR N    N  N N 290 
THR CA   C  N S 291 
THR C    C  N N 292 
THR O    O  N N 293 
THR CB   C  N R 294 
THR OG1  O  N N 295 
THR CG2  C  N N 296 
THR OXT  O  N N 297 
THR H    H  N N 298 
THR H2   H  N N 299 
THR HA   H  N N 300 
THR HB   H  N N 301 
THR HG1  H  N N 302 
THR HG21 H  N N 303 
THR HG22 H  N N 304 
THR HG23 H  N N 305 
THR HXT  H  N N 306 
TRP N    N  N N 307 
TRP CA   C  N S 308 
TRP C    C  N N 309 
TRP O    O  N N 310 
TRP CB   C  N N 311 
TRP CG   C  Y N 312 
TRP CD1  C  Y N 313 
TRP CD2  C  Y N 314 
TRP NE1  N  Y N 315 
TRP CE2  C  Y N 316 
TRP CE3  C  Y N 317 
TRP CZ2  C  Y N 318 
TRP CZ3  C  Y N 319 
TRP CH2  C  Y N 320 
TRP OXT  O  N N 321 
TRP H    H  N N 322 
TRP H2   H  N N 323 
TRP HA   H  N N 324 
TRP HB2  H  N N 325 
TRP HB3  H  N N 326 
TRP HD1  H  N N 327 
TRP HE1  H  N N 328 
TRP HE3  H  N N 329 
TRP HZ2  H  N N 330 
TRP HZ3  H  N N 331 
TRP HH2  H  N N 332 
TRP HXT  H  N N 333 
TYR N    N  N N 334 
TYR CA   C  N S 335 
TYR C    C  N N 336 
TYR O    O  N N 337 
TYR CB   C  N N 338 
TYR CG   C  Y N 339 
TYR CD1  C  Y N 340 
TYR CD2  C  Y N 341 
TYR CE1  C  Y N 342 
TYR CE2  C  Y N 343 
TYR CZ   C  Y N 344 
TYR OH   O  N N 345 
TYR OXT  O  N N 346 
TYR H    H  N N 347 
TYR H2   H  N N 348 
TYR HA   H  N N 349 
TYR HB2  H  N N 350 
TYR HB3  H  N N 351 
TYR HD1  H  N N 352 
TYR HD2  H  N N 353 
TYR HE1  H  N N 354 
TYR HE2  H  N N 355 
TYR HH   H  N N 356 
TYR HXT  H  N N 357 
VAL N    N  N N 358 
VAL CA   C  N S 359 
VAL C    C  N N 360 
VAL O    O  N N 361 
VAL CB   C  N N 362 
VAL CG1  C  N N 363 
VAL CG2  C  N N 364 
VAL OXT  O  N N 365 
VAL H    H  N N 366 
VAL H2   H  N N 367 
VAL HA   H  N N 368 
VAL HB   H  N N 369 
VAL HG11 H  N N 370 
VAL HG12 H  N N 371 
VAL HG13 H  N N 372 
VAL HG21 H  N N 373 
VAL HG22 H  N N 374 
VAL HG23 H  N N 375 
VAL HXT  H  N N 376 
ZN  ZN   ZN N N 377 
# 
loop_
_chem_comp_bond.comp_id 
_chem_comp_bond.atom_id_1 
_chem_comp_bond.atom_id_2 
_chem_comp_bond.value_order 
_chem_comp_bond.pdbx_aromatic_flag 
_chem_comp_bond.pdbx_stereo_config 
_chem_comp_bond.pdbx_ordinal 
ALA N   CA   sing N N 1   
ALA N   H    sing N N 2   
ALA N   H2   sing N N 3   
ALA CA  C    sing N N 4   
ALA CA  CB   sing N N 5   
ALA CA  HA   sing N N 6   
ALA C   O    doub N N 7   
ALA C   OXT  sing N N 8   
ALA CB  HB1  sing N N 9   
ALA CB  HB2  sing N N 10  
ALA CB  HB3  sing N N 11  
ALA OXT HXT  sing N N 12  
ARG N   CA   sing N N 13  
ARG N   H    sing N N 14  
ARG N   H2   sing N N 15  
ARG CA  C    sing N N 16  
ARG CA  CB   sing N N 17  
ARG CA  HA   sing N N 18  
ARG C   O    doub N N 19  
ARG C   OXT  sing N N 20  
ARG CB  CG   sing N N 21  
ARG CB  HB2  sing N N 22  
ARG CB  HB3  sing N N 23  
ARG CG  CD   sing N N 24  
ARG CG  HG2  sing N N 25  
ARG CG  HG3  sing N N 26  
ARG CD  NE   sing N N 27  
ARG CD  HD2  sing N N 28  
ARG CD  HD3  sing N N 29  
ARG NE  CZ   sing N N 30  
ARG NE  HE   sing N N 31  
ARG CZ  NH1  sing N N 32  
ARG CZ  NH2  doub N N 33  
ARG NH1 HH11 sing N N 34  
ARG NH1 HH12 sing N N 35  
ARG NH2 HH21 sing N N 36  
ARG NH2 HH22 sing N N 37  
ARG OXT HXT  sing N N 38  
ASN N   CA   sing N N 39  
ASN N   H    sing N N 40  
ASN N   H2   sing N N 41  
ASN CA  C    sing N N 42  
ASN CA  CB   sing N N 43  
ASN CA  HA   sing N N 44  
ASN C   O    doub N N 45  
ASN C   OXT  sing N N 46  
ASN CB  CG   sing N N 47  
ASN CB  HB2  sing N N 48  
ASN CB  HB3  sing N N 49  
ASN CG  OD1  doub N N 50  
ASN CG  ND2  sing N N 51  
ASN ND2 HD21 sing N N 52  
ASN ND2 HD22 sing N N 53  
ASN OXT HXT  sing N N 54  
ASP N   CA   sing N N 55  
ASP N   H    sing N N 56  
ASP N   H2   sing N N 57  
ASP CA  C    sing N N 58  
ASP CA  CB   sing N N 59  
ASP CA  HA   sing N N 60  
ASP C   O    doub N N 61  
ASP C   OXT  sing N N 62  
ASP CB  CG   sing N N 63  
ASP CB  HB2  sing N N 64  
ASP CB  HB3  sing N N 65  
ASP CG  OD1  doub N N 66  
ASP CG  OD2  sing N N 67  
ASP OD2 HD2  sing N N 68  
ASP OXT HXT  sing N N 69  
GLN N   CA   sing N N 70  
GLN N   H    sing N N 71  
GLN N   H2   sing N N 72  
GLN CA  C    sing N N 73  
GLN CA  CB   sing N N 74  
GLN CA  HA   sing N N 75  
GLN C   O    doub N N 76  
GLN C   OXT  sing N N 77  
GLN CB  CG   sing N N 78  
GLN CB  HB2  sing N N 79  
GLN CB  HB3  sing N N 80  
GLN CG  CD   sing N N 81  
GLN CG  HG2  sing N N 82  
GLN CG  HG3  sing N N 83  
GLN CD  OE1  doub N N 84  
GLN CD  NE2  sing N N 85  
GLN NE2 HE21 sing N N 86  
GLN NE2 HE22 sing N N 87  
GLN OXT HXT  sing N N 88  
GLU N   CA   sing N N 89  
GLU N   H    sing N N 90  
GLU N   H2   sing N N 91  
GLU CA  C    sing N N 92  
GLU CA  CB   sing N N 93  
GLU CA  HA   sing N N 94  
GLU C   O    doub N N 95  
GLU C   OXT  sing N N 96  
GLU CB  CG   sing N N 97  
GLU CB  HB2  sing N N 98  
GLU CB  HB3  sing N N 99  
GLU CG  CD   sing N N 100 
GLU CG  HG2  sing N N 101 
GLU CG  HG3  sing N N 102 
GLU CD  OE1  doub N N 103 
GLU CD  OE2  sing N N 104 
GLU OE2 HE2  sing N N 105 
GLU OXT HXT  sing N N 106 
GLY N   CA   sing N N 107 
GLY N   H    sing N N 108 
GLY N   H2   sing N N 109 
GLY CA  C    sing N N 110 
GLY CA  HA2  sing N N 111 
GLY CA  HA3  sing N N 112 
GLY C   O    doub N N 113 
GLY C   OXT  sing N N 114 
GLY OXT HXT  sing N N 115 
HIS N   CA   sing N N 116 
HIS N   H    sing N N 117 
HIS N   H2   sing N N 118 
HIS CA  C    sing N N 119 
HIS CA  CB   sing N N 120 
HIS CA  HA   sing N N 121 
HIS C   O    doub N N 122 
HIS C   OXT  sing N N 123 
HIS CB  CG   sing N N 124 
HIS CB  HB2  sing N N 125 
HIS CB  HB3  sing N N 126 
HIS CG  ND1  sing Y N 127 
HIS CG  CD2  doub Y N 128 
HIS ND1 CE1  doub Y N 129 
HIS ND1 HD1  sing N N 130 
HIS CD2 NE2  sing Y N 131 
HIS CD2 HD2  sing N N 132 
HIS CE1 NE2  sing Y N 133 
HIS CE1 HE1  sing N N 134 
HIS NE2 HE2  sing N N 135 
HIS OXT HXT  sing N N 136 
HOH O   H1   sing N N 137 
HOH O   H2   sing N N 138 
ILE N   CA   sing N N 139 
ILE N   H    sing N N 140 
ILE N   H2   sing N N 141 
ILE CA  C    sing N N 142 
ILE CA  CB   sing N N 143 
ILE CA  HA   sing N N 144 
ILE C   O    doub N N 145 
ILE C   OXT  sing N N 146 
ILE CB  CG1  sing N N 147 
ILE CB  CG2  sing N N 148 
ILE CB  HB   sing N N 149 
ILE CG1 CD1  sing N N 150 
ILE CG1 HG12 sing N N 151 
ILE CG1 HG13 sing N N 152 
ILE CG2 HG21 sing N N 153 
ILE CG2 HG22 sing N N 154 
ILE CG2 HG23 sing N N 155 
ILE CD1 HD11 sing N N 156 
ILE CD1 HD12 sing N N 157 
ILE CD1 HD13 sing N N 158 
ILE OXT HXT  sing N N 159 
LEU N   CA   sing N N 160 
LEU N   H    sing N N 161 
LEU N   H2   sing N N 162 
LEU CA  C    sing N N 163 
LEU CA  CB   sing N N 164 
LEU CA  HA   sing N N 165 
LEU C   O    doub N N 166 
LEU C   OXT  sing N N 167 
LEU CB  CG   sing N N 168 
LEU CB  HB2  sing N N 169 
LEU CB  HB3  sing N N 170 
LEU CG  CD1  sing N N 171 
LEU CG  CD2  sing N N 172 
LEU CG  HG   sing N N 173 
LEU CD1 HD11 sing N N 174 
LEU CD1 HD12 sing N N 175 
LEU CD1 HD13 sing N N 176 
LEU CD2 HD21 sing N N 177 
LEU CD2 HD22 sing N N 178 
LEU CD2 HD23 sing N N 179 
LEU OXT HXT  sing N N 180 
LYS N   CA   sing N N 181 
LYS N   H    sing N N 182 
LYS N   H2   sing N N 183 
LYS CA  C    sing N N 184 
LYS CA  CB   sing N N 185 
LYS CA  HA   sing N N 186 
LYS C   O    doub N N 187 
LYS C   OXT  sing N N 188 
LYS CB  CG   sing N N 189 
LYS CB  HB2  sing N N 190 
LYS CB  HB3  sing N N 191 
LYS CG  CD   sing N N 192 
LYS CG  HG2  sing N N 193 
LYS CG  HG3  sing N N 194 
LYS CD  CE   sing N N 195 
LYS CD  HD2  sing N N 196 
LYS CD  HD3  sing N N 197 
LYS CE  NZ   sing N N 198 
LYS CE  HE2  sing N N 199 
LYS CE  HE3  sing N N 200 
LYS NZ  HZ1  sing N N 201 
LYS NZ  HZ2  sing N N 202 
LYS NZ  HZ3  sing N N 203 
LYS OXT HXT  sing N N 204 
MET N   CA   sing N N 205 
MET N   H    sing N N 206 
MET N   H2   sing N N 207 
MET CA  C    sing N N 208 
MET CA  CB   sing N N 209 
MET CA  HA   sing N N 210 
MET C   O    doub N N 211 
MET C   OXT  sing N N 212 
MET CB  CG   sing N N 213 
MET CB  HB2  sing N N 214 
MET CB  HB3  sing N N 215 
MET CG  SD   sing N N 216 
MET CG  HG2  sing N N 217 
MET CG  HG3  sing N N 218 
MET SD  CE   sing N N 219 
MET CE  HE1  sing N N 220 
MET CE  HE2  sing N N 221 
MET CE  HE3  sing N N 222 
MET OXT HXT  sing N N 223 
PHE N   CA   sing N N 224 
PHE N   H    sing N N 225 
PHE N   H2   sing N N 226 
PHE CA  C    sing N N 227 
PHE CA  CB   sing N N 228 
PHE CA  HA   sing N N 229 
PHE C   O    doub N N 230 
PHE C   OXT  sing N N 231 
PHE CB  CG   sing N N 232 
PHE CB  HB2  sing N N 233 
PHE CB  HB3  sing N N 234 
PHE CG  CD1  doub Y N 235 
PHE CG  CD2  sing Y N 236 
PHE CD1 CE1  sing Y N 237 
PHE CD1 HD1  sing N N 238 
PHE CD2 CE2  doub Y N 239 
PHE CD2 HD2  sing N N 240 
PHE CE1 CZ   doub Y N 241 
PHE CE1 HE1  sing N N 242 
PHE CE2 CZ   sing Y N 243 
PHE CE2 HE2  sing N N 244 
PHE CZ  HZ   sing N N 245 
PHE OXT HXT  sing N N 246 
PRO N   CA   sing N N 247 
PRO N   CD   sing N N 248 
PRO N   H    sing N N 249 
PRO CA  C    sing N N 250 
PRO CA  CB   sing N N 251 
PRO CA  HA   sing N N 252 
PRO C   O    doub N N 253 
PRO C   OXT  sing N N 254 
PRO CB  CG   sing N N 255 
PRO CB  HB2  sing N N 256 
PRO CB  HB3  sing N N 257 
PRO CG  CD   sing N N 258 
PRO CG  HG2  sing N N 259 
PRO CG  HG3  sing N N 260 
PRO CD  HD2  sing N N 261 
PRO CD  HD3  sing N N 262 
PRO OXT HXT  sing N N 263 
SER N   CA   sing N N 264 
SER N   H    sing N N 265 
SER N   H2   sing N N 266 
SER CA  C    sing N N 267 
SER CA  CB   sing N N 268 
SER CA  HA   sing N N 269 
SER C   O    doub N N 270 
SER C   OXT  sing N N 271 
SER CB  OG   sing N N 272 
SER CB  HB2  sing N N 273 
SER CB  HB3  sing N N 274 
SER OG  HG   sing N N 275 
SER OXT HXT  sing N N 276 
THR N   CA   sing N N 277 
THR N   H    sing N N 278 
THR N   H2   sing N N 279 
THR CA  C    sing N N 280 
THR CA  CB   sing N N 281 
THR CA  HA   sing N N 282 
THR C   O    doub N N 283 
THR C   OXT  sing N N 284 
THR CB  OG1  sing N N 285 
THR CB  CG2  sing N N 286 
THR CB  HB   sing N N 287 
THR OG1 HG1  sing N N 288 
THR CG2 HG21 sing N N 289 
THR CG2 HG22 sing N N 290 
THR CG2 HG23 sing N N 291 
THR OXT HXT  sing N N 292 
TRP N   CA   sing N N 293 
TRP N   H    sing N N 294 
TRP N   H2   sing N N 295 
TRP CA  C    sing N N 296 
TRP CA  CB   sing N N 297 
TRP CA  HA   sing N N 298 
TRP C   O    doub N N 299 
TRP C   OXT  sing N N 300 
TRP CB  CG   sing N N 301 
TRP CB  HB2  sing N N 302 
TRP CB  HB3  sing N N 303 
TRP CG  CD1  doub Y N 304 
TRP CG  CD2  sing Y N 305 
TRP CD1 NE1  sing Y N 306 
TRP CD1 HD1  sing N N 307 
TRP CD2 CE2  doub Y N 308 
TRP CD2 CE3  sing Y N 309 
TRP NE1 CE2  sing Y N 310 
TRP NE1 HE1  sing N N 311 
TRP CE2 CZ2  sing Y N 312 
TRP CE3 CZ3  doub Y N 313 
TRP CE3 HE3  sing N N 314 
TRP CZ2 CH2  doub Y N 315 
TRP CZ2 HZ2  sing N N 316 
TRP CZ3 CH2  sing Y N 317 
TRP CZ3 HZ3  sing N N 318 
TRP CH2 HH2  sing N N 319 
TRP OXT HXT  sing N N 320 
TYR N   CA   sing N N 321 
TYR N   H    sing N N 322 
TYR N   H2   sing N N 323 
TYR CA  C    sing N N 324 
TYR CA  CB   sing N N 325 
TYR CA  HA   sing N N 326 
TYR C   O    doub N N 327 
TYR C   OXT  sing N N 328 
TYR CB  CG   sing N N 329 
TYR CB  HB2  sing N N 330 
TYR CB  HB3  sing N N 331 
TYR CG  CD1  doub Y N 332 
TYR CG  CD2  sing Y N 333 
TYR CD1 CE1  sing Y N 334 
TYR CD1 HD1  sing N N 335 
TYR CD2 CE2  doub Y N 336 
TYR CD2 HD2  sing N N 337 
TYR CE1 CZ   doub Y N 338 
TYR CE1 HE1  sing N N 339 
TYR CE2 CZ   sing Y N 340 
TYR CE2 HE2  sing N N 341 
TYR CZ  OH   sing N N 342 
TYR OH  HH   sing N N 343 
TYR OXT HXT  sing N N 344 
VAL N   CA   sing N N 345 
VAL N   H    sing N N 346 
VAL N   H2   sing N N 347 
VAL CA  C    sing N N 348 
VAL CA  CB   sing N N 349 
VAL CA  HA   sing N N 350 
VAL C   O    doub N N 351 
VAL C   OXT  sing N N 352 
VAL CB  CG1  sing N N 353 
VAL CB  CG2  sing N N 354 
VAL CB  HB   sing N N 355 
VAL CG1 HG11 sing N N 356 
VAL CG1 HG12 sing N N 357 
VAL CG1 HG13 sing N N 358 
VAL CG2 HG21 sing N N 359 
VAL CG2 HG22 sing N N 360 
VAL CG2 HG23 sing N N 361 
VAL OXT HXT  sing N N 362 
# 
_pdbx_audit_support.funding_organization   
'National Institutes of Health/National Institute of General Medical Sciences (NIH/NIGMS)' 
_pdbx_audit_support.country                'United States' 
_pdbx_audit_support.grant_number           GM70962 
_pdbx_audit_support.ordinal                1 
# 
_atom_sites.entry_id                    5E0Y 
_atom_sites.fract_transf_matrix[1][1]   0.01304854 
_atom_sites.fract_transf_matrix[1][2]   -0.02240063 
_atom_sites.fract_transf_matrix[1][3]   -0.00981119 
_atom_sites.fract_transf_matrix[2][1]   -0.01440231 
_atom_sites.fract_transf_matrix[2][2]   -0.02291122 
_atom_sites.fract_transf_matrix[2][3]   -0.00599937 
_atom_sites.fract_transf_matrix[3][1]   -0.00110884 
_atom_sites.fract_transf_matrix[3][2]   0.00269354 
_atom_sites.fract_transf_matrix[3][3]   -0.00762454 
_atom_sites.fract_transf_vector[1]      0.670235 
_atom_sites.fract_transf_vector[2]      0.605608 
_atom_sites.fract_transf_vector[3]      0.506089 
# 
loop_
_atom_type.symbol 
C  
N  
O  
S  
ZN 
# 
loop_
_atom_site.group_PDB 
_atom_site.id 
_atom_site.type_symbol 
_atom_site.label_atom_id 
_atom_site.label_alt_id 
_atom_site.label_comp_id 
_atom_site.label_asym_id 
_atom_site.label_entity_id 
_atom_site.label_seq_id 
_atom_site.pdbx_PDB_ins_code 
_atom_site.Cartn_x 
_atom_site.Cartn_y 
_atom_site.Cartn_z 
_atom_site.occupancy 
_atom_site.B_iso_or_equiv 
_atom_site.pdbx_formal_charge 
_atom_site.auth_seq_id 
_atom_site.auth_comp_id 
_atom_site.auth_asym_id 
_atom_site.auth_atom_id 
_atom_site.pdbx_PDB_model_num 
ATOM   1   N  N   . ASN A 1 5  ? 6.661   6.824   12.477  1.00 41.55 ? 559 ASN A N   1 
ATOM   2   C  CA  . ASN A 1 5  ? 5.393   7.054   13.236  1.00 29.75 ? 559 ASN A CA  1 
ATOM   3   C  C   . ASN A 1 5  ? 4.882   8.498   13.435  1.00 41.24 ? 559 ASN A C   1 
ATOM   4   O  O   . ASN A 1 5  ? 5.129   9.215   14.434  1.00 56.63 ? 559 ASN A O   1 
ATOM   5   C  CB  . ASN A 1 5  ? 5.472   6.326   14.579  1.00 42.84 ? 559 ASN A CB  1 
ATOM   6   C  CG  . ASN A 1 5  ? 4.232   6.444   15.410  1.00 57.17 ? 559 ASN A CG  1 
ATOM   7   O  OD1 . ASN A 1 5  ? 4.325   6.872   16.582  1.00 58.32 ? 559 ASN A OD1 1 
ATOM   8   N  ND2 . ASN A 1 5  ? 3.065   6.310   14.768  1.00 50.01 ? 559 ASN A ND2 1 
ATOM   9   N  N   A GLN A 1 6  ? 4.127   8.912   12.428  0.71 37.95 ? 560 GLN A N   1 
ATOM   10  N  N   B GLN A 1 6  ? 4.149   8.916   12.419  0.29 37.61 ? 560 GLN A N   1 
ATOM   11  C  CA  A GLN A 1 6  ? 3.401   10.157  12.446  0.71 32.68 ? 560 GLN A CA  1 
ATOM   12  C  CA  B GLN A 1 6  ? 3.395   10.135  12.480  0.29 32.68 ? 560 GLN A CA  1 
ATOM   13  C  C   A GLN A 1 6  ? 2.001   9.929   11.868  0.71 31.58 ? 560 GLN A C   1 
ATOM   14  C  C   B GLN A 1 6  ? 2.055   9.990   11.732  0.29 31.14 ? 560 GLN A C   1 
ATOM   15  O  O   A GLN A 1 6  ? 1.120   10.771  12.050  0.71 33.38 ? 560 GLN A O   1 
ATOM   16  O  O   B GLN A 1 6  ? 1.269   10.945  11.685  0.29 32.03 ? 560 GLN A O   1 
ATOM   17  C  CB  A GLN A 1 6  ? 4.133   11.211  11.642  0.71 28.87 ? 560 GLN A CB  1 
ATOM   18  C  CB  B GLN A 1 6  ? 4.213   11.294  11.927  0.29 29.70 ? 560 GLN A CB  1 
ATOM   19  C  CG  A GLN A 1 6  ? 3.665   12.651  11.860  0.71 35.34 ? 560 GLN A CG  1 
ATOM   20  C  CG  B GLN A 1 6  ? 4.529   11.241  10.439  0.29 33.14 ? 560 GLN A CG  1 
ATOM   21  C  CD  A GLN A 1 6  ? 4.750   13.684  11.551  0.71 41.45 ? 560 GLN A CD  1 
ATOM   22  C  CD  B GLN A 1 6  ? 5.800   12.014  10.075  0.29 41.55 ? 560 GLN A CD  1 
ATOM   23  O  OE1 A GLN A 1 6  ? 5.928   13.342  11.444  0.71 53.83 ? 560 GLN A OE1 1 
ATOM   24  O  OE1 B GLN A 1 6  ? 5.747   13.192  9.713   0.29 54.50 ? 560 GLN A OE1 1 
ATOM   25  N  NE2 A GLN A 1 6  ? 4.356   14.958  11.431  0.71 37.97 ? 560 GLN A NE2 1 
ATOM   26  N  NE2 B GLN A 1 6  ? 6.947   11.342  10.159  0.29 38.60 ? 560 GLN A NE2 1 
ATOM   27  N  N   . PHE A 1 7  ? 1.798   8.804   11.170  1.00 31.60 ? 561 PHE A N   1 
ATOM   28  C  CA  . PHE A 1 7  ? 0.445   8.370   10.767  1.00 21.92 ? 561 PHE A CA  1 
ATOM   29  C  C   . PHE A 1 7  ? 0.407   6.842   10.731  1.00 25.70 ? 561 PHE A C   1 
ATOM   30  O  O   . PHE A 1 7  ? 1.335   6.184   10.253  1.00 29.36 ? 561 PHE A O   1 
ATOM   31  C  CB  . PHE A 1 7  ? 0.004   9.003   9.436   1.00 23.96 ? 561 PHE A CB  1 
ATOM   32  C  CG  . PHE A 1 7  ? 0.431   8.269   8.177   1.00 23.18 ? 561 PHE A CG  1 
ATOM   33  C  CD1 . PHE A 1 7  ? -0.248  7.138   7.739   1.00 24.07 ? 561 PHE A CD1 1 
ATOM   34  C  CD2 . PHE A 1 7  ? 1.431   8.784   7.366   1.00 26.60 ? 561 PHE A CD2 1 
ATOM   35  C  CE1 . PHE A 1 7  ? 0.107   6.498   6.564   1.00 18.34 ? 561 PHE A CE1 1 
ATOM   36  C  CE2 . PHE A 1 7  ? 1.790   8.150   6.174   1.00 27.12 ? 561 PHE A CE2 1 
ATOM   37  C  CZ  . PHE A 1 7  ? 1.120   7.005   5.774   1.00 27.38 ? 561 PHE A CZ  1 
ATOM   38  N  N   . VAL A 1 8  ? -0.676  6.294   11.264  1.00 22.51 ? 562 VAL A N   1 
ATOM   39  C  CA  . VAL A 1 8  ? -0.843  4.853   11.377  1.00 24.03 ? 562 VAL A CA  1 
ATOM   40  C  C   . VAL A 1 8  ? -1.215  4.236   10.035  1.00 24.15 ? 562 VAL A C   1 
ATOM   41  O  O   . VAL A 1 8  ? -2.153  4.676   9.369   1.00 20.28 ? 562 VAL A O   1 
ATOM   42  C  CB  . VAL A 1 8  ? -1.919  4.492   12.422  1.00 27.12 ? 562 VAL A CB  1 
ATOM   43  C  CG1 . VAL A 1 8  ? -2.047  2.990   12.553  1.00 28.06 ? 562 VAL A CG1 1 
ATOM   44  C  CG2 . VAL A 1 8  ? -1.580  5.121   13.766  1.00 26.29 ? 562 VAL A CG2 1 
ATOM   45  N  N   . MET A 1 9  ? -0.463  3.212   9.650   1.00 24.13 ? 563 MET A N   1 
ATOM   46  C  CA  . MET A 1 9  ? -0.663  2.537   8.374   1.00 17.82 ? 563 MET A CA  1 
ATOM   47  C  C   . MET A 1 9  ? -2.027  1.857   8.307   1.00 18.85 ? 563 MET A C   1 
ATOM   48  O  O   . MET A 1 9  ? -2.374  1.062   9.177   1.00 19.18 ? 563 MET A O   1 
ATOM   49  C  CB  . MET A 1 9  ? 0.448   1.511   8.148   1.00 21.70 ? 563 MET A CB  1 
ATOM   50  C  CG  . MET A 1 9  ? 0.502   0.944   6.744   1.00 23.04 ? 563 MET A CG  1 
ATOM   51  S  SD  . MET A 1 9  ? 1.129   2.129   5.541   1.00 24.43 ? 563 MET A SD  1 
ATOM   52  C  CE  . MET A 1 9  ? 0.999   1.160   4.038   1.00 15.38 ? 563 MET A CE  1 
ATOM   53  N  N   . PRO A 1 10 ? -2.812  2.175   7.269   1.00 14.19 ? 564 PRO A N   1 
ATOM   54  C  CA  . PRO A 1 10 ? -4.104  1.516   7.055   1.00 20.98 ? 564 PRO A CA  1 
ATOM   55  C  C   . PRO A 1 10 ? -3.938  0.135   6.430   1.00 19.37 ? 564 PRO A C   1 
ATOM   56  O  O   . PRO A 1 10 ? -2.871  -0.172  5.897   1.00 15.37 ? 564 PRO A O   1 
ATOM   57  C  CB  . PRO A 1 10 ? -4.821  2.466   6.095   1.00 14.25 ? 564 PRO A CB  1 
ATOM   58  C  CG  . PRO A 1 10 ? -3.713  3.085   5.306   1.00 15.24 ? 564 PRO A CG  1 
ATOM   59  C  CD  . PRO A 1 10 ? -2.557  3.228   6.271   1.00 14.17 ? 564 PRO A CD  1 
ATOM   60  N  N   . ASP A 1 11 ? -4.980  -0.687  6.500   1.00 14.69 ? 565 ASP A N   1 
ATOM   61  C  CA  . ASP A 1 11 ? -4.979  -1.976  5.817   1.00 20.93 ? 565 ASP A CA  1 
ATOM   62  C  C   . ASP A 1 11 ? -5.430  -1.772  4.375   1.00 16.46 ? 565 ASP A C   1 
ATOM   63  O  O   . ASP A 1 11 ? -6.608  -1.537  4.115   1.00 24.69 ? 565 ASP A O   1 
ATOM   64  C  CB  . ASP A 1 11 ? -5.887  -2.977  6.538   1.00 21.86 ? 565 ASP A CB  1 
ATOM   65  C  CG  . ASP A 1 11 ? -5.967  -4.318  5.827   1.00 24.04 ? 565 ASP A CG  1 
ATOM   66  O  OD1 . ASP A 1 11 ? -5.091  -4.614  4.988   1.00 20.60 ? 565 ASP A OD1 1 
ATOM   67  O  OD2 . ASP A 1 11 ? -6.910  -5.083  6.111   1.00 26.27 ? 565 ASP A OD2 1 
ATOM   68  N  N   . LEU A 1 12 ? -4.486  -1.865  3.444   1.00 12.33 ? 566 LEU A N   1 
ATOM   69  C  CA  . LEU A 1 12 ? -4.755  -1.570  2.043   1.00 13.20 ? 566 LEU A CA  1 
ATOM   70  C  C   . LEU A 1 12 ? -5.164  -2.799  1.237   1.00 18.25 ? 566 LEU A C   1 
ATOM   71  O  O   . LEU A 1 12 ? -5.379  -2.701  0.025   1.00 15.49 ? 566 LEU A O   1 
ATOM   72  C  CB  . LEU A 1 12 ? -3.524  -0.930  1.395   1.00 13.58 ? 566 LEU A CB  1 
ATOM   73  C  CG  . LEU A 1 12 ? -3.031  0.393   1.980   1.00 16.07 ? 566 LEU A CG  1 
ATOM   74  C  CD1 . LEU A 1 12 ? -1.690  0.765   1.380   1.00 17.24 ? 566 LEU A CD1 1 
ATOM   75  C  CD2 . LEU A 1 12 ? -4.049  1.498   1.741   1.00 7.16  ? 566 LEU A CD2 1 
ATOM   76  N  N   . SER A 1 13 ? -5.260  -3.948  1.900   1.00 15.00 ? 567 SER A N   1 
ATOM   77  C  CA  . SER A 1 13 ? -5.567  -5.211  1.224   1.00 9.40  ? 567 SER A CA  1 
ATOM   78  C  C   . SER A 1 13 ? -6.849  -5.141  0.394   1.00 17.31 ? 567 SER A C   1 
ATOM   79  O  O   . SER A 1 13 ? -7.901  -4.746  0.893   1.00 18.60 ? 567 SER A O   1 
ATOM   80  C  CB  . SER A 1 13 ? -5.685  -6.349  2.244   1.00 18.59 ? 567 SER A CB  1 
ATOM   81  O  OG  . SER A 1 13 ? -4.489  -6.499  2.986   1.00 22.94 ? 567 SER A OG  1 
ATOM   82  N  N   . GLY A 1 14 ? -6.747  -5.519  -0.876  1.00 17.68 ? 568 GLY A N   1 
ATOM   83  C  CA  . GLY A 1 14 ? -7.908  -5.600  -1.745  1.00 15.65 ? 568 GLY A CA  1 
ATOM   84  C  C   . GLY A 1 14 ? -8.173  -4.378  -2.605  1.00 23.88 ? 568 GLY A C   1 
ATOM   85  O  O   . GLY A 1 14 ? -9.039  -4.411  -3.474  1.00 16.54 ? 568 GLY A O   1 
ATOM   86  N  N   . MET A 1 15 ? -7.434  -3.299  -2.365  1.00 13.66 ? 569 MET A N   1 
ATOM   87  C  CA  . MET A 1 15 ? -7.629  -2.062  -3.117  1.00 20.57 ? 569 MET A CA  1 
ATOM   88  C  C   . MET A 1 15 ? -6.861  -2.061  -4.433  1.00 17.35 ? 569 MET A C   1 
ATOM   89  O  O   . MET A 1 15 ? -5.785  -2.647  -4.533  1.00 20.77 ? 569 MET A O   1 
ATOM   90  C  CB  . MET A 1 15 ? -7.197  -0.849  -2.282  1.00 10.61 ? 569 MET A CB  1 
ATOM   91  C  CG  . MET A 1 15 ? -7.830  -0.756  -0.906  1.00 20.14 ? 569 MET A CG  1 
ATOM   92  S  SD  . MET A 1 15 ? -7.430  0.805   -0.087  1.00 20.01 ? 569 MET A SD  1 
ATOM   93  C  CE  . MET A 1 15 ? -8.349  1.958   -1.096  1.00 12.50 ? 569 MET A CE  1 
ATOM   94  N  N   . PHE A 1 16 ? -7.417  -1.395  -5.443  1.00 23.65 ? 570 PHE A N   1 
ATOM   95  C  CA  . PHE A 1 16 ? -6.668  -1.108  -6.664  1.00 20.95 ? 570 PHE A CA  1 
ATOM   96  C  C   . PHE A 1 16 ? -5.711  0.047   -6.391  1.00 30.37 ? 570 PHE A C   1 
ATOM   97  O  O   . PHE A 1 16 ? -5.943  0.839   -5.479  1.00 29.94 ? 570 PHE A O   1 
ATOM   98  C  CB  . PHE A 1 16 ? -7.603  -0.756  -7.823  1.00 34.64 ? 570 PHE A CB  1 
ATOM   99  C  CG  . PHE A 1 16 ? -8.494  -1.887  -8.260  1.00 30.46 ? 570 PHE A CG  1 
ATOM   100 C  CD1 . PHE A 1 16 ? -7.998  -2.916  -9.048  1.00 34.29 ? 570 PHE A CD1 1 
ATOM   101 C  CD2 . PHE A 1 16 ? -9.829  -1.916  -7.894  1.00 27.04 ? 570 PHE A CD2 1 
ATOM   102 C  CE1 . PHE A 1 16 ? -8.817  -3.953  -9.455  1.00 37.01 ? 570 PHE A CE1 1 
ATOM   103 C  CE2 . PHE A 1 16 ? -10.650 -2.948  -8.300  1.00 31.33 ? 570 PHE A CE2 1 
ATOM   104 C  CZ  . PHE A 1 16 ? -10.143 -3.967  -9.081  1.00 29.50 ? 570 PHE A CZ  1 
ATOM   105 N  N   . TRP A 1 17 ? -4.644  0.146   -7.178  1.00 19.96 ? 571 TRP A N   1 
ATOM   106 C  CA  . TRP A 1 17 ? -3.655  1.206   -6.996  1.00 20.40 ? 571 TRP A CA  1 
ATOM   107 C  C   . TRP A 1 17 ? -4.262  2.580   -7.229  1.00 34.51 ? 571 TRP A C   1 
ATOM   108 O  O   . TRP A 1 17 ? -3.835  3.565   -6.630  1.00 48.44 ? 571 TRP A O   1 
ATOM   109 C  CB  . TRP A 1 17 ? -2.462  0.999   -7.930  1.00 34.23 ? 571 TRP A CB  1 
ATOM   110 C  CG  . TRP A 1 17 ? -1.483  2.143   -7.945  1.00 46.59 ? 571 TRP A CG  1 
ATOM   111 C  CD1 . TRP A 1 17 ? -1.148  2.919   -9.018  1.00 47.60 ? 571 TRP A CD1 1 
ATOM   112 C  CD2 . TRP A 1 17 ? -0.717  2.643   -6.837  1.00 34.68 ? 571 TRP A CD2 1 
ATOM   113 N  NE1 . TRP A 1 17 ? -0.221  3.863   -8.649  1.00 35.83 ? 571 TRP A NE1 1 
ATOM   114 C  CE2 . TRP A 1 17 ? 0.060   3.713   -7.322  1.00 28.42 ? 571 TRP A CE2 1 
ATOM   115 C  CE3 . TRP A 1 17 ? -0.613  2.283   -5.492  1.00 31.47 ? 571 TRP A CE3 1 
ATOM   116 C  CZ2 . TRP A 1 17 ? 0.933   4.423   -6.503  1.00 45.35 ? 571 TRP A CZ2 1 
ATOM   117 C  CZ3 . TRP A 1 17 ? 0.251   2.996   -4.684  1.00 37.86 ? 571 TRP A CZ3 1 
ATOM   118 C  CH2 . TRP A 1 17 ? 1.012   4.052   -5.191  1.00 46.70 ? 571 TRP A CH2 1 
ATOM   119 N  N   A VAL A 1 18 ? -5.255  2.630   -8.112  0.38 27.55 ? 572 VAL A N   1 
ATOM   120 N  N   B VAL A 1 18 ? -5.264  2.646   -8.102  0.62 27.56 ? 572 VAL A N   1 
ATOM   121 C  CA  A VAL A 1 18 ? -5.997  3.852   -8.388  0.38 24.77 ? 572 VAL A CA  1 
ATOM   122 C  CA  B VAL A 1 18 ? -5.950  3.908   -8.359  0.62 24.68 ? 572 VAL A CA  1 
ATOM   123 C  C   A VAL A 1 18 ? -6.629  4.377   -7.097  0.38 26.37 ? 572 VAL A C   1 
ATOM   124 C  C   B VAL A 1 18 ? -6.709  4.374   -7.121  0.62 26.46 ? 572 VAL A C   1 
ATOM   125 O  O   A VAL A 1 18 ? -6.828  5.577   -6.928  0.38 33.22 ? 572 VAL A O   1 
ATOM   126 O  O   B VAL A 1 18 ? -7.108  5.532   -7.027  0.62 35.38 ? 572 VAL A O   1 
ATOM   127 C  CB  A VAL A 1 18 ? -7.082  3.608   -9.470  0.38 24.46 ? 572 VAL A CB  1 
ATOM   128 C  CB  B VAL A 1 18 ? -6.930  3.801   -9.544  0.62 24.69 ? 572 VAL A CB  1 
ATOM   129 C  CG1 A VAL A 1 18 ? -8.056  4.771   -9.562  0.38 22.61 ? 572 VAL A CG1 1 
ATOM   130 C  CG1 B VAL A 1 18 ? -6.173  3.542   -10.839 0.62 28.03 ? 572 VAL A CG1 1 
ATOM   131 C  CG2 A VAL A 1 18 ? -6.433  3.348   -10.820 0.38 27.73 ? 572 VAL A CG2 1 
ATOM   132 C  CG2 B VAL A 1 18 ? -7.961  2.714   -9.289  0.62 16.71 ? 572 VAL A CG2 1 
ATOM   133 N  N   . ASP A 1 19 ? -6.909  3.468   -6.169  1.00 24.58 ? 573 ASP A N   1 
ATOM   134 C  CA  . ASP A 1 19 ? -7.548  3.831   -4.912  1.00 20.56 ? 573 ASP A CA  1 
ATOM   135 C  C   . ASP A 1 19 ? -6.572  3.775   -3.736  1.00 24.51 ? 573 ASP A C   1 
ATOM   136 O  O   . ASP A 1 19 ? -6.721  4.513   -2.762  1.00 21.42 ? 573 ASP A O   1 
ATOM   137 C  CB  . ASP A 1 19 ? -8.744  2.920   -4.648  1.00 18.23 ? 573 ASP A CB  1 
ATOM   138 C  CG  . ASP A 1 19 ? -9.796  3.017   -5.735  1.00 26.54 ? 573 ASP A CG  1 
ATOM   139 O  OD1 . ASP A 1 19 ? -10.113 4.151   -6.151  1.00 22.96 ? 573 ASP A OD1 1 
ATOM   140 O  OD2 . ASP A 1 19 ? -10.297 1.963   -6.178  1.00 24.62 ? 573 ASP A OD2 1 
ATOM   141 N  N   . ALA A 1 20 ? -5.569  2.906   -3.833  1.00 15.19 ? 574 ALA A N   1 
ATOM   142 C  CA  . ALA A 1 20 ? -4.614  2.709   -2.744  1.00 17.09 ? 574 ALA A CA  1 
ATOM   143 C  C   . ALA A 1 20 ? -3.746  3.943   -2.491  1.00 26.29 ? 574 ALA A C   1 
ATOM   144 O  O   . ALA A 1 20 ? -3.572  4.355   -1.343  1.00 19.33 ? 574 ALA A O   1 
ATOM   145 C  CB  . ALA A 1 20 ? -3.737  1.505   -3.030  1.00 19.04 ? 574 ALA A CB  1 
ATOM   146 N  N   . GLU A 1 21 ? -3.201  4.532   -3.554  1.00 29.66 ? 575 GLU A N   1 
ATOM   147 C  CA  . GLU A 1 21 ? -2.317  5.685   -3.390  1.00 34.09 ? 575 GLU A CA  1 
ATOM   148 C  C   . GLU A 1 21 ? -3.014  6.940   -2.865  1.00 21.46 ? 575 GLU A C   1 
ATOM   149 O  O   . GLU A 1 21 ? -2.537  7.536   -1.900  1.00 29.44 ? 575 GLU A O   1 
ATOM   150 C  CB  . GLU A 1 21 ? -1.607  6.029   -4.697  1.00 36.76 ? 575 GLU A CB  1 
ATOM   151 C  CG  . GLU A 1 21 ? -0.641  7.192   -4.529  1.00 42.61 ? 575 GLU A CG  1 
ATOM   152 C  CD  . GLU A 1 21 ? 0.202   7.445   -5.754  1.00 43.15 ? 575 GLU A CD  1 
ATOM   153 O  OE1 . GLU A 1 21 ? -0.281  7.177   -6.875  1.00 41.55 ? 575 GLU A OE1 1 
ATOM   154 O  OE2 . GLU A 1 21 ? 1.351   7.906   -5.589  1.00 32.81 ? 575 GLU A OE2 1 
ATOM   155 N  N   . PRO A 1 22 ? -4.127  7.363   -3.500  1.00 27.66 ? 576 PRO A N   1 
ATOM   156 C  CA  . PRO A 1 22 ? -4.769  8.574   -2.980  1.00 24.88 ? 576 PRO A CA  1 
ATOM   157 C  C   . PRO A 1 22 ? -5.202  8.439   -1.527  1.00 24.42 ? 576 PRO A C   1 
ATOM   158 O  O   . PRO A 1 22 ? -5.295  9.442   -0.824  1.00 22.13 ? 576 PRO A O   1 
ATOM   159 C  CB  . PRO A 1 22 ? -5.990  8.743   -3.887  1.00 26.74 ? 576 PRO A CB  1 
ATOM   160 C  CG  . PRO A 1 22 ? -6.219  7.419   -4.487  1.00 20.35 ? 576 PRO A CG  1 
ATOM   161 C  CD  . PRO A 1 22 ? -4.861  6.834   -4.664  1.00 23.98 ? 576 PRO A CD  1 
ATOM   162 N  N   . ARG A 1 23 ? -5.466  7.214   -1.090  1.00 23.46 ? 577 ARG A N   1 
ATOM   163 C  CA  . ARG A 1 23 ? -5.797  6.979   0.305   1.00 17.35 ? 577 ARG A CA  1 
ATOM   164 C  C   . ARG A 1 23 ? -4.588  7.286   1.180   1.00 17.50 ? 577 ARG A C   1 
ATOM   165 O  O   . ARG A 1 23 ? -4.713  7.913   2.232   1.00 18.64 ? 577 ARG A O   1 
ATOM   166 C  CB  . ARG A 1 23 ? -6.260  5.540   0.528   1.00 16.67 ? 577 ARG A CB  1 
ATOM   167 C  CG  . ARG A 1 23 ? -6.672  5.283   1.964   1.00 14.04 ? 577 ARG A CG  1 
ATOM   168 C  CD  . ARG A 1 23 ? -7.232  3.890   2.176   1.00 15.89 ? 577 ARG A CD  1 
ATOM   169 N  NE  . ARG A 1 23 ? -7.671  3.728   3.557   1.00 13.80 ? 577 ARG A NE  1 
ATOM   170 C  CZ  . ARG A 1 23 ? -8.087  2.583   4.086   1.00 15.22 ? 577 ARG A CZ  1 
ATOM   171 N  NH1 . ARG A 1 23 ? -8.122  1.479   3.348   1.00 22.69 ? 577 ARG A NH1 1 
ATOM   172 N  NH2 . ARG A 1 23 ? -8.465  2.547   5.356   1.00 21.75 ? 577 ARG A NH2 1 
ATOM   173 N  N   . LEU A 1 24 ? -3.416  6.846   0.733   1.00 15.13 ? 578 LEU A N   1 
ATOM   174 C  CA  . LEU A 1 24 ? -2.177  7.110   1.451   1.00 17.64 ? 578 LEU A CA  1 
ATOM   175 C  C   . LEU A 1 24 ? -1.816  8.594   1.402   1.00 20.60 ? 578 LEU A C   1 
ATOM   176 O  O   . LEU A 1 24 ? -1.459  9.188   2.421   1.00 17.96 ? 578 LEU A O   1 
ATOM   177 C  CB  . LEU A 1 24 ? -1.031  6.270   0.882   1.00 19.53 ? 578 LEU A CB  1 
ATOM   178 C  CG  . LEU A 1 24 ? -1.083  4.773   1.182   1.00 16.39 ? 578 LEU A CG  1 
ATOM   179 C  CD1 . LEU A 1 24 ? -0.018  4.028   0.394   1.00 15.05 ? 578 LEU A CD1 1 
ATOM   180 C  CD2 . LEU A 1 24 ? -0.920  4.524   2.674   1.00 10.22 ? 578 LEU A CD2 1 
ATOM   181 N  N   . ARG A 1 25 ? -1.917  9.188   0.217   1.00 15.22 ? 579 ARG A N   1 
ATOM   182 C  CA  . ARG A 1 25 ? -1.587  10.598  0.032   1.00 21.16 ? 579 ARG A CA  1 
ATOM   183 C  C   . ARG A 1 25 ? -2.489  11.503  0.872   1.00 19.67 ? 579 ARG A C   1 
ATOM   184 O  O   . ARG A 1 25 ? -2.052  12.546  1.357   1.00 13.00 ? 579 ARG A O   1 
ATOM   185 C  CB  . ARG A 1 25 ? -1.693  10.986  -1.447  1.00 19.40 ? 579 ARG A CB  1 
ATOM   186 C  CG  . ARG A 1 25 ? -0.750  10.233  -2.377  1.00 23.49 ? 579 ARG A CG  1 
ATOM   187 C  CD  . ARG A 1 25 ? 0.709   10.519  -2.057  1.00 23.60 ? 579 ARG A CD  1 
ATOM   188 N  NE  . ARG A 1 25 ? 1.615   9.768   -2.925  1.00 25.38 ? 579 ARG A NE  1 
ATOM   189 C  CZ  . ARG A 1 25 ? 2.910   9.592   -2.682  1.00 30.68 ? 579 ARG A CZ  1 
ATOM   190 N  NH1 . ARG A 1 25 ? 3.459   10.104  -1.588  1.00 22.36 ? 579 ARG A NH1 1 
ATOM   191 N  NH2 . ARG A 1 25 ? 3.659   8.895   -3.526  1.00 28.03 ? 579 ARG A NH2 1 
ATOM   192 N  N   . ALA A 1 26 ? -3.743  11.095  1.044   1.00 18.52 ? 580 ALA A N   1 
ATOM   193 C  CA  . ALA A 1 26 ? -4.703  11.865  1.832   1.00 16.28 ? 580 ALA A CA  1 
ATOM   194 C  C   . ALA A 1 26 ? -4.355  11.837  3.318   1.00 23.22 ? 580 ALA A C   1 
ATOM   195 O  O   . ALA A 1 26 ? -4.771  12.711  4.077   1.00 18.98 ? 580 ALA A O   1 
ATOM   196 C  CB  . ALA A 1 26 ? -6.114  11.340  1.610   1.00 19.01 ? 580 ALA A CB  1 
ATOM   197 N  N   . LEU A 1 27 ? -3.599  10.823  3.729   1.00 17.75 ? 581 LEU A N   1 
ATOM   198 C  CA  . LEU A 1 27 ? -3.152  10.712  5.114   1.00 10.63 ? 581 LEU A CA  1 
ATOM   199 C  C   . LEU A 1 27 ? -1.966  11.636  5.369   1.00 20.21 ? 581 LEU A C   1 
ATOM   200 O  O   . LEU A 1 27 ? -1.560  11.844  6.512   1.00 18.98 ? 581 LEU A O   1 
ATOM   201 C  CB  . LEU A 1 27 ? -2.774  9.266   5.448   1.00 14.18 ? 581 LEU A CB  1 
ATOM   202 C  CG  . LEU A 1 27 ? -3.906  8.236   5.427   1.00 12.72 ? 581 LEU A CG  1 
ATOM   203 C  CD1 . LEU A 1 27 ? -3.346  6.825   5.490   1.00 22.80 ? 581 LEU A CD1 1 
ATOM   204 C  CD2 . LEU A 1 27 ? -4.872  8.480   6.572   1.00 14.78 ? 581 LEU A CD2 1 
ATOM   205 N  N   . GLY A 1 28 ? -1.412  12.182  4.292   1.00 18.89 ? 582 GLY A N   1 
ATOM   206 C  CA  . GLY A 1 28 ? -0.280  13.080  4.390   1.00 18.25 ? 582 GLY A CA  1 
ATOM   207 C  C   . GLY A 1 28 ? 1.001   12.468  3.861   1.00 23.83 ? 582 GLY A C   1 
ATOM   208 O  O   . GLY A 1 28 ? 2.033   13.134  3.816   1.00 21.72 ? 582 GLY A O   1 
ATOM   209 N  N   . TRP A 1 29 ? 0.934   11.202  3.456   1.00 23.60 ? 583 TRP A N   1 
ATOM   210 C  CA  . TRP A 1 29 ? 2.109   10.481  2.975   1.00 15.42 ? 583 TRP A CA  1 
ATOM   211 C  C   . TRP A 1 29 ? 2.725   11.161  1.754   1.00 22.24 ? 583 TRP A C   1 
ATOM   212 O  O   . TRP A 1 29 ? 2.071   11.332  0.729   1.00 17.91 ? 583 TRP A O   1 
ATOM   213 C  CB  . TRP A 1 29 ? 1.753   9.030   2.639   1.00 17.58 ? 583 TRP A CB  1 
ATOM   214 C  CG  . TRP A 1 29 ? 2.916   8.228   2.130   1.00 15.43 ? 583 TRP A CG  1 
ATOM   215 C  CD1 . TRP A 1 29 ? 4.100   7.999   2.775   1.00 16.20 ? 583 TRP A CD1 1 
ATOM   216 C  CD2 . TRP A 1 29 ? 3.006   7.535   0.878   1.00 20.96 ? 583 TRP A CD2 1 
ATOM   217 N  NE1 . TRP A 1 29 ? 4.920   7.218   2.000   1.00 18.72 ? 583 TRP A NE1 1 
ATOM   218 C  CE2 . TRP A 1 29 ? 4.271   6.917   0.830   1.00 22.57 ? 583 TRP A CE2 1 
ATOM   219 C  CE3 . TRP A 1 29 ? 2.136   7.378   -0.208  1.00 23.34 ? 583 TRP A CE3 1 
ATOM   220 C  CZ2 . TRP A 1 29 ? 4.691   6.154   -0.258  1.00 16.30 ? 583 TRP A CZ2 1 
ATOM   221 C  CZ3 . TRP A 1 29 ? 2.555   6.618   -1.288  1.00 29.45 ? 583 TRP A CZ3 1 
ATOM   222 C  CH2 . TRP A 1 29 ? 3.821   6.020   -1.306  1.00 24.92 ? 583 TRP A CH2 1 
ATOM   223 N  N   . THR A 1 30 ? 3.990   11.552  1.885   1.00 14.87 ? 584 THR A N   1 
ATOM   224 C  CA  . THR A 1 30 ? 4.714   12.205  0.804   1.00 22.94 ? 584 THR A CA  1 
ATOM   225 C  C   . THR A 1 30 ? 5.898   11.353  0.368   1.00 30.96 ? 584 THR A C   1 
ATOM   226 O  O   . THR A 1 30 ? 6.676   11.748  -0.500  1.00 22.29 ? 584 THR A O   1 
ATOM   227 C  CB  . THR A 1 30 ? 5.220   13.599  1.221   1.00 27.12 ? 584 THR A CB  1 
ATOM   228 O  OG1 . THR A 1 30 ? 6.032   13.481  2.395   1.00 22.94 ? 584 THR A OG1 1 
ATOM   229 C  CG2 . THR A 1 30 ? 4.050   14.527  1.512   1.00 27.89 ? 584 THR A CG2 1 
ATOM   230 N  N   . GLY A 1 31 ? 6.018   10.175  0.973   1.00 27.28 ? 585 GLY A N   1 
ATOM   231 C  CA  . GLY A 1 31 ? 7.137   9.291   0.715   1.00 20.87 ? 585 GLY A CA  1 
ATOM   232 C  C   . GLY A 1 31 ? 7.115   8.619   -0.642  1.00 28.20 ? 585 GLY A C   1 
ATOM   233 O  O   . GLY A 1 31 ? 6.263   8.903   -1.482  1.00 23.97 ? 585 GLY A O   1 
ATOM   234 N  N   . MET A 1 32 ? 8.060   7.708   -0.844  1.00 28.94 ? 586 MET A N   1 
ATOM   235 C  CA  . MET A 1 32 ? 8.238   7.041   -2.127  1.00 36.74 ? 586 MET A CA  1 
ATOM   236 C  C   . MET A 1 32 ? 7.575   5.665   -2.154  1.00 18.96 ? 586 MET A C   1 
ATOM   237 O  O   . MET A 1 32 ? 7.635   4.917   -1.178  1.00 17.91 ? 586 MET A O   1 
ATOM   238 C  CB  . MET A 1 32 ? 9.730   6.908   -2.441  1.00 29.68 ? 586 MET A CB  1 
ATOM   239 C  CG  . MET A 1 32 ? 10.044  6.363   -3.819  1.00 27.93 ? 586 MET A CG  1 
ATOM   240 S  SD  . MET A 1 32 ? 11.821  6.172   -4.056  1.00 54.63 ? 586 MET A SD  1 
ATOM   241 C  CE  . MET A 1 32 ? 11.865  5.374   -5.655  1.00 43.58 ? 586 MET A CE  1 
ATOM   242 N  N   . LEU A 1 33 ? 6.942   5.338   -3.275  1.00 20.70 ? 587 LEU A N   1 
ATOM   243 C  CA  . LEU A 1 33 ? 6.349   4.018   -3.447  1.00 26.36 ? 587 LEU A CA  1 
ATOM   244 C  C   . LEU A 1 33 ? 7.347   3.018   -4.013  1.00 15.02 ? 587 LEU A C   1 
ATOM   245 O  O   . LEU A 1 33 ? 7.921   3.231   -5.081  1.00 30.37 ? 587 LEU A O   1 
ATOM   246 C  CB  . LEU A 1 33 ? 5.129   4.075   -4.367  1.00 21.86 ? 587 LEU A CB  1 
ATOM   247 C  CG  . LEU A 1 33 ? 4.585   2.673   -4.666  1.00 29.79 ? 587 LEU A CG  1 
ATOM   248 C  CD1 . LEU A 1 33 ? 3.631   2.201   -3.573  1.00 28.77 ? 587 LEU A CD1 1 
ATOM   249 C  CD2 . LEU A 1 33 ? 3.945   2.588   -6.046  1.00 33.55 ? 587 LEU A CD2 1 
ATOM   250 N  N   . ASP A 1 34 ? 7.547   1.927   -3.286  1.00 16.60 ? 588 ASP A N   1 
ATOM   251 C  CA  . ASP A 1 34 ? 8.296   0.789   -3.794  1.00 14.66 ? 588 ASP A CA  1 
ATOM   252 C  C   . ASP A 1 34 ? 7.319   -0.232  -4.360  1.00 19.59 ? 588 ASP A C   1 
ATOM   253 O  O   . ASP A 1 34 ? 6.632   -0.919  -3.606  1.00 17.91 ? 588 ASP A O   1 
ATOM   254 C  CB  . ASP A 1 34 ? 9.146   0.157   -2.687  1.00 20.16 ? 588 ASP A CB  1 
ATOM   255 C  CG  . ASP A 1 34 ? 10.574  0.668   -2.676  1.00 24.15 ? 588 ASP A CG  1 
ATOM   256 O  OD1 . ASP A 1 34 ? 10.864  1.657   -3.382  1.00 19.99 ? 588 ASP A OD1 1 
ATOM   257 O  OD2 . ASP A 1 34 ? 11.409  0.078   -1.955  1.00 16.39 ? 588 ASP A OD2 1 
ATOM   258 N  N   . LYS A 1 35 ? 7.237   -0.326  -5.681  1.00 21.01 ? 589 LYS A N   1 
ATOM   259 C  CA  . LYS A 1 35 ? 6.353   -1.314  -6.288  1.00 20.71 ? 589 LYS A CA  1 
ATOM   260 C  C   . LYS A 1 35 ? 7.070   -2.652  -6.401  1.00 16.49 ? 589 LYS A C   1 
ATOM   261 O  O   . LYS A 1 35 ? 7.979   -2.816  -7.216  1.00 21.33 ? 589 LYS A O   1 
ATOM   262 C  CB  . LYS A 1 35 ? 5.861   -0.857  -7.662  1.00 26.73 ? 589 LYS A CB  1 
ATOM   263 C  CG  . LYS A 1 35 ? 4.838   -1.807  -8.276  1.00 28.08 ? 589 LYS A CG  1 
ATOM   264 C  CD  . LYS A 1 35 ? 4.414   -1.366  -9.666  1.00 28.24 ? 589 LYS A CD  1 
ATOM   265 C  CE  . LYS A 1 35 ? 3.427   -2.351  -10.272 1.00 41.76 ? 589 LYS A CE  1 
ATOM   266 N  NZ  . LYS A 1 35 ? 3.997   -3.727  -10.363 1.00 44.39 ? 589 LYS A NZ  1 
ATOM   267 N  N   . GLY A 1 36 ? 6.659   -3.601  -5.569  1.00 11.52 ? 590 GLY A N   1 
ATOM   268 C  CA  . GLY A 1 36 ? 7.287   -4.907  -5.536  1.00 10.63 ? 590 GLY A CA  1 
ATOM   269 C  C   . GLY A 1 36 ? 6.813   -5.818  -6.648  1.00 21.16 ? 590 GLY A C   1 
ATOM   270 O  O   . GLY A 1 36 ? 6.025   -5.412  -7.504  1.00 15.44 ? 590 GLY A O   1 
ATOM   271 N  N   . ALA A 1 37 ? 7.300   -7.055  -6.630  1.00 12.38 ? 591 ALA A N   1 
ATOM   272 C  CA  . ALA A 1 37 ? 6.925   -8.047  -7.625  1.00 17.67 ? 591 ALA A CA  1 
ATOM   273 C  C   . ALA A 1 37 ? 5.451   -8.409  -7.505  1.00 18.86 ? 591 ALA A C   1 
ATOM   274 O  O   . ALA A 1 37 ? 4.921   -8.506  -6.398  1.00 14.34 ? 591 ALA A O   1 
ATOM   275 C  CB  . ALA A 1 37 ? 7.791   -9.292  -7.484  1.00 10.05 ? 591 ALA A CB  1 
ATOM   276 N  N   . ASP A 1 38 ? 4.796   -8.606  -8.647  1.00 13.51 ? 592 ASP A N   1 
ATOM   277 C  CA  . ASP A 1 38 ? 3.404   -9.038  -8.662  1.00 17.19 ? 592 ASP A CA  1 
ATOM   278 C  C   . ASP A 1 38 ? 3.251   -10.392 -7.984  1.00 15.81 ? 592 ASP A C   1 
ATOM   279 O  O   . ASP A 1 38 ? 4.201   -11.166 -7.888  1.00 24.19 ? 592 ASP A O   1 
ATOM   280 C  CB  . ASP A 1 38 ? 2.857   -9.121  -10.090 1.00 26.36 ? 592 ASP A CB  1 
ATOM   281 C  CG  . ASP A 1 38 ? 2.497   -7.765  -10.659 1.00 25.90 ? 592 ASP A CG  1 
ATOM   282 O  OD1 . ASP A 1 38 ? 2.422   -6.788  -9.887  1.00 25.16 ? 592 ASP A OD1 1 
ATOM   283 O  OD2 . ASP A 1 38 ? 2.276   -7.679  -11.885 1.00 39.09 ? 592 ASP A OD2 1 
ATOM   284 N  N   . VAL A 1 39 ? 2.041   -10.667 -7.513  1.00 17.34 ? 593 VAL A N   1 
ATOM   285 C  CA  . VAL A 1 39 ? 1.736   -11.930 -6.870  1.00 21.18 ? 593 VAL A CA  1 
ATOM   286 C  C   . VAL A 1 39 ? 0.598   -12.617 -7.603  1.00 14.36 ? 593 VAL A C   1 
ATOM   287 O  O   . VAL A 1 39 ? -0.490  -12.054 -7.734  1.00 28.23 ? 593 VAL A O   1 
ATOM   288 C  CB  . VAL A 1 39 ? 1.337   -11.727 -5.403  1.00 15.49 ? 593 VAL A CB  1 
ATOM   289 C  CG1 . VAL A 1 39 ? 1.523   -13.015 -4.617  1.00 23.14 ? 593 VAL A CG1 1 
ATOM   290 C  CG2 . VAL A 1 39 ? 2.143   -10.595 -4.801  1.00 24.65 ? 593 VAL A CG2 1 
ATOM   291 N  N   . ASP A 1 40 ? 0.841   -13.829 -8.089  1.00 22.73 ? 594 ASP A N   1 
ATOM   292 C  CA  . ASP A 1 40 ? -0.222  -14.567 -8.752  1.00 13.67 ? 594 ASP A CA  1 
ATOM   293 C  C   . ASP A 1 40 ? -1.203  -15.037 -7.679  1.00 16.66 ? 594 ASP A C   1 
ATOM   294 O  O   . ASP A 1 40 ? -0.960  -16.029 -6.991  1.00 30.95 ? 594 ASP A O   1 
ATOM   295 C  CB  . ASP A 1 40 ? 0.330   -15.746 -9.552  1.00 28.82 ? 594 ASP A CB  1 
ATOM   296 C  CG  . ASP A 1 40 ? -0.735  -16.431 -10.390 1.00 37.73 ? 594 ASP A CG  1 
ATOM   297 O  OD1 . ASP A 1 40 ? -1.894  -15.957 -10.396 1.00 31.45 ? 594 ASP A OD1 1 
ATOM   298 O  OD2 . ASP A 1 40 ? -0.409  -17.446 -11.044 1.00 50.39 ? 594 ASP A OD2 1 
ATOM   299 N  N   . ALA A 1 41 ? -2.304  -14.309 -7.531  1.00 20.38 ? 595 ALA A N   1 
ATOM   300 C  CA  . ALA A 1 41 ? -3.258  -14.571 -6.464  1.00 22.05 ? 595 ALA A CA  1 
ATOM   301 C  C   . ALA A 1 41 ? -4.685  -14.709 -6.985  1.00 23.37 ? 595 ALA A C   1 
ATOM   302 O  O   . ALA A 1 41 ? -5.636  -14.277 -6.334  1.00 25.66 ? 595 ALA A O   1 
ATOM   303 C  CB  . ALA A 1 41 ? -3.187  -13.468 -5.420  1.00 26.13 ? 595 ALA A CB  1 
ATOM   304 N  N   . GLY A 1 42 ? -4.832  -15.306 -8.163  1.00 16.76 ? 596 GLY A N   1 
ATOM   305 C  CA  . GLY A 1 42 ? -6.147  -15.552 -8.723  1.00 25.13 ? 596 GLY A CA  1 
ATOM   306 C  C   . GLY A 1 42 ? -6.748  -14.347 -9.416  1.00 18.00 ? 596 GLY A C   1 
ATOM   307 O  O   . GLY A 1 42 ? -6.258  -13.226 -9.276  1.00 19.90 ? 596 GLY A O   1 
ATOM   308 N  N   . GLY A 1 43 ? -7.824  -14.583 -10.162 1.00 13.64 ? 597 GLY A N   1 
ATOM   309 C  CA  . GLY A 1 43 ? -8.461  -13.542 -10.946 1.00 14.09 ? 597 GLY A CA  1 
ATOM   310 C  C   . GLY A 1 43 ? -9.064  -12.419 -10.126 1.00 20.27 ? 597 GLY A C   1 
ATOM   311 O  O   . GLY A 1 43 ? -9.007  -11.257 -10.524 1.00 18.37 ? 597 GLY A O   1 
ATOM   312 N  N   . SER A 1 44 ? -9.637  -12.760 -8.975  1.00 13.75 ? 598 SER A N   1 
ATOM   313 C  CA  . SER A 1 44 ? -10.313 -11.767 -8.145  1.00 19.72 ? 598 SER A CA  1 
ATOM   314 C  C   . SER A 1 44 ? -9.334  -10.776 -7.526  1.00 22.78 ? 598 SER A C   1 
ATOM   315 O  O   . SER A 1 44 ? -9.727  -9.687  -7.111  1.00 21.91 ? 598 SER A O   1 
ATOM   316 C  CB  . SER A 1 44 ? -11.124 -12.451 -7.045  1.00 19.36 ? 598 SER A CB  1 
ATOM   317 O  OG  . SER A 1 44 ? -10.274 -13.126 -6.135  1.00 33.95 ? 598 SER A OG  1 
ATOM   318 N  N   . GLN A 1 45 ? -8.060  -11.152 -7.471  1.00 18.54 ? 599 GLN A N   1 
ATOM   319 C  CA  . GLN A 1 45 ? -7.047  -10.305 -6.851  1.00 17.72 ? 599 GLN A CA  1 
ATOM   320 C  C   . GLN A 1 45 ? -6.219  -9.552  -7.885  1.00 17.77 ? 599 GLN A C   1 
ATOM   321 O  O   . GLN A 1 45 ? -5.277  -8.845  -7.532  1.00 17.56 ? 599 GLN A O   1 
ATOM   322 C  CB  . GLN A 1 45 ? -6.134  -11.139 -5.953  1.00 21.07 ? 599 GLN A CB  1 
ATOM   323 C  CG  . GLN A 1 45 ? -6.073  -10.630 -4.533  1.00 33.20 ? 599 GLN A CG  1 
ATOM   324 C  CD  . GLN A 1 45 ? -7.448  -10.497 -3.912  1.00 35.90 ? 599 GLN A CD  1 
ATOM   325 O  OE1 . GLN A 1 45 ? -8.295  -11.377 -4.056  1.00 37.56 ? 599 GLN A OE1 1 
ATOM   326 N  NE2 . GLN A 1 45 ? -7.688  -9.375  -3.240  1.00 24.19 ? 599 GLN A NE2 1 
ATOM   327 N  N   . HIS A 1 46 ? -6.582  -9.710  -9.156  1.00 12.08 ? 600 HIS A N   1 
ATOM   328 C  CA  . HIS A 1 46 ? -5.885  -9.062  -10.262 1.00 13.05 ? 600 HIS A CA  1 
ATOM   329 C  C   . HIS A 1 46 ? -5.762  -7.552  -10.052 1.00 13.16 ? 600 HIS A C   1 
ATOM   330 O  O   . HIS A 1 46 ? -6.765  -6.842  -9.958  1.00 12.20 ? 600 HIS A O   1 
ATOM   331 C  CB  . HIS A 1 46 ? -6.611  -9.355  -11.577 1.00 18.06 ? 600 HIS A CB  1 
ATOM   332 C  CG  . HIS A 1 46 ? -6.042  -8.635  -12.762 1.00 9.76  ? 600 HIS A CG  1 
ATOM   333 N  ND1 . HIS A 1 46 ? -5.118  -9.209  -13.608 1.00 15.12 ? 600 HIS A ND1 1 
ATOM   334 C  CD2 . HIS A 1 46 ? -6.276  -7.393  -13.245 1.00 14.60 ? 600 HIS A CD2 1 
ATOM   335 C  CE1 . HIS A 1 46 ? -4.803  -8.349  -14.558 1.00 16.95 ? 600 HIS A CE1 1 
ATOM   336 N  NE2 . HIS A 1 46 ? -5.487  -7.239  -14.364 1.00 15.23 ? 600 HIS A NE2 1 
ATOM   337 N  N   . ASN A 1 47 ? -4.519  -7.090  -9.953  1.00 13.31 ? 601 ASN A N   1 
ATOM   338 C  CA  . ASN A 1 47 ? -4.185  -5.673  -9.781  1.00 17.16 ? 601 ASN A CA  1 
ATOM   339 C  C   . ASN A 1 47 ? -4.740  -5.063  -8.490  1.00 20.81 ? 601 ASN A C   1 
ATOM   340 O  O   . ASN A 1 47 ? -4.907  -3.846  -8.389  1.00 19.23 ? 601 ASN A O   1 
ATOM   341 C  CB  . ASN A 1 47 ? -4.666  -4.866  -10.992 1.00 25.70 ? 601 ASN A CB  1 
ATOM   342 C  CG  . ASN A 1 47 ? -3.834  -3.621  -11.231 1.00 38.79 ? 601 ASN A CG  1 
ATOM   343 O  OD1 . ASN A 1 47 ? -2.705  -3.516  -10.751 1.00 53.12 ? 601 ASN A OD1 1 
ATOM   344 N  ND2 . ASN A 1 47 ? -4.386  -2.668  -11.977 1.00 43.57 ? 601 ASN A ND2 1 
ATOM   345 N  N   . ARG A 1 48 ? -5.024  -5.914  -7.509  1.00 16.36 ? 602 ARG A N   1 
ATOM   346 C  CA  . ARG A 1 48 ? -5.398  -5.458  -6.173  1.00 15.94 ? 602 ARG A CA  1 
ATOM   347 C  C   . ARG A 1 48 ? -4.227  -5.661  -5.217  1.00 18.04 ? 602 ARG A C   1 
ATOM   348 O  O   . ARG A 1 48 ? -3.378  -6.524  -5.443  1.00 12.30 ? 602 ARG A O   1 
ATOM   349 C  CB  . ARG A 1 48 ? -6.632  -6.203  -5.658  1.00 15.15 ? 602 ARG A CB  1 
ATOM   350 C  CG  . ARG A 1 48 ? -7.923  -5.922  -6.421  1.00 14.75 ? 602 ARG A CG  1 
ATOM   351 C  CD  . ARG A 1 48 ? -9.076  -6.709  -5.820  1.00 16.96 ? 602 ARG A CD  1 
ATOM   352 N  NE  . ARG A 1 48 ? -10.324 -6.538  -6.557  1.00 38.02 ? 602 ARG A NE  1 
ATOM   353 C  CZ  . ARG A 1 48 ? -11.189 -5.550  -6.350  1.00 37.04 ? 602 ARG A CZ  1 
ATOM   354 N  NH1 . ARG A 1 48 ? -12.301 -5.477  -7.070  1.00 38.68 ? 602 ARG A NH1 1 
ATOM   355 N  NH2 . ARG A 1 48 ? -10.941 -4.632  -5.425  1.00 27.68 ? 602 ARG A NH2 1 
ATOM   356 N  N   . VAL A 1 49 ? -4.187  -4.879  -4.143  1.00 12.62 ? 603 VAL A N   1 
ATOM   357 C  CA  . VAL A 1 49 ? -3.103  -4.975  -3.167  1.00 14.10 ? 603 VAL A CA  1 
ATOM   358 C  C   . VAL A 1 49 ? -3.091  -6.334  -2.476  1.00 16.14 ? 603 VAL A C   1 
ATOM   359 O  O   . VAL A 1 49 ? -4.096  -6.757  -1.902  1.00 7.06  ? 603 VAL A O   1 
ATOM   360 C  CB  . VAL A 1 49 ? -3.209  -3.868  -2.098  1.00 13.28 ? 603 VAL A CB  1 
ATOM   361 C  CG1 . VAL A 1 49 ? -2.208  -4.108  -0.974  1.00 9.35  ? 603 VAL A CG1 1 
ATOM   362 C  CG2 . VAL A 1 49 ? -2.999  -2.498  -2.726  1.00 12.73 ? 603 VAL A CG2 1 
ATOM   363 N  N   . VAL A 1 50 ? -1.949  -7.014  -2.537  1.00 17.27 ? 604 VAL A N   1 
ATOM   364 C  CA  . VAL A 1 50 ? -1.792  -8.312  -1.891  1.00 13.45 ? 604 VAL A CA  1 
ATOM   365 C  C   . VAL A 1 50 ? -0.888  -8.205  -0.659  1.00 14.73 ? 604 VAL A C   1 
ATOM   366 O  O   . VAL A 1 50 ? -1.223  -8.721  0.409   1.00 14.67 ? 604 VAL A O   1 
ATOM   367 C  CB  . VAL A 1 50 ? -1.228  -9.361  -2.865  1.00 19.37 ? 604 VAL A CB  1 
ATOM   368 C  CG1 . VAL A 1 50 ? -0.959  -10.668 -2.142  1.00 16.56 ? 604 VAL A CG1 1 
ATOM   369 C  CG2 . VAL A 1 50 ? -2.200  -9.581  -4.014  1.00 19.18 ? 604 VAL A CG2 1 
ATOM   370 N  N   A TYR A 1 51 ? 0.269   -7.567  -0.810  0.70 18.92 ? 605 TYR A N   1 
ATOM   371 N  N   B TYR A 1 51 ? 0.237   -7.516  -0.816  0.30 20.03 ? 605 TYR A N   1 
ATOM   372 C  CA  A TYR A 1 51 ? 1.117   -7.267  0.344   0.70 22.70 ? 605 TYR A CA  1 
ATOM   373 C  CA  B TYR A 1 51 ? 1.139   -7.254  0.300   0.30 25.57 ? 605 TYR A CA  1 
ATOM   374 C  C   A TYR A 1 51 ? 1.363   -5.775  0.479   0.70 18.69 ? 605 TYR A C   1 
ATOM   375 C  C   B TYR A 1 51 ? 1.413   -5.767  0.463   0.30 19.22 ? 605 TYR A C   1 
ATOM   376 O  O   A TYR A 1 51 ? 1.298   -5.030  -0.498  0.70 13.74 ? 605 TYR A O   1 
ATOM   377 O  O   B TYR A 1 51 ? 1.396   -5.010  -0.507  0.30 21.04 ? 605 TYR A O   1 
ATOM   378 C  CB  A TYR A 1 51 ? 2.475   -7.972  0.267   0.70 20.84 ? 605 TYR A CB  1 
ATOM   379 C  CB  B TYR A 1 51 ? 2.461   -7.998  0.116   0.30 20.79 ? 605 TYR A CB  1 
ATOM   380 C  CG  A TYR A 1 51 ? 2.453   -9.455  -0.028  0.70 26.07 ? 605 TYR A CG  1 
ATOM   381 C  CG  B TYR A 1 51 ? 2.436   -9.408  0.646   0.30 23.61 ? 605 TYR A CG  1 
ATOM   382 C  CD1 A TYR A 1 51 ? 2.398   -10.394 0.997   0.70 30.98 ? 605 TYR A CD1 1 
ATOM   383 C  CD1 B TYR A 1 51 ? 2.362   -9.654  2.011   0.30 20.66 ? 605 TYR A CD1 1 
ATOM   384 C  CD2 A TYR A 1 51 ? 2.545   -9.919  -1.330  0.70 33.13 ? 605 TYR A CD2 1 
ATOM   385 C  CD2 B TYR A 1 51 ? 2.490   -10.494 -0.214  0.30 23.63 ? 605 TYR A CD2 1 
ATOM   386 C  CE1 A TYR A 1 51 ? 2.400   -11.754 0.721   0.70 32.60 ? 605 TYR A CE1 1 
ATOM   387 C  CE1 B TYR A 1 51 ? 2.338   -10.942 2.503   0.30 22.47 ? 605 TYR A CE1 1 
ATOM   388 C  CE2 A TYR A 1 51 ? 2.553   -11.267 -1.609  0.70 41.91 ? 605 TYR A CE2 1 
ATOM   389 C  CE2 B TYR A 1 51 ? 2.468   -11.783 0.269   0.30 28.24 ? 605 TYR A CE2 1 
ATOM   390 C  CZ  A TYR A 1 51 ? 2.479   -12.177 -0.588  0.70 24.87 ? 605 TYR A CZ  1 
ATOM   391 C  CZ  B TYR A 1 51 ? 2.391   -12.003 1.627   0.30 25.33 ? 605 TYR A CZ  1 
ATOM   392 O  OH  A TYR A 1 51 ? 2.487   -13.507 -0.901  0.70 3.86  ? 605 TYR A OH  1 
ATOM   393 O  OH  B TYR A 1 51 ? 2.367   -13.290 2.111   0.30 23.34 ? 605 TYR A OH  1 
ATOM   394 N  N   . GLN A 1 52 ? 1.674   -5.355  1.699   1.00 17.44 ? 606 GLN A N   1 
ATOM   395 C  CA  . GLN A 1 52 ? 2.042   -3.980  1.974   1.00 12.81 ? 606 GLN A CA  1 
ATOM   396 C  C   . GLN A 1 52 ? 3.131   -3.951  3.035   1.00 20.70 ? 606 GLN A C   1 
ATOM   397 O  O   . GLN A 1 52 ? 3.229   -4.853  3.869   1.00 16.99 ? 606 GLN A O   1 
ATOM   398 C  CB  . GLN A 1 52 ? 0.831   -3.167  2.432   1.00 15.68 ? 606 GLN A CB  1 
ATOM   399 C  CG  . GLN A 1 52 ? 0.335   -3.526  3.825   1.00 16.55 ? 606 GLN A CG  1 
ATOM   400 C  CD  . GLN A 1 52 ? -0.861  -2.699  4.243   1.00 15.99 ? 606 GLN A CD  1 
ATOM   401 O  OE1 . GLN A 1 52 ? -1.973  -2.917  3.764   1.00 13.07 ? 606 GLN A OE1 1 
ATOM   402 N  NE2 . GLN A 1 52 ? -0.638  -1.733  5.132   1.00 16.59 ? 606 GLN A NE2 1 
ATOM   403 N  N   . ASN A 1 53 ? 3.964   -2.921  2.980   1.00 15.33 ? 607 ASN A N   1 
ATOM   404 C  CA  . ASN A 1 53 ? 4.931   -2.665  4.032   1.00 12.87 ? 607 ASN A CA  1 
ATOM   405 C  C   . ASN A 1 53 ? 5.038   -1.161  4.241   1.00 18.70 ? 607 ASN A C   1 
ATOM   406 O  O   . ASN A 1 53 ? 5.237   -0.418  3.283   1.00 15.97 ? 607 ASN A O   1 
ATOM   407 C  CB  . ASN A 1 53 ? 6.295   -3.268  3.691   1.00 13.71 ? 607 ASN A CB  1 
ATOM   408 C  CG  . ASN A 1 53 ? 7.249   -3.253  4.870   1.00 23.34 ? 607 ASN A CG  1 
ATOM   409 O  OD1 . ASN A 1 53 ? 6.982   -3.865  5.905   1.00 21.15 ? 607 ASN A OD1 1 
ATOM   410 N  ND2 . ASN A 1 53 ? 8.370   -2.557  4.717   1.00 21.44 ? 607 ASN A ND2 1 
ATOM   411 N  N   . PRO A 1 54 ? 4.900   -0.699  5.494   1.00 21.50 ? 608 PRO A N   1 
ATOM   412 C  CA  . PRO A 1 54 ? 4.689   -1.447  6.740   1.00 16.84 ? 608 PRO A CA  1 
ATOM   413 C  C   . PRO A 1 54 ? 3.306   -2.096  6.836   1.00 15.97 ? 608 PRO A C   1 
ATOM   414 O  O   . PRO A 1 54 ? 2.404   -1.714  6.097   1.00 15.99 ? 608 PRO A O   1 
ATOM   415 C  CB  . PRO A 1 54 ? 4.845   -0.367  7.824   1.00 14.05 ? 608 PRO A CB  1 
ATOM   416 C  CG  . PRO A 1 54 ? 5.537   0.772   7.154   1.00 22.03 ? 608 PRO A CG  1 
ATOM   417 C  CD  . PRO A 1 54 ? 5.041   0.743   5.750   1.00 19.17 ? 608 PRO A CD  1 
ATOM   418 N  N   . PRO A 1 55 ? 3.143   -3.075  7.738   1.00 23.16 ? 609 PRO A N   1 
ATOM   419 C  CA  . PRO A 1 55 ? 1.820   -3.677  7.938   1.00 21.96 ? 609 PRO A CA  1 
ATOM   420 C  C   . PRO A 1 55 ? 0.842   -2.691  8.565   1.00 18.90 ? 609 PRO A C   1 
ATOM   421 O  O   . PRO A 1 55 ? 1.272   -1.687  9.131   1.00 21.37 ? 609 PRO A O   1 
ATOM   422 C  CB  . PRO A 1 55 ? 2.105   -4.848  8.885   1.00 27.51 ? 609 PRO A CB  1 
ATOM   423 C  CG  . PRO A 1 55 ? 3.366   -4.470  9.586   1.00 22.57 ? 609 PRO A CG  1 
ATOM   424 C  CD  . PRO A 1 55 ? 4.173   -3.716  8.575   1.00 20.63 ? 609 PRO A CD  1 
ATOM   425 N  N   . ALA A 1 56 ? -0.452  -2.975  8.458   1.00 23.19 ? 610 ALA A N   1 
ATOM   426 C  CA  . ALA A 1 56 ? -1.468  -2.123  9.065   1.00 14.96 ? 610 ALA A CA  1 
ATOM   427 C  C   . ALA A 1 56 ? -1.250  -2.018  10.572  1.00 22.69 ? 610 ALA A C   1 
ATOM   428 O  O   . ALA A 1 56 ? -0.844  -2.984  11.215  1.00 17.86 ? 610 ALA A O   1 
ATOM   429 C  CB  . ALA A 1 56 ? -2.857  -2.658  8.767   1.00 16.39 ? 610 ALA A CB  1 
ATOM   430 N  N   . GLY A 1 57 ? -1.504  -0.837  11.124  1.00 17.51 ? 611 GLY A N   1 
ATOM   431 C  CA  . GLY A 1 57 ? -1.332  -0.610  12.546  1.00 20.72 ? 611 GLY A CA  1 
ATOM   432 C  C   . GLY A 1 57 ? 0.056   -0.113  12.906  1.00 26.46 ? 611 GLY A C   1 
ATOM   433 O  O   . GLY A 1 57 ? 0.302   0.304   14.037  1.00 33.10 ? 611 GLY A O   1 
ATOM   434 N  N   . THR A 1 58 ? 0.968   -0.156  11.942  1.00 24.41 ? 612 THR A N   1 
ATOM   435 C  CA  . THR A 1 58 ? 2.334   0.304   12.165  1.00 23.41 ? 612 THR A CA  1 
ATOM   436 C  C   . THR A 1 58 ? 2.438   1.805   11.909  1.00 30.18 ? 612 THR A C   1 
ATOM   437 O  O   . THR A 1 58 ? 1.869   2.320   10.946  1.00 28.24 ? 612 THR A O   1 
ATOM   438 C  CB  . THR A 1 58 ? 3.339   -0.440  11.261  1.00 18.47 ? 612 THR A CB  1 
ATOM   439 O  OG1 . THR A 1 58 ? 3.318   -1.839  11.569  1.00 40.95 ? 612 THR A OG1 1 
ATOM   440 C  CG2 . THR A 1 58 ? 4.748   0.094   11.460  1.00 27.41 ? 612 THR A CG2 1 
ATOM   441 N  N   . GLY A 1 59 ? 3.151   2.505   12.786  1.00 23.29 ? 613 GLY A N   1 
ATOM   442 C  CA  . GLY A 1 59 ? 3.400   3.922   12.611  1.00 29.57 ? 613 GLY A CA  1 
ATOM   443 C  C   . GLY A 1 59 ? 4.481   4.151   11.573  1.00 33.86 ? 613 GLY A C   1 
ATOM   444 O  O   . GLY A 1 59 ? 5.639   3.787   11.777  1.00 39.55 ? 613 GLY A O   1 
ATOM   445 N  N   . VAL A 1 60 ? 4.099   4.746   10.449  1.00 33.56 ? 614 VAL A N   1 
ATOM   446 C  CA  . VAL A 1 60 ? 5.045   5.025   9.377   1.00 35.25 ? 614 VAL A CA  1 
ATOM   447 C  C   . VAL A 1 60 ? 5.277   6.531   9.267   1.00 35.10 ? 614 VAL A C   1 
ATOM   448 O  O   . VAL A 1 60 ? 4.414   7.327   9.633   1.00 31.31 ? 614 VAL A O   1 
ATOM   449 C  CB  . VAL A 1 60 ? 4.548   4.450   8.026   1.00 35.08 ? 614 VAL A CB  1 
ATOM   450 C  CG1 . VAL A 1 60 ? 3.387   5.257   7.505   1.00 31.77 ? 614 VAL A CG1 1 
ATOM   451 C  CG2 . VAL A 1 60 ? 5.675   4.417   6.994   1.00 37.36 ? 614 VAL A CG2 1 
ATOM   452 N  N   . ASN A 1 61 ? 6.453   6.920   8.782   1.00 33.89 ? 615 ASN A N   1 
ATOM   453 C  CA  . ASN A 1 61 ? 6.794   8.331   8.648   1.00 28.37 ? 615 ASN A CA  1 
ATOM   454 C  C   . ASN A 1 61 ? 6.144   8.944   7.419   1.00 32.32 ? 615 ASN A C   1 
ATOM   455 O  O   . ASN A 1 61 ? 5.841   8.245   6.452   1.00 29.94 ? 615 ASN A O   1 
ATOM   456 C  CB  . ASN A 1 61 ? 8.309   8.508   8.590   1.00 36.98 ? 615 ASN A CB  1 
ATOM   457 C  CG  . ASN A 1 61 ? 8.990   7.971   9.826   1.00 40.29 ? 615 ASN A CG  1 
ATOM   458 O  OD1 . ASN A 1 61 ? 8.343   7.770   10.854  1.00 43.37 ? 615 ASN A OD1 1 
ATOM   459 N  ND2 . ASN A 1 61 ? 10.297  7.747   9.744   1.00 48.44 ? 615 ASN A ND2 1 
ATOM   460 N  N   . ARG A 1 62 ? 5.940   10.257  7.463   1.00 29.03 ? 616 ARG A N   1 
ATOM   461 C  CA  . ARG A 1 62 ? 5.251   10.967  6.392   1.00 30.04 ? 616 ARG A CA  1 
ATOM   462 C  C   . ARG A 1 62 ? 5.967   10.819  5.055   1.00 27.27 ? 616 ARG A C   1 
ATOM   463 O  O   . ARG A 1 62 ? 5.320   10.753  4.005   1.00 23.99 ? 616 ARG A O   1 
ATOM   464 C  CB  . ARG A 1 62 ? 5.099   12.449  6.749   1.00 26.21 ? 616 ARG A CB  1 
ATOM   465 C  CG  . ARG A 1 62 ? 3.782   13.055  6.303   1.00 38.82 ? 616 ARG A CG  1 
ATOM   466 C  CD  . ARG A 1 62 ? 3.434   14.319  7.075   1.00 35.87 ? 616 ARG A CD  1 
ATOM   467 N  NE  . ARG A 1 62 ? 3.927   15.525  6.411   1.00 43.38 ? 616 ARG A NE  1 
ATOM   468 C  CZ  . ARG A 1 62 ? 3.339   16.101  5.367   1.00 40.61 ? 616 ARG A CZ  1 
ATOM   469 N  NH1 . ARG A 1 62 ? 3.858   17.198  4.831   1.00 49.52 ? 616 ARG A NH1 1 
ATOM   470 N  NH2 . ARG A 1 62 ? 2.236   15.579  4.849   1.00 31.79 ? 616 ARG A NH2 1 
ATOM   471 N  N   . ASP A 1 63 ? 7.297   10.754  5.101   1.00 21.78 ? 617 ASP A N   1 
ATOM   472 C  CA  . ASP A 1 63 ? 8.086   10.561  3.892   1.00 33.54 ? 617 ASP A CA  1 
ATOM   473 C  C   . ASP A 1 63 ? 8.809   9.220   3.896   1.00 33.58 ? 617 ASP A C   1 
ATOM   474 O  O   . ASP A 1 63 ? 9.742   9.005   3.122   1.00 35.78 ? 617 ASP A O   1 
ATOM   475 C  CB  . ASP A 1 63 ? 9.093   11.697  3.716   1.00 35.52 ? 617 ASP A CB  1 
ATOM   476 C  CG  . ASP A 1 63 ? 10.029  11.831  4.916   1.00 52.27 ? 617 ASP A CG  1 
ATOM   477 O  OD1 . ASP A 1 63 ? 9.648   12.491  5.906   1.00 54.89 ? 617 ASP A OD1 1 
ATOM   478 O  OD2 . ASP A 1 63 ? 11.137  11.254  4.893   1.00 59.70 ? 617 ASP A OD2 1 
ATOM   479 N  N   . GLY A 1 64 ? 8.314   8.292   4.710   1.00 29.76 ? 618 GLY A N   1 
ATOM   480 C  CA  . GLY A 1 64 ? 8.866   6.950   4.748   1.00 21.90 ? 618 GLY A CA  1 
ATOM   481 C  C   . GLY A 1 64 ? 8.505   6.158   3.505   1.00 24.03 ? 618 GLY A C   1 
ATOM   482 O  O   . GLY A 1 64 ? 7.570   6.508   2.791   1.00 24.45 ? 618 GLY A O   1 
ATOM   483 N  N   . ILE A 1 65 ? 9.252   5.091   3.245   1.00 19.33 ? 619 ILE A N   1 
ATOM   484 C  CA  . ILE A 1 65 ? 9.015   4.257   2.070   1.00 25.72 ? 619 ILE A CA  1 
ATOM   485 C  C   . ILE A 1 65 ? 7.897   3.247   2.311   1.00 13.53 ? 619 ILE A C   1 
ATOM   486 O  O   . ILE A 1 65 ? 7.907   2.524   3.309   1.00 22.62 ? 619 ILE A O   1 
ATOM   487 C  CB  . ILE A 1 65 ? 10.290  3.501   1.652   1.00 18.08 ? 619 ILE A CB  1 
ATOM   488 C  CG1 . ILE A 1 65 ? 11.387  4.489   1.253   1.00 19.81 ? 619 ILE A CG1 1 
ATOM   489 C  CG2 . ILE A 1 65 ? 9.996   2.543   0.510   1.00 17.63 ? 619 ILE A CG2 1 
ATOM   490 C  CD1 . ILE A 1 65 ? 12.711  3.828   0.916   1.00 18.98 ? 619 ILE A CD1 1 
ATOM   491 N  N   . ILE A 1 66 ? 6.929   3.211   1.401   1.00 19.64 ? 620 ILE A N   1 
ATOM   492 C  CA  . ILE A 1 66 ? 5.870   2.210   1.458   1.00 23.64 ? 620 ILE A CA  1 
ATOM   493 C  C   . ILE A 1 66 ? 5.991   1.247   0.280   1.00 21.78 ? 620 ILE A C   1 
ATOM   494 O  O   . ILE A 1 66 ? 6.165   1.668   -0.864  1.00 15.77 ? 620 ILE A O   1 
ATOM   495 C  CB  . ILE A 1 66 ? 4.471   2.859   1.466   1.00 21.67 ? 620 ILE A CB  1 
ATOM   496 C  CG1 . ILE A 1 66 ? 4.246   3.602   2.784   1.00 17.63 ? 620 ILE A CG1 1 
ATOM   497 C  CG2 . ILE A 1 66 ? 3.384   1.807   1.264   1.00 15.61 ? 620 ILE A CG2 1 
ATOM   498 C  CD1 . ILE A 1 66 ? 2.916   4.324   2.861   1.00 20.40 ? 620 ILE A CD1 1 
ATOM   499 N  N   . THR A 1 67 ? 5.916   -0.048  0.573   1.00 10.40 ? 621 THR A N   1 
ATOM   500 C  CA  . THR A 1 67 ? 6.029   -1.076  -0.454  1.00 12.31 ? 621 THR A CA  1 
ATOM   501 C  C   . THR A 1 67 ? 4.684   -1.745  -0.707  1.00 15.09 ? 621 THR A C   1 
ATOM   502 O  O   . THR A 1 67 ? 3.986   -2.120  0.234   1.00 18.76 ? 621 THR A O   1 
ATOM   503 C  CB  . THR A 1 67 ? 7.062   -2.151  -0.062  1.00 17.06 ? 621 THR A CB  1 
ATOM   504 O  OG1 . THR A 1 67 ? 8.307   -1.522  0.269   1.00 20.95 ? 621 THR A OG1 1 
ATOM   505 C  CG2 . THR A 1 67 ? 7.278   -3.132  -1.204  1.00 16.58 ? 621 THR A CG2 1 
ATOM   506 N  N   . LEU A 1 68 ? 4.316   -1.887  -1.978  1.00 20.65 ? 622 LEU A N   1 
ATOM   507 C  CA  . LEU A 1 68 ? 3.092   -2.591  -2.335  1.00 15.36 ? 622 LEU A CA  1 
ATOM   508 C  C   . LEU A 1 68 ? 3.354   -3.695  -3.350  1.00 17.25 ? 622 LEU A C   1 
ATOM   509 O  O   . LEU A 1 68 ? 4.113   -3.514  -4.302  1.00 11.75 ? 622 LEU A O   1 
ATOM   510 C  CB  . LEU A 1 68 ? 2.046   -1.624  -2.894  1.00 8.85  ? 622 LEU A CB  1 
ATOM   511 C  CG  . LEU A 1 68 ? 1.520   -0.528  -1.971  1.00 19.53 ? 622 LEU A CG  1 
ATOM   512 C  CD1 . LEU A 1 68 ? 0.448   0.268   -2.685  1.00 12.04 ? 622 LEU A CD1 1 
ATOM   513 C  CD2 . LEU A 1 68 ? 0.979   -1.117  -0.681  1.00 16.05 ? 622 LEU A CD2 1 
ATOM   514 N  N   . ARG A 1 69 ? 2.724   -4.843  -3.133  1.00 18.52 ? 623 ARG A N   1 
ATOM   515 C  CA  . ARG A 1 69 ? 2.740   -5.920  -4.114  1.00 11.81 ? 623 ARG A CA  1 
ATOM   516 C  C   . ARG A 1 69 ? 1.313   -6.203  -4.557  1.00 16.36 ? 623 ARG A C   1 
ATOM   517 O  O   . ARG A 1 69 ? 0.446   -6.511  -3.736  1.00 14.32 ? 623 ARG A O   1 
ATOM   518 C  CB  . ARG A 1 69 ? 3.388   -7.180  -3.540  1.00 14.63 ? 623 ARG A CB  1 
ATOM   519 C  CG  . ARG A 1 69 ? 4.811   -6.973  -3.042  1.00 11.83 ? 623 ARG A CG  1 
ATOM   520 C  CD  . ARG A 1 69 ? 5.440   -8.298  -2.646  1.00 20.17 ? 623 ARG A CD  1 
ATOM   521 N  NE  . ARG A 1 69 ? 5.566   -9.191  -3.795  1.00 16.08 ? 623 ARG A NE  1 
ATOM   522 C  CZ  . ARG A 1 69 ? 5.788   -10.498 -3.707  1.00 21.07 ? 623 ARG A CZ  1 
ATOM   523 N  NH1 . ARG A 1 69 ? 5.905   -11.076 -2.519  1.00 20.22 ? 623 ARG A NH1 1 
ATOM   524 N  NH2 . ARG A 1 69 ? 5.889   -11.227 -4.811  1.00 17.25 ? 623 ARG A NH2 1 
ATOM   525 N  N   . PHE A 1 70 ? 1.072   -6.087  -5.856  1.00 12.11 ? 624 PHE A N   1 
ATOM   526 C  CA  . PHE A 1 70 ? -0.272  -6.237  -6.397  1.00 5.73  ? 624 PHE A CA  1 
ATOM   527 C  C   . PHE A 1 70 ? -0.514  -7.623  -6.972  1.00 20.49 ? 624 PHE A C   1 
ATOM   528 O  O   . PHE A 1 70 ? 0.425   -8.324  -7.343  1.00 15.41 ? 624 PHE A O   1 
ATOM   529 C  CB  . PHE A 1 70 ? -0.532  -5.185  -7.476  1.00 14.61 ? 624 PHE A CB  1 
ATOM   530 C  CG  . PHE A 1 70 ? -0.534  -3.779  -6.959  1.00 15.84 ? 624 PHE A CG  1 
ATOM   531 C  CD1 . PHE A 1 70 ? -1.693  -3.215  -6.458  1.00 10.71 ? 624 PHE A CD1 1 
ATOM   532 C  CD2 . PHE A 1 70 ? 0.625   -3.021  -6.969  1.00 23.73 ? 624 PHE A CD2 1 
ATOM   533 C  CE1 . PHE A 1 70 ? -1.697  -1.923  -5.978  1.00 16.87 ? 624 PHE A CE1 1 
ATOM   534 C  CE2 . PHE A 1 70 ? 0.624   -1.726  -6.488  1.00 23.26 ? 624 PHE A CE2 1 
ATOM   535 C  CZ  . PHE A 1 70 ? -0.538  -1.179  -5.991  1.00 14.08 ? 624 PHE A CZ  1 
ATOM   536 N  N   . GLY A 1 71 ? -1.783  -8.008  -7.044  1.00 11.98 ? 625 GLY A N   1 
ATOM   537 C  CA  . GLY A 1 71 ? -2.164  -9.258  -7.666  1.00 11.23 ? 625 GLY A CA  1 
ATOM   538 C  C   . GLY A 1 71 ? -1.826  -9.246  -9.141  1.00 13.72 ? 625 GLY A C   1 
ATOM   539 O  O   . GLY A 1 71 ? -2.168  -8.307  -9.862  1.00 17.36 ? 625 GLY A O   1 
ATOM   540 N  N   . GLN A 1 72 ? -1.143  -10.296 -9.582  1.00 12.17 ? 626 GLN A N   1 
ATOM   541 C  CA  . GLN A 1 72 ? -0.727  -10.436 -10.971 1.00 16.92 ? 626 GLN A CA  1 
ATOM   542 C  C   . GLN A 1 72 ? -1.918  -10.395 -11.926 1.00 21.53 ? 626 GLN A C   1 
ATOM   543 O  O   . GLN A 1 72 ? -1.867  -9.779  -12.989 1.00 16.58 ? 626 GLN A O   1 
ATOM   544 C  CB  . GLN A 1 72 ? 0.044   -11.742 -11.146 1.00 20.65 ? 626 GLN A CB  1 
ATOM   545 C  CG  . GLN A 1 72 ? 0.576   -11.988 -12.538 1.00 22.18 ? 626 GLN A CG  1 
ATOM   546 C  CD  . GLN A 1 72 ? 1.266   -13.333 -12.651 1.00 29.43 ? 626 GLN A CD  1 
ATOM   547 O  OE1 . GLN A 1 72 ? 2.295   -13.571 -12.019 1.00 36.74 ? 626 GLN A OE1 1 
ATOM   548 N  NE2 . GLN A 1 72 ? 0.692   -14.227 -13.449 1.00 30.63 ? 626 GLN A NE2 1 
ATOM   549 O  OXT . GLN A 1 72 ? -2.966  -10.974 -11.645 1.00 13.00 ? 626 GLN A OXT 1 
HETATM 550 ZN ZN  . ZN  B 2 .  ? -4.058  -11.039 -13.533 0.50 27.35 ? 701 ZN  A ZN  1 
HETATM 551 ZN ZN  . ZN  C 2 .  ? 1.967   8.702   -7.333  0.50 39.91 ? 702 ZN  A ZN  1 
HETATM 552 ZN ZN  . ZN  D 2 .  ? -11.731 4.849   -7.529  0.61 46.86 ? 703 ZN  A ZN  1 
HETATM 553 ZN ZN  . ZN  E 2 .  ? -2.472  -17.472 -11.732 0.44 35.12 ? 704 ZN  A ZN  1 
HETATM 554 ZN ZN  A ZN  F 2 .  ? -7.615  -4.186  -13.415 0.49 14.83 ? 705 ZN  A ZN  1 
HETATM 555 ZN ZN  B ZN  F 2 .  ? -4.508  -3.839  -18.904 0.51 14.83 ? 705 ZN  A ZN  1 
HETATM 556 ZN ZN  . ZN  G 2 .  ? -9.030  -17.142 -12.437 0.68 37.76 ? 706 ZN  A ZN  1 
HETATM 557 ZN ZN  . ZN  H 2 .  ? 2.277   -4.617  -11.987 0.53 60.15 ? 707 ZN  A ZN  1 
HETATM 558 ZN ZN  . ZN  I 2 .  ? -0.524  -5.917  -11.939 0.49 53.81 ? 708 ZN  A ZN  1 
HETATM 559 O  O   . HOH J 3 .  ? -8.848  -14.850 -6.678  1.00 30.58 ? 801 HOH A O   1 
HETATM 560 O  O   . HOH J 3 .  ? 0.876   12.753  13.477  1.00 28.38 ? 802 HOH A O   1 
HETATM 561 O  O   . HOH J 3 .  ? 10.640  -2.100  -0.311  1.00 16.26 ? 803 HOH A O   1 
HETATM 562 O  O   . HOH J 3 .  ? 3.095   -5.658  -7.732  1.00 14.68 ? 804 HOH A O   1 
HETATM 563 O  O   . HOH J 3 .  ? -8.498  -2.922  2.555   1.00 29.04 ? 805 HOH A O   1 
HETATM 564 O  O   . HOH J 3 .  ? -2.744  7.477   12.158  1.00 35.43 ? 806 HOH A O   1 
HETATM 565 O  O   . HOH J 3 .  ? 6.655   7.415   -4.738  1.00 36.37 ? 807 HOH A O   1 
HETATM 566 O  O   . HOH J 3 .  ? -4.431  5.869   9.460   1.00 33.66 ? 808 HOH A O   1 
HETATM 567 O  O   . HOH J 3 .  ? 8.736   2.812   5.765   1.00 40.91 ? 809 HOH A O   1 
HETATM 568 O  O   . HOH J 3 .  ? 1.121   -5.770  -13.259 1.00 43.07 ? 810 HOH A O   1 
HETATM 569 O  O   . HOH J 3 .  ? -3.553  -1.267  -9.110  1.00 28.63 ? 811 HOH A O   1 
HETATM 570 O  O   . HOH J 3 .  ? -3.331  -8.835  3.352   1.00 38.22 ? 812 HOH A O   1 
HETATM 571 O  O   . HOH J 3 .  ? -5.951  -8.960  -1.276  1.00 35.89 ? 813 HOH A O   1 
HETATM 572 O  O   . HOH J 3 .  ? -10.128 -0.044  -4.407  1.00 30.88 ? 814 HOH A O   1 
HETATM 573 O  O   . HOH J 3 .  ? -1.975  -5.598  2.652   1.00 23.42 ? 815 HOH A O   1 
HETATM 574 O  O   . HOH J 3 .  ? 0.185   13.690  0.303   1.00 37.63 ? 816 HOH A O   1 
HETATM 575 O  O   . HOH J 3 .  ? -9.316  -7.839  -9.908  1.00 33.20 ? 817 HOH A O   1 
HETATM 576 O  O   . HOH J 3 .  ? 8.511   -0.314  2.720   1.00 20.82 ? 818 HOH A O   1 
HETATM 577 O  O   . HOH J 3 .  ? -3.772  -12.036 -9.053  1.00 16.33 ? 819 HOH A O   1 
HETATM 578 O  O   . HOH J 3 .  ? -9.081  -17.009 -9.578  1.00 24.65 ? 820 HOH A O   1 
HETATM 579 O  O   . HOH J 3 .  ? 10.480  8.011   0.604   1.00 31.79 ? 821 HOH A O   1 
HETATM 580 O  O   . HOH J 3 .  ? -9.008  6.050   -2.226  1.00 27.93 ? 822 HOH A O   1 
HETATM 581 O  O   . HOH J 3 .  ? -10.902 -9.370  -11.420 1.00 44.51 ? 823 HOH A O   1 
HETATM 582 O  O   . HOH J 3 .  ? 8.737   0.869   -7.776  1.00 28.94 ? 824 HOH A O   1 
HETATM 583 O  O   . HOH J 3 .  ? 4.106   -9.371  -13.295 1.00 38.86 ? 825 HOH A O   1 
HETATM 584 O  O   . HOH J 3 .  ? -11.086 -12.643 -3.423  1.00 29.79 ? 826 HOH A O   1 
HETATM 585 O  O   . HOH J 3 .  ? 8.598   5.040   8.287   1.00 36.83 ? 827 HOH A O   1 
HETATM 586 O  O   . HOH J 3 .  ? -4.666  0.240   10.764  1.00 32.09 ? 828 HOH A O   1 
HETATM 587 O  O   . HOH J 3 .  ? -7.258  0.159   8.162   1.00 27.59 ? 829 HOH A O   1 
HETATM 588 O  O   . HOH J 3 .  ? 11.520  4.685   5.122   1.00 30.38 ? 830 HOH A O   1 
HETATM 589 O  O   . HOH J 3 .  ? 0.357   -7.003  3.796   1.00 18.47 ? 831 HOH A O   1 
HETATM 590 O  O   . HOH J 3 .  ? 1.440   -16.727 -5.319  0.50 24.44 ? 832 HOH A O   1 
HETATM 591 O  O   . HOH J 3 .  ? -0.868  -5.382  6.694   1.00 31.62 ? 833 HOH A O   1 
HETATM 592 O  O   . HOH J 3 .  ? -9.368  -0.519  5.289   1.00 33.69 ? 834 HOH A O   1 
HETATM 593 O  O   . HOH J 3 .  ? -1.134  -6.024  10.855  1.00 42.60 ? 835 HOH A O   1 
HETATM 594 O  O   . HOH J 3 .  ? 5.330   -13.568 1.061   1.00 39.44 ? 836 HOH A O   1 
HETATM 595 O  O   . HOH J 3 .  ? 3.563   9.862   -6.718  1.00 40.57 ? 837 HOH A O   1 
HETATM 596 O  O   . HOH J 3 .  ? 4.944   1.366   15.138  1.00 34.20 ? 838 HOH A O   1 
HETATM 597 O  O   . HOH J 3 .  ? 3.503   -15.274 -7.135  1.00 38.39 ? 839 HOH A O   1 
HETATM 598 O  O   . HOH J 3 .  ? 1.483   -6.607  5.871   1.00 32.99 ? 840 HOH A O   1 
HETATM 599 O  O   . HOH J 3 .  ? 4.352   7.411   -6.563  1.00 23.78 ? 841 HOH A O   1 
HETATM 600 O  O   . HOH J 3 .  ? -4.590  0.656   -10.556 1.00 40.97 ? 842 HOH A O   1 
HETATM 601 O  O   . HOH J 3 .  ? 2.351   5.696   -9.236  1.00 29.06 ? 843 HOH A O   1 
HETATM 602 O  O   . HOH J 3 .  ? -1.716  -16.383 -13.932 1.00 29.23 ? 844 HOH A O   1 
HETATM 603 O  O   . HOH J 3 .  ? 10.869  -2.814  6.887   1.00 36.44 ? 845 HOH A O   1 
HETATM 604 O  O   . HOH J 3 .  ? -10.404 -0.951  2.665   1.00 31.73 ? 846 HOH A O   1 
HETATM 605 O  O   . HOH J 3 .  ? 11.002  0.630   -6.805  1.00 35.98 ? 847 HOH A O   1 
HETATM 606 O  O   . HOH J 3 .  ? 11.120  -0.925  2.555   1.00 35.05 ? 848 HOH A O   1 
HETATM 607 O  O   . HOH J 3 .  ? -2.356  1.523   -11.666 1.00 38.25 ? 849 HOH A O   1 
HETATM 608 O  O   . HOH J 3 .  ? -9.966  5.642   0.270   1.00 26.23 ? 850 HOH A O   1 
# 
